data_9H6P
#
_entry.id   9H6P
#
_cell.length_a   53.886
_cell.length_b   85.392
_cell.length_c   106.742
_cell.angle_alpha   89.955
_cell.angle_beta   89.998
_cell.angle_gamma   78.77
#
_symmetry.space_group_name_H-M   'P 1'
#
loop_
_entity.id
_entity.type
_entity.pdbx_description
1 polymer 'Uridine diphosphate glucose pyrophosphatase NUDT14'
2 non-polymer 3-(1H-indol-6-yl)-1-(1-methylpiperidin-4-yl)pyrazolo[3,4-d]pyrimidin-4-amine
3 water water
#
_entity_poly.entity_id   1
_entity_poly.type   'polypeptide(L)'
_entity_poly.pdbx_seq_one_letter_code
;MERIEGASVGRCAASPYLRPLTLHYRQNGAQKSWDFMKTHDSVTVLLFNSSRRSLVLVKQFRPAVYAGEVERRFPGSLAA
VDQDGPRELQPALPGSAGVTVELCAGLVDQPGLSLEEVACKEAWEECGYHLAPSDLRRVATYWSGVGLTGSRQTMFYTEV
TDAQRSGPGGGLVEEGELIEVVHLPLEGAQAFADDPDIPKTLGVIFGVSWFLSQVAPNLDLQ
;
_entity_poly.pdbx_strand_id   A,B,C,D,E,F,G,H
#
loop_
_chem_comp.id
_chem_comp.type
_chem_comp.name
_chem_comp.formula
A1ISQ non-polymer 3-(1H-indol-6-yl)-1-(1-methylpiperidin-4-yl)pyrazolo[3,4-d]pyrimidin-4-amine 'C19 H21 N7'
#
# COMPACT_ATOMS: atom_id res chain seq x y z
N MET A 1 -13.10 -23.00 -48.22
CA MET A 1 -11.88 -22.77 -47.41
C MET A 1 -11.68 -23.93 -46.43
N GLU A 2 -12.76 -24.31 -45.73
CA GLU A 2 -12.66 -25.08 -44.51
C GLU A 2 -12.46 -26.56 -44.83
N ARG A 3 -11.88 -26.85 -46.00
CA ARG A 3 -11.73 -28.20 -46.50
C ARG A 3 -10.25 -28.59 -46.51
N ILE A 4 -9.87 -29.40 -45.53
CA ILE A 4 -8.50 -29.88 -45.38
C ILE A 4 -8.52 -31.41 -45.44
N GLU A 5 -7.68 -31.96 -46.33
CA GLU A 5 -7.54 -33.40 -46.42
C GLU A 5 -6.10 -33.77 -46.13
N GLY A 6 -5.91 -35.04 -45.78
CA GLY A 6 -4.61 -35.68 -45.76
C GLY A 6 -3.59 -34.91 -44.92
N ALA A 7 -3.99 -34.54 -43.70
CA ALA A 7 -3.08 -33.87 -42.79
C ALA A 7 -2.00 -34.87 -42.34
N SER A 8 -0.73 -34.45 -42.45
CA SER A 8 0.41 -35.26 -42.04
C SER A 8 1.49 -34.35 -41.48
N VAL A 9 2.06 -34.76 -40.35
CA VAL A 9 3.09 -33.99 -39.66
C VAL A 9 4.45 -34.55 -40.05
N GLY A 10 5.40 -33.65 -40.37
CA GLY A 10 6.77 -34.01 -40.68
C GLY A 10 7.76 -33.13 -39.92
N ARG A 11 8.97 -33.68 -39.70
CA ARG A 11 10.00 -33.01 -38.93
C ARG A 11 10.63 -31.90 -39.75
N CYS A 12 10.71 -30.70 -39.18
CA CYS A 12 11.23 -29.52 -39.87
C CYS A 12 12.72 -29.35 -39.56
N ALA A 13 13.54 -29.19 -40.60
CA ALA A 13 14.98 -29.10 -40.46
C ALA A 13 15.41 -27.65 -40.64
N ALA A 14 15.16 -27.10 -41.84
CA ALA A 14 15.39 -25.68 -42.11
C ALA A 14 14.06 -24.98 -42.32
N SER A 15 14.02 -23.69 -41.96
CA SER A 15 12.87 -22.85 -42.21
C SER A 15 13.27 -21.39 -42.03
N PRO A 16 12.69 -20.46 -42.82
CA PRO A 16 12.99 -19.03 -42.66
C PRO A 16 12.44 -18.41 -41.38
N TYR A 17 11.27 -18.89 -40.96
CA TYR A 17 10.51 -18.38 -39.83
C TYR A 17 11.05 -18.93 -38.51
N LEU A 18 11.62 -20.14 -38.59
CA LEU A 18 12.02 -20.94 -37.43
C LEU A 18 13.29 -20.41 -36.78
N ARG A 19 14.46 -20.91 -37.20
CA ARG A 19 15.76 -20.42 -36.78
C ARG A 19 15.85 -20.34 -35.25
N PRO A 20 15.75 -21.47 -34.52
CA PRO A 20 15.92 -21.48 -33.07
C PRO A 20 17.36 -21.28 -32.62
N LEU A 21 17.54 -20.67 -31.44
CA LEU A 21 18.86 -20.33 -30.92
C LEU A 21 18.88 -20.54 -29.40
N THR A 22 20.10 -20.54 -28.83
CA THR A 22 20.29 -20.65 -27.39
C THR A 22 21.13 -19.47 -26.93
N LEU A 23 20.63 -18.73 -25.93
CA LEU A 23 21.31 -17.56 -25.39
C LEU A 23 21.96 -17.89 -24.05
N HIS A 24 23.29 -17.81 -24.02
CA HIS A 24 24.09 -18.09 -22.83
C HIS A 24 24.45 -16.77 -22.18
N TYR A 25 24.28 -16.70 -20.85
CA TYR A 25 24.43 -15.46 -20.12
C TYR A 25 24.64 -15.77 -18.64
N ARG A 26 25.34 -14.85 -17.96
CA ARG A 26 25.48 -14.94 -16.51
C ARG A 26 24.54 -13.93 -15.88
N GLN A 27 23.47 -14.45 -15.26
CA GLN A 27 22.53 -13.62 -14.51
C GLN A 27 22.91 -13.66 -13.03
N ASN A 28 23.16 -12.46 -12.46
CA ASN A 28 23.31 -12.29 -11.03
C ASN A 28 24.46 -13.18 -10.56
N GLY A 29 25.37 -13.49 -11.50
CA GLY A 29 26.51 -14.37 -11.25
C GLY A 29 26.37 -15.71 -11.96
N ALA A 30 25.15 -16.28 -11.91
CA ALA A 30 24.87 -17.65 -12.33
C ALA A 30 24.76 -17.75 -13.85
N GLN A 31 25.55 -18.67 -14.42
CA GLN A 31 25.57 -18.94 -15.86
C GLN A 31 24.36 -19.79 -16.23
N LYS A 32 23.57 -19.29 -17.19
CA LYS A 32 22.39 -19.98 -17.67
C LYS A 32 22.33 -19.89 -19.19
N SER A 33 21.38 -20.62 -19.78
CA SER A 33 21.09 -20.53 -21.20
C SER A 33 19.61 -20.78 -21.43
N TRP A 34 19.09 -20.16 -22.50
CA TRP A 34 17.67 -20.23 -22.80
C TRP A 34 17.46 -20.57 -24.27
N ASP A 35 16.37 -21.31 -24.52
CA ASP A 35 16.02 -21.75 -25.85
C ASP A 35 14.85 -20.90 -26.34
N PHE A 36 15.02 -20.32 -27.54
CA PHE A 36 14.10 -19.37 -28.14
C PHE A 36 14.33 -19.37 -29.64
N MET A 37 13.55 -18.56 -30.38
CA MET A 37 13.72 -18.54 -31.82
C MET A 37 13.72 -17.11 -32.34
N LYS A 38 14.64 -16.82 -33.26
CA LYS A 38 14.56 -15.67 -34.13
C LYS A 38 13.25 -15.79 -34.91
N THR A 39 12.30 -14.92 -34.57
CA THR A 39 11.01 -14.87 -35.23
C THR A 39 10.71 -13.42 -35.57
N HIS A 40 9.75 -13.27 -36.49
CA HIS A 40 9.55 -12.00 -37.16
C HIS A 40 8.57 -11.17 -36.33
N ASP A 41 8.79 -9.85 -36.36
CA ASP A 41 7.82 -8.90 -35.88
C ASP A 41 6.59 -8.97 -36.78
N SER A 42 5.56 -8.20 -36.41
CA SER A 42 4.28 -8.28 -37.07
C SER A 42 3.48 -7.01 -36.80
N VAL A 43 2.47 -6.77 -37.65
CA VAL A 43 1.54 -5.66 -37.47
C VAL A 43 0.11 -6.13 -37.67
N THR A 44 -0.81 -5.52 -36.92
CA THR A 44 -2.23 -5.84 -36.95
C THR A 44 -3.02 -4.55 -37.12
N VAL A 45 -4.21 -4.69 -37.71
CA VAL A 45 -5.02 -3.56 -38.10
C VAL A 45 -6.48 -3.84 -37.75
N LEU A 46 -7.11 -2.84 -37.15
CA LEU A 46 -8.55 -2.91 -36.98
C LEU A 46 -9.19 -1.92 -37.94
N LEU A 47 -10.15 -2.42 -38.71
CA LEU A 47 -10.89 -1.58 -39.63
C LEU A 47 -12.30 -1.38 -39.06
N PHE A 48 -12.75 -0.13 -39.11
CA PHE A 48 -14.13 0.17 -38.81
C PHE A 48 -14.81 0.79 -40.03
N ASN A 49 -15.64 -0.02 -40.71
CA ASN A 49 -16.43 0.45 -41.83
C ASN A 49 -17.59 1.29 -41.28
N SER A 50 -17.45 2.62 -41.36
CA SER A 50 -18.43 3.54 -40.82
C SER A 50 -19.75 3.43 -41.58
N SER A 51 -19.66 3.09 -42.88
CA SER A 51 -20.80 3.03 -43.77
C SER A 51 -21.71 1.85 -43.43
N ARG A 52 -21.13 0.80 -42.83
CA ARG A 52 -21.87 -0.41 -42.51
C ARG A 52 -21.98 -0.58 -40.99
N ARG A 53 -21.23 0.23 -40.25
CA ARG A 53 -21.18 0.18 -38.79
C ARG A 53 -20.73 -1.22 -38.33
N SER A 54 -19.71 -1.75 -39.03
CA SER A 54 -19.15 -3.07 -38.77
C SER A 54 -17.63 -2.95 -38.57
N LEU A 55 -17.07 -3.92 -37.84
CA LEU A 55 -15.62 -4.01 -37.72
C LEU A 55 -15.12 -5.10 -38.65
N VAL A 56 -13.84 -5.00 -39.06
CA VAL A 56 -13.33 -5.85 -40.11
C VAL A 56 -12.19 -6.74 -39.60
N LEU A 57 -12.43 -8.07 -39.74
CA LEU A 57 -11.60 -9.12 -39.20
C LEU A 57 -11.34 -10.18 -40.28
N VAL A 58 -10.40 -11.09 -39.98
CA VAL A 58 -10.01 -12.14 -40.91
C VAL A 58 -10.21 -13.49 -40.24
N LYS A 59 -11.13 -14.28 -40.79
CA LYS A 59 -11.28 -15.67 -40.41
C LYS A 59 -10.53 -16.53 -41.42
N GLN A 60 -9.60 -17.34 -40.93
CA GLN A 60 -8.82 -18.19 -41.81
C GLN A 60 -8.40 -19.43 -41.03
N PHE A 61 -8.04 -20.47 -41.80
CA PHE A 61 -7.45 -21.67 -41.22
C PHE A 61 -6.00 -21.37 -40.85
N ARG A 62 -5.63 -21.74 -39.62
CA ARG A 62 -4.24 -21.72 -39.20
C ARG A 62 -3.81 -23.15 -38.94
N PRO A 63 -2.77 -23.64 -39.66
CA PRO A 63 -2.25 -24.98 -39.44
C PRO A 63 -1.79 -25.21 -38.01
N ALA A 64 -1.04 -24.23 -37.48
CA ALA A 64 -0.53 -24.28 -36.12
C ALA A 64 -1.69 -24.59 -35.15
N VAL A 65 -2.79 -23.84 -35.27
CA VAL A 65 -3.94 -23.98 -34.40
C VAL A 65 -4.58 -25.35 -34.60
N TYR A 66 -4.72 -25.75 -35.87
CA TYR A 66 -5.35 -27.02 -36.21
C TYR A 66 -4.63 -28.18 -35.54
N ALA A 67 -3.29 -28.21 -35.67
CA ALA A 67 -2.46 -29.25 -35.09
C ALA A 67 -2.51 -29.19 -33.57
N GLY A 68 -2.68 -27.96 -33.04
CA GLY A 68 -2.85 -27.73 -31.61
C GLY A 68 -4.10 -28.42 -31.10
N GLU A 69 -5.21 -28.27 -31.82
CA GLU A 69 -6.50 -28.84 -31.43
C GLU A 69 -6.48 -30.36 -31.51
N VAL A 70 -5.65 -30.90 -32.41
CA VAL A 70 -5.54 -32.34 -32.59
C VAL A 70 -4.77 -32.94 -31.41
N GLU A 71 -3.82 -32.19 -30.86
CA GLU A 71 -3.01 -32.64 -29.75
C GLU A 71 -3.83 -32.68 -28.46
N ARG A 72 -4.68 -31.65 -28.26
CA ARG A 72 -5.59 -31.63 -27.12
C ARG A 72 -6.53 -32.82 -27.19
N ARG A 73 -7.07 -33.06 -28.39
CA ARG A 73 -8.16 -34.00 -28.54
C ARG A 73 -7.64 -35.42 -28.70
N PHE A 74 -6.40 -35.57 -29.16
CA PHE A 74 -5.76 -36.88 -29.25
C PHE A 74 -4.28 -36.73 -28.89
N PRO A 75 -3.93 -36.71 -27.59
CA PRO A 75 -2.56 -36.44 -27.17
C PRO A 75 -1.53 -37.38 -27.79
N GLY A 76 -0.29 -36.91 -27.90
CA GLY A 76 0.83 -37.71 -28.39
C GLY A 76 0.89 -37.78 -29.92
N SER A 77 -0.24 -37.46 -30.57
CA SER A 77 -0.32 -37.41 -32.02
C SER A 77 0.90 -36.70 -32.58
N LEU A 78 1.33 -35.65 -31.87
CA LEU A 78 2.54 -34.92 -32.19
C LEU A 78 3.71 -35.53 -31.45
N ALA A 79 3.87 -36.85 -31.59
CA ALA A 79 5.11 -37.54 -31.24
C ALA A 79 6.17 -37.16 -32.27
N ALA A 80 7.43 -37.14 -31.84
CA ALA A 80 8.52 -36.66 -32.68
C ALA A 80 8.61 -37.50 -33.94
N VAL A 81 8.70 -36.82 -35.10
CA VAL A 81 8.76 -37.50 -36.40
C VAL A 81 10.08 -38.26 -36.48
N ASP A 82 9.99 -39.58 -36.37
CA ASP A 82 11.13 -40.45 -36.52
C ASP A 82 10.80 -41.55 -37.53
N GLN A 83 10.93 -41.21 -38.81
CA GLN A 83 10.42 -42.04 -39.89
C GLN A 83 11.14 -41.68 -41.19
N ASP A 84 10.78 -42.39 -42.27
CA ASP A 84 11.33 -42.13 -43.59
C ASP A 84 10.82 -40.78 -44.09
N GLY A 85 9.67 -40.35 -43.55
CA GLY A 85 9.05 -39.09 -43.92
C GLY A 85 8.00 -38.65 -42.90
N PRO A 86 6.95 -37.91 -43.36
CA PRO A 86 5.90 -37.45 -42.46
C PRO A 86 4.97 -38.56 -41.93
N ARG A 87 4.47 -38.35 -40.72
CA ARG A 87 3.42 -39.17 -40.14
C ARG A 87 2.07 -38.63 -40.63
N GLU A 88 1.18 -39.54 -41.04
CA GLU A 88 -0.20 -39.19 -41.33
C GLU A 88 -0.91 -38.82 -40.03
N LEU A 89 -1.84 -37.87 -40.10
CA LEU A 89 -2.67 -37.58 -38.93
C LEU A 89 -3.81 -38.60 -38.82
N GLN A 90 -3.68 -39.46 -37.81
CA GLN A 90 -4.46 -40.67 -37.63
C GLN A 90 -5.93 -40.44 -37.30
N PRO A 91 -6.28 -39.83 -36.12
CA PRO A 91 -7.54 -39.12 -35.98
C PRO A 91 -7.43 -37.69 -36.51
N ALA A 92 -7.96 -37.46 -37.73
CA ALA A 92 -7.90 -36.15 -38.35
C ALA A 92 -9.22 -35.40 -38.11
N LEU A 93 -9.14 -34.28 -37.39
CA LEU A 93 -10.26 -33.43 -37.04
C LEU A 93 -10.79 -32.73 -38.29
N PRO A 94 -12.01 -32.12 -38.25
CA PRO A 94 -12.51 -31.35 -39.39
C PRO A 94 -11.71 -30.08 -39.63
N GLY A 95 -11.66 -29.62 -40.89
CA GLY A 95 -10.94 -28.42 -41.25
C GLY A 95 -11.28 -27.25 -40.33
N SER A 96 -12.51 -27.29 -39.79
CA SER A 96 -13.08 -26.22 -38.99
C SER A 96 -12.42 -26.09 -37.62
N ALA A 97 -11.43 -26.97 -37.35
CA ALA A 97 -10.78 -26.99 -36.05
C ALA A 97 -9.58 -26.05 -36.03
N GLY A 98 -9.02 -25.76 -37.21
CA GLY A 98 -7.89 -24.85 -37.30
C GLY A 98 -8.33 -23.43 -37.64
N VAL A 99 -9.65 -23.22 -37.81
CA VAL A 99 -10.18 -21.96 -38.31
C VAL A 99 -10.34 -20.95 -37.19
N THR A 100 -9.66 -19.80 -37.32
CA THR A 100 -9.63 -18.76 -36.29
C THR A 100 -10.18 -17.45 -36.84
N VAL A 101 -10.72 -16.63 -35.93
CA VAL A 101 -11.02 -15.23 -36.21
C VAL A 101 -9.88 -14.39 -35.63
N GLU A 102 -9.32 -13.51 -36.47
CA GLU A 102 -8.17 -12.71 -36.07
C GLU A 102 -8.31 -11.29 -36.59
N LEU A 103 -7.44 -10.40 -36.12
CA LEU A 103 -7.24 -9.09 -36.73
C LEU A 103 -6.48 -9.26 -38.04
N CYS A 104 -6.71 -8.33 -38.97
CA CYS A 104 -5.88 -8.25 -40.17
C CYS A 104 -4.43 -8.12 -39.72
N ALA A 105 -3.53 -8.90 -40.32
CA ALA A 105 -2.18 -9.03 -39.78
C ALA A 105 -1.15 -9.37 -40.87
N GLY A 106 0.13 -9.17 -40.55
CA GLY A 106 1.22 -9.56 -41.43
C GLY A 106 2.60 -9.39 -40.79
N LEU A 107 3.59 -10.11 -41.34
CA LEU A 107 4.96 -10.09 -40.87
C LEU A 107 5.62 -8.78 -41.27
N VAL A 108 6.66 -8.40 -40.51
CA VAL A 108 7.51 -7.28 -40.86
C VAL A 108 8.82 -7.83 -41.42
N ASP A 109 8.78 -8.22 -42.71
CA ASP A 109 9.92 -8.77 -43.41
C ASP A 109 10.52 -7.74 -44.38
N GLN A 110 9.70 -7.30 -45.34
CA GLN A 110 10.13 -6.43 -46.41
C GLN A 110 11.03 -5.33 -45.86
N PRO A 111 12.30 -5.25 -46.32
CA PRO A 111 13.29 -4.38 -45.68
C PRO A 111 13.02 -2.90 -45.98
N GLY A 112 12.77 -2.15 -44.89
CA GLY A 112 12.61 -0.70 -44.97
C GLY A 112 11.23 -0.24 -44.51
N LEU A 113 10.19 -0.87 -45.08
CA LEU A 113 8.79 -0.46 -44.94
C LEU A 113 8.49 0.05 -43.53
N SER A 114 7.93 1.25 -43.46
CA SER A 114 7.34 1.74 -42.22
C SER A 114 6.16 0.84 -41.90
N LEU A 115 6.02 0.47 -40.64
CA LEU A 115 5.00 -0.46 -40.20
C LEU A 115 3.67 -0.15 -40.90
N GLU A 116 3.30 1.13 -40.91
CA GLU A 116 2.04 1.57 -41.50
C GLU A 116 1.88 0.98 -42.90
N GLU A 117 2.97 0.97 -43.67
CA GLU A 117 2.89 0.48 -45.03
C GLU A 117 2.58 -1.01 -45.02
N VAL A 118 3.24 -1.75 -44.12
CA VAL A 118 3.02 -3.19 -44.00
C VAL A 118 1.57 -3.44 -43.58
N ALA A 119 0.97 -2.43 -42.93
CA ALA A 119 -0.40 -2.50 -42.48
C ALA A 119 -1.36 -2.31 -43.65
N CYS A 120 -1.19 -1.22 -44.40
CA CYS A 120 -2.03 -0.87 -45.53
C CYS A 120 -1.94 -1.92 -46.62
N LYS A 121 -0.79 -2.62 -46.63
CA LYS A 121 -0.52 -3.74 -47.50
C LYS A 121 -1.46 -4.90 -47.15
N GLU A 122 -1.40 -5.36 -45.90
CA GLU A 122 -2.20 -6.48 -45.46
C GLU A 122 -3.68 -6.13 -45.59
N ALA A 123 -4.02 -4.89 -45.25
CA ALA A 123 -5.37 -4.37 -45.33
C ALA A 123 -5.88 -4.41 -46.76
N TRP A 124 -4.99 -4.18 -47.73
CA TRP A 124 -5.36 -4.38 -49.12
C TRP A 124 -5.52 -5.87 -49.41
N GLU A 125 -4.45 -6.63 -49.14
CA GLU A 125 -4.33 -8.01 -49.56
C GLU A 125 -5.40 -8.87 -48.88
N GLU A 126 -5.54 -8.70 -47.56
CA GLU A 126 -6.42 -9.58 -46.80
C GLU A 126 -7.89 -9.16 -46.96
N CYS A 127 -8.18 -7.87 -46.81
CA CYS A 127 -9.54 -7.39 -46.66
C CYS A 127 -10.08 -6.72 -47.92
N GLY A 128 -9.17 -6.26 -48.80
CA GLY A 128 -9.60 -5.59 -50.02
C GLY A 128 -10.01 -4.15 -49.71
N TYR A 129 -9.25 -3.52 -48.83
CA TYR A 129 -9.46 -2.14 -48.40
C TYR A 129 -8.25 -1.27 -48.72
N HIS A 130 -8.48 -0.17 -49.43
CA HIS A 130 -7.41 0.78 -49.70
C HIS A 130 -7.19 1.64 -48.47
N LEU A 131 -5.93 1.74 -48.05
CA LEU A 131 -5.52 2.49 -46.87
C LEU A 131 -4.30 3.35 -47.15
N ALA A 132 -4.24 4.51 -46.49
CA ALA A 132 -3.10 5.40 -46.55
C ALA A 132 -2.43 5.46 -45.18
N PRO A 133 -1.10 5.28 -45.11
CA PRO A 133 -0.37 5.30 -43.84
C PRO A 133 -0.67 6.49 -42.93
N SER A 134 -1.30 7.54 -43.46
CA SER A 134 -1.67 8.68 -42.63
C SER A 134 -2.95 8.37 -41.86
N ASP A 135 -3.80 7.50 -42.44
CA ASP A 135 -5.08 7.13 -41.86
C ASP A 135 -4.88 6.40 -40.52
N LEU A 136 -3.82 5.60 -40.42
CA LEU A 136 -3.59 4.67 -39.33
C LEU A 136 -3.22 5.40 -38.05
N ARG A 137 -3.69 4.83 -36.93
CA ARG A 137 -3.48 5.35 -35.60
C ARG A 137 -2.89 4.24 -34.74
N ARG A 138 -1.67 4.43 -34.22
CA ARG A 138 -1.07 3.45 -33.33
C ARG A 138 -2.02 3.22 -32.16
N VAL A 139 -2.26 1.94 -31.85
CA VAL A 139 -3.06 1.55 -30.70
C VAL A 139 -2.12 1.09 -29.60
N ALA A 140 -1.30 0.08 -29.89
CA ALA A 140 -0.37 -0.42 -28.90
C ALA A 140 0.78 -1.18 -29.57
N THR A 141 1.88 -1.31 -28.81
CA THR A 141 3.03 -2.14 -29.17
C THR A 141 3.44 -2.99 -27.97
N TYR A 142 3.72 -4.27 -28.19
CA TYR A 142 3.97 -5.23 -27.13
C TYR A 142 4.58 -6.49 -27.72
N TRP A 143 5.05 -7.37 -26.84
CA TRP A 143 5.77 -8.56 -27.24
C TRP A 143 4.82 -9.75 -27.21
N SER A 144 5.06 -10.68 -28.14
CA SER A 144 4.15 -11.79 -28.33
C SER A 144 4.72 -13.09 -27.79
N GLY A 145 6.01 -13.35 -28.00
CA GLY A 145 6.53 -14.65 -27.60
C GLY A 145 6.94 -14.71 -26.13
N VAL A 146 7.82 -13.77 -25.74
CA VAL A 146 8.36 -13.62 -24.39
C VAL A 146 9.05 -14.91 -23.93
N GLY A 147 8.32 -16.02 -24.04
CA GLY A 147 8.85 -17.33 -23.68
C GLY A 147 9.85 -17.80 -24.72
N LEU A 148 9.35 -18.06 -25.93
CA LEU A 148 10.15 -18.73 -26.95
C LEU A 148 10.44 -17.80 -28.11
N THR A 149 9.81 -16.63 -28.11
CA THR A 149 9.95 -15.70 -29.21
C THR A 149 10.08 -14.29 -28.65
N GLY A 150 11.08 -13.57 -29.10
CA GLY A 150 11.19 -12.16 -28.73
C GLY A 150 10.67 -11.29 -29.85
N SER A 151 9.38 -11.49 -30.21
CA SER A 151 8.83 -10.76 -31.34
C SER A 151 7.90 -9.66 -30.85
N ARG A 152 8.07 -8.48 -31.45
CA ARG A 152 7.19 -7.36 -31.19
C ARG A 152 6.01 -7.45 -32.14
N GLN A 153 4.85 -6.99 -31.66
CA GLN A 153 3.76 -6.72 -32.55
C GLN A 153 3.25 -5.31 -32.30
N THR A 154 2.88 -4.62 -33.38
CA THR A 154 2.30 -3.29 -33.29
C THR A 154 0.87 -3.34 -33.80
N MET A 155 -0.04 -2.65 -33.13
CA MET A 155 -1.43 -2.63 -33.55
C MET A 155 -1.85 -1.24 -33.97
N PHE A 156 -2.62 -1.16 -35.07
CA PHE A 156 -3.14 0.08 -35.63
C PHE A 156 -4.63 -0.05 -35.89
N TYR A 157 -5.32 1.09 -35.79
CA TYR A 157 -6.72 1.17 -36.13
C TYR A 157 -6.94 2.35 -37.05
N THR A 158 -7.90 2.19 -37.97
CA THR A 158 -8.37 3.28 -38.82
C THR A 158 -9.82 3.02 -39.24
N GLU A 159 -10.54 4.12 -39.48
CA GLU A 159 -11.91 4.06 -39.95
C GLU A 159 -11.90 3.94 -41.46
N VAL A 160 -12.93 3.28 -42.01
CA VAL A 160 -13.05 3.12 -43.45
C VAL A 160 -14.50 3.36 -43.87
N THR A 161 -14.68 3.57 -45.18
CA THR A 161 -15.98 3.65 -45.82
C THR A 161 -16.01 2.61 -46.93
N ASP A 162 -17.20 2.20 -47.38
CA ASP A 162 -17.33 1.24 -48.45
C ASP A 162 -16.58 1.74 -49.70
N ALA A 163 -16.17 3.02 -49.66
CA ALA A 163 -15.51 3.67 -50.78
C ALA A 163 -14.07 3.19 -50.95
N GLN A 164 -13.51 2.61 -49.87
CA GLN A 164 -12.15 2.13 -49.91
C GLN A 164 -12.15 0.61 -50.09
N ARG A 165 -13.30 -0.01 -49.84
CA ARG A 165 -13.47 -1.43 -50.07
C ARG A 165 -14.01 -1.64 -51.48
N SER A 166 -13.24 -2.38 -52.29
CA SER A 166 -13.79 -2.92 -53.53
C SER A 166 -13.15 -4.27 -53.83
N GLY A 167 -13.97 -5.29 -54.06
CA GLY A 167 -13.51 -6.60 -54.48
C GLY A 167 -14.34 -7.14 -55.64
N PRO A 168 -13.74 -7.91 -56.59
CA PRO A 168 -14.49 -8.52 -57.70
C PRO A 168 -15.33 -9.72 -57.27
N GLY A 169 -15.45 -10.73 -58.14
CA GLY A 169 -16.17 -11.94 -57.83
C GLY A 169 -15.60 -13.15 -58.57
N GLY A 170 -14.28 -13.15 -58.77
CA GLY A 170 -13.58 -14.19 -59.53
C GLY A 170 -12.09 -14.19 -59.26
N GLU A 177 -10.56 -17.86 -52.75
CA GLU A 177 -10.92 -17.30 -51.42
C GLU A 177 -10.24 -18.11 -50.32
N LEU A 178 -9.00 -17.72 -50.03
CA LEU A 178 -8.17 -18.37 -49.04
C LEU A 178 -8.63 -17.94 -47.64
N ILE A 179 -8.78 -16.62 -47.46
CA ILE A 179 -9.07 -15.99 -46.18
C ILE A 179 -10.45 -15.34 -46.26
N GLU A 180 -11.28 -15.54 -45.23
CA GLU A 180 -12.58 -14.88 -45.14
C GLU A 180 -12.37 -13.47 -44.61
N VAL A 181 -13.30 -12.57 -44.97
CA VAL A 181 -13.40 -11.28 -44.32
C VAL A 181 -14.66 -11.28 -43.46
N VAL A 182 -14.60 -10.66 -42.29
CA VAL A 182 -15.71 -10.75 -41.37
C VAL A 182 -16.11 -9.34 -40.93
N HIS A 183 -17.24 -8.87 -41.47
CA HIS A 183 -17.84 -7.64 -41.01
C HIS A 183 -18.64 -7.93 -39.76
N LEU A 184 -18.08 -7.59 -38.60
CA LEU A 184 -18.76 -7.76 -37.34
C LEU A 184 -19.60 -6.51 -37.05
N PRO A 185 -20.94 -6.60 -37.12
CA PRO A 185 -21.80 -5.50 -36.69
C PRO A 185 -21.62 -5.17 -35.21
N LEU A 186 -21.70 -3.87 -34.89
CA LEU A 186 -21.24 -3.36 -33.61
C LEU A 186 -22.12 -3.80 -32.45
N GLU A 187 -23.43 -3.86 -32.67
CA GLU A 187 -24.38 -4.32 -31.66
C GLU A 187 -23.89 -5.65 -31.07
N GLY A 188 -23.53 -6.60 -31.95
CA GLY A 188 -23.19 -7.94 -31.55
C GLY A 188 -21.72 -8.10 -31.18
N ALA A 189 -20.92 -7.06 -31.42
CA ALA A 189 -19.47 -7.12 -31.28
C ALA A 189 -19.08 -7.63 -29.90
N GLN A 190 -19.68 -7.05 -28.86
CA GLN A 190 -19.30 -7.34 -27.49
C GLN A 190 -19.58 -8.81 -27.19
N ALA A 191 -20.85 -9.19 -27.41
CA ALA A 191 -21.31 -10.56 -27.22
C ALA A 191 -20.40 -11.54 -27.97
N PHE A 192 -19.99 -11.15 -29.19
CA PHE A 192 -19.21 -11.99 -30.07
C PHE A 192 -17.83 -12.27 -29.46
N ALA A 193 -17.17 -11.20 -29.00
CA ALA A 193 -15.86 -11.28 -28.39
C ALA A 193 -15.90 -12.28 -27.24
N ASP A 194 -16.94 -12.16 -26.40
CA ASP A 194 -17.09 -12.90 -25.14
C ASP A 194 -17.27 -14.39 -25.40
N ASP A 195 -17.95 -14.73 -26.50
CA ASP A 195 -18.38 -16.10 -26.77
C ASP A 195 -17.17 -17.00 -26.98
N PRO A 196 -16.98 -18.04 -26.12
CA PRO A 196 -15.80 -18.90 -26.19
C PRO A 196 -15.86 -19.97 -27.28
N ASP A 197 -16.99 -20.03 -27.99
CA ASP A 197 -17.21 -20.98 -29.06
C ASP A 197 -16.34 -20.63 -30.27
N ILE A 198 -16.03 -19.34 -30.38
CA ILE A 198 -15.29 -18.82 -31.52
C ILE A 198 -13.80 -18.77 -31.16
N PRO A 199 -12.92 -19.54 -31.85
CA PRO A 199 -11.48 -19.41 -31.63
C PRO A 199 -10.96 -18.05 -32.11
N LYS A 200 -10.47 -17.22 -31.19
CA LYS A 200 -10.02 -15.87 -31.51
C LYS A 200 -8.70 -15.57 -30.80
N THR A 201 -7.99 -14.52 -31.24
CA THR A 201 -6.79 -14.09 -30.56
C THR A 201 -7.17 -13.05 -29.51
N LEU A 202 -6.28 -12.82 -28.55
CA LEU A 202 -6.46 -11.78 -27.56
C LEU A 202 -6.52 -10.45 -28.28
N GLY A 203 -5.75 -10.35 -29.37
CA GLY A 203 -5.90 -9.23 -30.27
C GLY A 203 -7.37 -8.92 -30.51
N VAL A 204 -8.09 -9.88 -31.10
CA VAL A 204 -9.49 -9.74 -31.44
C VAL A 204 -10.24 -9.17 -30.24
N ILE A 205 -10.05 -9.81 -29.09
CA ILE A 205 -10.77 -9.52 -27.87
C ILE A 205 -10.42 -8.11 -27.40
N PHE A 206 -9.13 -7.78 -27.44
CA PHE A 206 -8.67 -6.48 -27.01
C PHE A 206 -9.20 -5.42 -27.96
N GLY A 207 -9.09 -5.69 -29.26
CA GLY A 207 -9.49 -4.76 -30.30
C GLY A 207 -10.91 -4.25 -30.06
N VAL A 208 -11.85 -5.20 -30.04
CA VAL A 208 -13.27 -4.92 -29.83
C VAL A 208 -13.40 -4.17 -28.51
N SER A 209 -12.83 -4.77 -27.46
CA SER A 209 -12.84 -4.21 -26.12
C SER A 209 -12.40 -2.75 -26.16
N TRP A 210 -11.31 -2.49 -26.88
CA TRP A 210 -10.69 -1.17 -26.89
C TRP A 210 -11.53 -0.19 -27.70
N PHE A 211 -11.99 -0.64 -28.86
CA PHE A 211 -12.73 0.22 -29.76
C PHE A 211 -13.98 0.74 -29.07
N LEU A 212 -14.69 -0.20 -28.41
CA LEU A 212 -15.98 0.07 -27.82
C LEU A 212 -15.83 1.12 -26.71
N SER A 213 -14.74 0.99 -25.95
CA SER A 213 -14.48 1.87 -24.83
C SER A 213 -13.94 3.22 -25.32
N GLN A 214 -13.04 3.18 -26.32
CA GLN A 214 -12.25 4.34 -26.67
C GLN A 214 -12.91 5.14 -27.80
N VAL A 215 -13.28 4.47 -28.90
CA VAL A 215 -13.66 5.18 -30.11
C VAL A 215 -15.18 5.27 -30.23
N ALA A 216 -15.87 4.15 -29.92
CA ALA A 216 -17.30 4.03 -30.16
C ALA A 216 -18.09 5.19 -29.57
N PRO A 217 -17.86 5.61 -28.30
CA PRO A 217 -18.67 6.65 -27.68
C PRO A 217 -18.65 8.01 -28.36
N ASN A 218 -17.59 8.29 -29.14
CA ASN A 218 -17.36 9.62 -29.68
C ASN A 218 -17.74 9.63 -31.16
N LEU A 219 -18.84 8.95 -31.49
CA LEU A 219 -19.26 8.82 -32.88
C LEU A 219 -20.77 8.90 -33.01
N ASP A 220 -21.25 8.92 -34.26
CA ASP A 220 -22.66 9.06 -34.59
C ASP A 220 -23.36 7.70 -34.45
N MET B 1 1.47 -13.98 24.14
CA MET B 1 0.17 -14.60 23.79
C MET B 1 -0.52 -15.12 25.04
N GLU B 2 0.24 -15.81 25.90
CA GLU B 2 -0.31 -16.54 27.03
C GLU B 2 -0.67 -15.60 28.17
N ARG B 3 -0.97 -14.34 27.82
CA ARG B 3 -1.21 -13.27 28.78
C ARG B 3 -2.68 -12.86 28.73
N ILE B 4 -3.44 -13.31 29.73
CA ILE B 4 -4.85 -13.01 29.85
C ILE B 4 -5.08 -12.28 31.17
N GLU B 5 -5.75 -11.13 31.08
CA GLU B 5 -6.09 -10.38 32.28
C GLU B 5 -7.60 -10.26 32.40
N GLY B 6 -8.03 -9.97 33.63
CA GLY B 6 -9.39 -9.54 33.93
C GLY B 6 -10.45 -10.48 33.38
N ALA B 7 -10.26 -11.78 33.64
CA ALA B 7 -11.24 -12.77 33.20
C ALA B 7 -12.52 -12.60 34.01
N SER B 8 -13.65 -12.53 33.29
CA SER B 8 -14.96 -12.35 33.90
C SER B 8 -16.01 -13.09 33.06
N VAL B 9 -16.90 -13.81 33.75
CA VAL B 9 -17.95 -14.59 33.11
C VAL B 9 -19.23 -13.78 33.10
N GLY B 10 -19.91 -13.74 31.95
CA GLY B 10 -21.20 -13.06 31.81
C GLY B 10 -22.21 -13.93 31.08
N ARG B 11 -23.50 -13.67 31.37
CA ARG B 11 -24.59 -14.47 30.82
C ARG B 11 -24.81 -14.11 29.35
N CYS B 12 -24.88 -15.13 28.50
CA CYS B 12 -25.02 -14.98 27.06
C CYS B 12 -26.50 -15.03 26.66
N ALA B 13 -26.92 -14.03 25.89
CA ALA B 13 -28.32 -13.87 25.52
C ALA B 13 -28.51 -14.29 24.07
N ALA B 14 -27.84 -13.56 23.15
CA ALA B 14 -27.78 -13.95 21.75
C ALA B 14 -26.35 -14.36 21.39
N SER B 15 -26.24 -15.26 20.41
CA SER B 15 -24.96 -15.62 19.85
C SER B 15 -25.17 -16.36 18.53
N PRO B 16 -24.28 -16.19 17.52
CA PRO B 16 -24.39 -16.90 16.27
C PRO B 16 -24.11 -18.40 16.37
N TYR B 17 -23.17 -18.74 17.25
CA TYR B 17 -22.64 -20.09 17.43
C TYR B 17 -23.58 -20.92 18.32
N LEU B 18 -24.28 -20.22 19.23
CA LEU B 18 -25.05 -20.81 20.32
C LEU B 18 -26.34 -21.44 19.82
N ARG B 19 -27.43 -20.67 19.81
CA ARG B 19 -28.70 -21.06 19.21
C ARG B 19 -29.15 -22.43 19.70
N PRO B 20 -29.42 -22.61 21.02
CA PRO B 20 -29.92 -23.88 21.55
C PRO B 20 -31.39 -24.12 21.21
N LEU B 21 -31.76 -25.40 21.08
CA LEU B 21 -33.11 -25.80 20.70
C LEU B 21 -33.53 -27.06 21.47
N THR B 22 -34.83 -27.38 21.41
CA THR B 22 -35.36 -28.59 22.01
C THR B 22 -36.13 -29.36 20.94
N LEU B 23 -35.79 -30.64 20.76
CA LEU B 23 -36.41 -31.48 19.75
C LEU B 23 -37.40 -32.44 20.41
N HIS B 24 -38.68 -32.28 20.04
CA HIS B 24 -39.77 -33.09 20.56
C HIS B 24 -40.10 -34.16 19.53
N TYR B 25 -40.25 -35.40 20.00
CA TYR B 25 -40.42 -36.54 19.12
C TYR B 25 -41.02 -37.70 19.90
N ARG B 26 -41.75 -38.57 19.19
CA ARG B 26 -42.25 -39.80 19.77
C ARG B 26 -41.37 -40.95 19.28
N GLN B 27 -40.57 -41.48 20.23
CA GLN B 27 -39.75 -42.65 19.96
C GLN B 27 -40.48 -43.89 20.44
N ASN B 28 -40.70 -44.83 19.52
CA ASN B 28 -41.19 -46.15 19.84
C ASN B 28 -42.52 -46.01 20.57
N GLY B 29 -43.21 -44.88 20.32
CA GLY B 29 -44.48 -44.55 20.95
C GLY B 29 -44.34 -43.40 21.95
N ALA B 30 -43.25 -43.43 22.74
CA ALA B 30 -43.06 -42.55 23.88
C ALA B 30 -42.58 -41.16 23.43
N GLN B 31 -43.32 -40.13 23.89
CA GLN B 31 -43.03 -38.73 23.60
C GLN B 31 -41.88 -38.26 24.48
N LYS B 32 -40.83 -37.73 23.85
CA LYS B 32 -39.66 -37.23 24.55
C LYS B 32 -39.22 -35.91 23.91
N SER B 33 -38.25 -35.26 24.57
CA SER B 33 -37.62 -34.07 24.02
C SER B 33 -36.16 -34.01 24.49
N TRP B 34 -35.32 -33.39 23.66
CA TRP B 34 -33.89 -33.31 23.92
C TRP B 34 -33.39 -31.88 23.74
N ASP B 35 -32.41 -31.53 24.56
CA ASP B 35 -31.82 -30.20 24.53
C ASP B 35 -30.45 -30.29 23.85
N PHE B 36 -30.25 -29.44 22.84
CA PHE B 36 -29.08 -29.46 21.96
C PHE B 36 -28.94 -28.07 21.34
N MET B 37 -27.90 -27.88 20.51
CA MET B 37 -27.72 -26.59 19.88
C MET B 37 -27.38 -26.75 18.41
N LYS B 38 -28.00 -25.88 17.60
CA LYS B 38 -27.55 -25.61 16.25
C LYS B 38 -26.12 -25.08 16.35
N THR B 39 -25.17 -25.91 15.92
CA THR B 39 -23.76 -25.53 15.92
C THR B 39 -23.17 -25.87 14.55
N HIS B 40 -22.01 -25.28 14.30
CA HIS B 40 -21.45 -25.27 12.96
C HIS B 40 -20.59 -26.51 12.79
N ASP B 41 -20.60 -27.03 11.53
CA ASP B 41 -19.64 -28.03 11.11
C ASP B 41 -18.26 -27.39 11.12
N SER B 42 -17.24 -28.22 10.83
CA SER B 42 -15.86 -27.79 10.96
C SER B 42 -14.96 -28.70 10.11
N VAL B 43 -13.75 -28.21 9.82
CA VAL B 43 -12.73 -28.99 9.13
C VAL B 43 -11.39 -28.83 9.82
N THR B 44 -10.58 -29.90 9.78
CA THR B 44 -9.27 -29.95 10.40
C THR B 44 -8.27 -30.47 9.36
N VAL B 45 -7.02 -30.07 9.56
CA VAL B 45 -5.96 -30.35 8.61
C VAL B 45 -4.70 -30.77 9.34
N LEU B 46 -4.08 -31.83 8.85
CA LEU B 46 -2.76 -32.16 9.33
C LEU B 46 -1.75 -31.84 8.25
N LEU B 47 -0.72 -31.08 8.63
CA LEU B 47 0.34 -30.75 7.70
C LEU B 47 1.58 -31.55 8.09
N PHE B 48 2.23 -32.11 7.07
CA PHE B 48 3.53 -32.73 7.27
C PHE B 48 4.57 -32.01 6.41
N ASN B 49 5.40 -31.19 7.06
CA ASN B 49 6.51 -30.52 6.41
C ASN B 49 7.62 -31.55 6.17
N SER B 50 7.71 -32.03 4.93
CA SER B 50 8.66 -33.07 4.56
C SER B 50 10.10 -32.54 4.68
N SER B 51 10.27 -31.24 4.45
CA SER B 51 11.57 -30.59 4.44
C SER B 51 12.17 -30.52 5.85
N ARG B 52 11.29 -30.50 6.87
CA ARG B 52 11.73 -30.39 8.26
C ARG B 52 11.46 -31.68 9.01
N ARG B 53 10.67 -32.58 8.40
CA ARG B 53 10.28 -33.84 9.02
C ARG B 53 9.51 -33.56 10.32
N SER B 54 8.62 -32.56 10.26
CA SER B 54 7.80 -32.13 11.39
C SER B 54 6.33 -32.13 11.00
N LEU B 55 5.44 -32.27 11.99
CA LEU B 55 4.02 -32.12 11.76
C LEU B 55 3.59 -30.73 12.24
N VAL B 56 2.48 -30.22 11.68
CA VAL B 56 2.12 -28.83 11.90
C VAL B 56 0.76 -28.72 12.60
N LEU B 57 0.82 -28.05 13.77
CA LEU B 57 -0.27 -27.95 14.71
C LEU B 57 -0.42 -26.49 15.17
N VAL B 58 -1.54 -26.22 15.86
CA VAL B 58 -1.85 -24.89 16.34
C VAL B 58 -2.03 -24.93 17.85
N LYS B 59 -1.14 -24.23 18.56
CA LYS B 59 -1.31 -24.01 19.99
C LYS B 59 -1.92 -22.62 20.17
N GLN B 60 -3.06 -22.55 20.85
CA GLN B 60 -3.72 -21.29 21.07
C GLN B 60 -4.49 -21.37 22.38
N PHE B 61 -4.82 -20.20 22.91
CA PHE B 61 -5.70 -20.09 24.06
C PHE B 61 -7.14 -20.33 23.60
N ARG B 62 -7.85 -21.20 24.32
CA ARG B 62 -9.27 -21.37 24.15
C ARG B 62 -9.97 -20.90 25.40
N PRO B 63 -10.86 -19.90 25.31
CA PRO B 63 -11.61 -19.43 26.47
C PRO B 63 -12.45 -20.53 27.13
N ALA B 64 -13.14 -21.32 26.29
CA ALA B 64 -13.95 -22.42 26.75
C ALA B 64 -13.13 -23.32 27.68
N VAL B 65 -11.93 -23.71 27.23
CA VAL B 65 -11.05 -24.60 27.98
C VAL B 65 -10.60 -23.92 29.26
N TYR B 66 -10.22 -22.64 29.15
CA TYR B 66 -9.73 -21.88 30.28
C TYR B 66 -10.76 -21.85 31.41
N ALA B 67 -12.01 -21.52 31.06
CA ALA B 67 -13.10 -21.46 32.03
C ALA B 67 -13.42 -22.85 32.57
N GLY B 68 -13.19 -23.88 31.76
CA GLY B 68 -13.32 -25.27 32.15
C GLY B 68 -12.35 -25.61 33.28
N GLU B 69 -11.09 -25.19 33.12
CA GLU B 69 -10.03 -25.47 34.08
C GLU B 69 -10.28 -24.73 35.40
N VAL B 70 -10.95 -23.58 35.32
CA VAL B 70 -11.23 -22.77 36.49
C VAL B 70 -12.34 -23.44 37.32
N GLU B 71 -13.26 -24.12 36.64
CA GLU B 71 -14.37 -24.79 37.30
C GLU B 71 -13.90 -26.03 38.04
N ARG B 72 -12.97 -26.78 37.42
CA ARG B 72 -12.37 -27.94 38.07
C ARG B 72 -11.63 -27.49 39.31
N ARG B 73 -10.86 -26.40 39.18
CA ARG B 73 -9.92 -26.03 40.22
C ARG B 73 -10.60 -25.18 41.29
N PHE B 74 -11.71 -24.52 40.94
CA PHE B 74 -12.49 -23.76 41.90
C PHE B 74 -13.97 -23.92 41.56
N PRO B 75 -14.63 -25.04 41.98
CA PRO B 75 -16.00 -25.32 41.59
C PRO B 75 -16.98 -24.20 41.93
N GLY B 76 -18.07 -24.13 41.17
CA GLY B 76 -19.15 -23.18 41.40
C GLY B 76 -18.87 -21.79 40.84
N SER B 77 -17.58 -21.52 40.57
CA SER B 77 -17.13 -20.28 39.96
C SER B 77 -18.06 -19.91 38.81
N LEU B 78 -18.49 -20.94 38.07
CA LEU B 78 -19.45 -20.80 37.00
C LEU B 78 -20.87 -21.00 37.56
N ALA B 79 -21.18 -20.27 38.64
CA ALA B 79 -22.56 -20.08 39.08
C ALA B 79 -23.25 -19.17 38.08
N ALA B 80 -24.56 -19.34 37.91
CA ALA B 80 -25.30 -18.63 36.87
C ALA B 80 -25.21 -17.13 37.11
N VAL B 81 -24.89 -16.38 36.03
CA VAL B 81 -24.73 -14.93 36.11
C VAL B 81 -26.09 -14.32 36.42
N ASP B 82 -26.22 -13.84 37.67
CA ASP B 82 -27.41 -13.13 38.09
C ASP B 82 -26.99 -11.81 38.73
N GLN B 83 -26.74 -10.81 37.89
CA GLN B 83 -26.08 -9.58 38.32
C GLN B 83 -26.38 -8.48 37.33
N ASP B 84 -25.86 -7.28 37.65
CA ASP B 84 -25.98 -6.10 36.80
C ASP B 84 -25.15 -6.32 35.54
N GLY B 85 -24.14 -7.20 35.62
CA GLY B 85 -23.29 -7.55 34.50
C GLY B 85 -22.48 -8.82 34.74
N PRO B 86 -21.27 -8.94 34.15
CA PRO B 86 -20.43 -10.11 34.34
C PRO B 86 -19.84 -10.24 35.75
N ARG B 87 -19.64 -11.49 36.19
CA ARG B 87 -18.89 -11.81 37.39
C ARG B 87 -17.41 -11.86 37.05
N GLU B 88 -16.56 -11.27 37.90
CA GLU B 88 -15.13 -11.42 37.81
C GLU B 88 -14.74 -12.86 38.13
N LEU B 89 -13.68 -13.35 37.48
CA LEU B 89 -13.15 -14.66 37.83
C LEU B 89 -12.24 -14.57 39.06
N GLN B 90 -12.75 -15.09 40.18
CA GLN B 90 -12.06 -15.11 41.46
C GLN B 90 -12.17 -16.53 42.01
N PRO B 91 -11.06 -17.26 42.23
CA PRO B 91 -9.73 -16.82 41.81
C PRO B 91 -9.45 -17.09 40.34
N ALA B 92 -8.41 -16.41 39.83
CA ALA B 92 -8.07 -16.42 38.42
C ALA B 92 -6.84 -17.30 38.19
N LEU B 93 -6.92 -18.20 37.18
CA LEU B 93 -5.81 -19.08 36.81
C LEU B 93 -4.89 -18.37 35.82
N PRO B 94 -3.64 -18.87 35.59
CA PRO B 94 -2.76 -18.29 34.58
C PRO B 94 -3.28 -18.49 33.16
N GLY B 95 -2.94 -17.58 32.26
CA GLY B 95 -3.35 -17.67 30.86
C GLY B 95 -3.08 -19.05 30.28
N SER B 96 -2.05 -19.71 30.82
CA SER B 96 -1.52 -20.97 30.32
C SER B 96 -2.49 -22.13 30.60
N ALA B 97 -3.62 -21.84 31.25
CA ALA B 97 -4.57 -22.88 31.62
C ALA B 97 -5.58 -23.12 30.49
N GLY B 98 -5.78 -22.12 29.65
CA GLY B 98 -6.70 -22.26 28.54
C GLY B 98 -6.00 -22.64 27.24
N VAL B 99 -4.66 -22.79 27.31
CA VAL B 99 -3.84 -22.97 26.12
C VAL B 99 -3.81 -24.45 25.71
N THR B 100 -4.25 -24.71 24.47
CA THR B 100 -4.38 -26.07 23.94
C THR B 100 -3.52 -26.23 22.68
N VAL B 101 -3.08 -27.47 22.44
CA VAL B 101 -2.50 -27.87 21.16
C VAL B 101 -3.60 -28.58 20.37
N GLU B 102 -3.80 -28.13 19.12
CA GLU B 102 -4.87 -28.66 18.29
C GLU B 102 -4.39 -28.84 16.86
N LEU B 103 -5.20 -29.51 16.04
CA LEU B 103 -5.04 -29.50 14.59
C LEU B 103 -5.47 -28.15 14.04
N CYS B 104 -4.88 -27.76 12.92
CA CYS B 104 -5.36 -26.61 12.18
C CYS B 104 -6.83 -26.85 11.87
N ALA B 105 -7.69 -25.84 12.11
CA ALA B 105 -9.12 -26.04 12.12
C ALA B 105 -9.88 -24.77 11.73
N GLY B 106 -11.16 -24.95 11.35
CA GLY B 106 -12.06 -23.83 11.09
C GLY B 106 -13.50 -24.28 10.90
N LEU B 107 -14.43 -23.32 11.08
CA LEU B 107 -15.86 -23.55 10.92
C LEU B 107 -16.20 -23.66 9.44
N VAL B 108 -17.31 -24.32 9.15
CA VAL B 108 -17.86 -24.36 7.80
C VAL B 108 -19.06 -23.42 7.76
N ASP B 109 -18.77 -22.12 7.63
CA ASP B 109 -19.77 -21.07 7.63
C ASP B 109 -19.98 -20.51 6.22
N GLN B 110 -18.89 -19.98 5.65
CA GLN B 110 -18.91 -19.33 4.34
C GLN B 110 -19.75 -20.16 3.38
N PRO B 111 -20.84 -19.58 2.83
CA PRO B 111 -21.80 -20.36 2.07
C PRO B 111 -21.26 -20.80 0.71
N GLY B 112 -21.16 -22.12 0.53
CA GLY B 112 -20.78 -22.72 -0.74
C GLY B 112 -19.50 -23.55 -0.63
N LEU B 113 -18.46 -22.94 -0.06
CA LEU B 113 -17.08 -23.44 -0.06
C LEU B 113 -17.04 -24.96 0.09
N SER B 114 -16.34 -25.62 -0.84
CA SER B 114 -15.99 -27.01 -0.67
C SER B 114 -15.07 -27.11 0.54
N LEU B 115 -15.29 -28.10 1.38
CA LEU B 115 -14.56 -28.25 2.62
C LEU B 115 -13.08 -27.97 2.39
N GLU B 116 -12.52 -28.57 1.32
CA GLU B 116 -11.11 -28.44 1.02
C GLU B 116 -10.70 -26.96 1.03
N GLU B 117 -11.57 -26.10 0.48
CA GLU B 117 -11.24 -24.69 0.41
C GLU B 117 -11.17 -24.10 1.82
N VAL B 118 -12.13 -24.48 2.67
CA VAL B 118 -12.17 -24.01 4.04
C VAL B 118 -10.92 -24.49 4.76
N ALA B 119 -10.36 -25.61 4.28
CA ALA B 119 -9.16 -26.19 4.85
C ALA B 119 -7.93 -25.37 4.46
N CYS B 120 -7.75 -25.16 3.14
CA CYS B 120 -6.60 -24.44 2.60
C CYS B 120 -6.58 -23.00 3.09
N LYS B 121 -7.79 -22.51 3.42
CA LYS B 121 -8.01 -21.21 4.01
C LYS B 121 -7.38 -21.17 5.40
N GLU B 122 -7.80 -22.07 6.29
CA GLU B 122 -7.31 -22.09 7.64
C GLU B 122 -5.81 -22.36 7.64
N ALA B 123 -5.39 -23.26 6.75
CA ALA B 123 -3.98 -23.62 6.60
C ALA B 123 -3.16 -22.41 6.18
N TRP B 124 -3.75 -21.52 5.39
CA TRP B 124 -3.08 -20.26 5.11
C TRP B 124 -3.09 -19.37 6.35
N GLU B 125 -4.29 -19.11 6.86
CA GLU B 125 -4.51 -18.13 7.91
C GLU B 125 -3.80 -18.53 9.19
N GLU B 126 -3.96 -19.78 9.60
CA GLU B 126 -3.44 -20.22 10.88
C GLU B 126 -1.94 -20.48 10.81
N CYS B 127 -1.49 -21.22 9.80
CA CYS B 127 -0.14 -21.78 9.76
C CYS B 127 0.78 -21.02 8.81
N GLY B 128 0.20 -20.30 7.84
CA GLY B 128 1.01 -19.58 6.87
C GLY B 128 1.56 -20.53 5.82
N TYR B 129 0.72 -21.48 5.40
CA TYR B 129 1.04 -22.49 4.41
C TYR B 129 0.09 -22.39 3.22
N HIS B 130 0.67 -22.29 2.01
CA HIS B 130 -0.14 -22.28 0.81
C HIS B 130 -0.53 -23.73 0.47
N LEU B 131 -1.83 -23.92 0.24
CA LEU B 131 -2.39 -25.24 -0.05
C LEU B 131 -3.38 -25.18 -1.21
N ALA B 132 -3.41 -26.26 -2.00
CA ALA B 132 -4.36 -26.40 -3.08
C ALA B 132 -5.32 -27.55 -2.77
N PRO B 133 -6.64 -27.33 -2.91
CA PRO B 133 -7.64 -28.34 -2.62
C PRO B 133 -7.38 -29.72 -3.23
N SER B 134 -6.49 -29.80 -4.22
CA SER B 134 -6.17 -31.09 -4.82
C SER B 134 -5.17 -31.83 -3.94
N ASP B 135 -4.35 -31.07 -3.19
CA ASP B 135 -3.31 -31.61 -2.33
C ASP B 135 -3.92 -32.46 -1.20
N LEU B 136 -5.10 -32.05 -0.71
CA LEU B 136 -5.72 -32.58 0.49
C LEU B 136 -6.26 -33.99 0.25
N ARG B 137 -6.17 -34.80 1.30
CA ARG B 137 -6.62 -36.18 1.30
C ARG B 137 -7.57 -36.37 2.48
N ARG B 138 -8.83 -36.73 2.21
CA ARG B 138 -9.78 -37.01 3.27
C ARG B 138 -9.19 -38.10 4.18
N VAL B 139 -9.23 -37.85 5.48
CA VAL B 139 -8.81 -38.82 6.47
C VAL B 139 -10.06 -39.46 7.07
N ALA B 140 -10.93 -38.64 7.66
CA ALA B 140 -12.16 -39.15 8.25
C ALA B 140 -13.22 -38.06 8.38
N THR B 141 -14.47 -38.49 8.52
CA THR B 141 -15.62 -37.65 8.83
C THR B 141 -16.43 -38.30 9.95
N TYR B 142 -16.86 -37.49 10.93
CA TYR B 142 -17.50 -37.98 12.14
C TYR B 142 -18.15 -36.81 12.87
N TRP B 143 -18.95 -37.14 13.88
CA TRP B 143 -19.72 -36.16 14.61
C TRP B 143 -19.01 -35.82 15.91
N SER B 144 -19.15 -34.56 16.33
CA SER B 144 -18.36 -34.06 17.43
C SER B 144 -19.23 -33.87 18.67
N GLY B 145 -20.46 -33.36 18.51
CA GLY B 145 -21.23 -33.07 19.71
C GLY B 145 -21.97 -34.28 20.26
N VAL B 146 -22.78 -34.91 19.40
CA VAL B 146 -23.57 -36.12 19.67
C VAL B 146 -24.49 -35.90 20.87
N GLY B 147 -23.91 -35.44 21.98
CA GLY B 147 -24.68 -35.09 23.16
C GLY B 147 -25.51 -33.84 22.91
N LEU B 148 -24.81 -32.71 22.77
CA LEU B 148 -25.48 -31.42 22.78
C LEU B 148 -25.36 -30.72 21.43
N THR B 149 -24.57 -31.31 20.53
CA THR B 149 -24.29 -30.71 19.25
C THR B 149 -24.34 -31.77 18.17
N GLY B 150 -25.08 -31.47 17.11
CA GLY B 150 -25.11 -32.40 15.98
C GLY B 150 -24.19 -31.90 14.89
N SER B 151 -22.90 -31.71 15.21
CA SER B 151 -21.99 -31.10 14.26
C SER B 151 -21.05 -32.15 13.69
N ARG B 152 -20.88 -32.09 12.36
CA ARG B 152 -19.92 -32.94 11.68
C ARG B 152 -18.57 -32.25 11.68
N GLN B 153 -17.52 -33.06 11.73
CA GLN B 153 -16.21 -32.56 11.42
C GLN B 153 -15.58 -33.47 10.37
N THR B 154 -14.84 -32.86 9.44
CA THR B 154 -14.09 -33.60 8.43
C THR B 154 -12.61 -33.35 8.63
N MET B 155 -11.78 -34.38 8.50
CA MET B 155 -10.36 -34.23 8.67
C MET B 155 -9.62 -34.53 7.36
N PHE B 156 -8.62 -33.70 7.06
CA PHE B 156 -7.78 -33.83 5.87
C PHE B 156 -6.31 -33.77 6.25
N TYR B 157 -5.49 -34.47 5.47
CA TYR B 157 -4.06 -34.41 5.61
C TYR B 157 -3.44 -34.13 4.25
N THR B 158 -2.31 -33.39 4.26
CA THR B 158 -1.50 -33.18 3.09
C THR B 158 -0.05 -32.92 3.50
N GLU B 159 0.88 -33.30 2.61
CA GLU B 159 2.30 -33.07 2.82
C GLU B 159 2.65 -31.66 2.33
N VAL B 160 3.65 -31.05 2.97
CA VAL B 160 4.10 -29.72 2.58
C VAL B 160 5.63 -29.67 2.56
N THR B 161 6.15 -28.64 1.91
CA THR B 161 7.57 -28.31 1.89
C THR B 161 7.69 -26.87 2.40
N ASP B 162 8.89 -26.50 2.88
CA ASP B 162 9.11 -25.13 3.34
C ASP B 162 8.78 -24.14 2.23
N ALA B 163 8.57 -24.65 1.00
CA ALA B 163 8.33 -23.84 -0.18
C ALA B 163 6.92 -23.26 -0.15
N GLN B 164 6.03 -23.88 0.63
CA GLN B 164 4.65 -23.43 0.71
C GLN B 164 4.47 -22.60 1.98
N ARG B 165 5.41 -22.73 2.92
CA ARG B 165 5.40 -21.93 4.13
C ARG B 165 6.25 -20.69 3.91
N SER B 166 5.61 -19.52 4.00
CA SER B 166 6.27 -18.24 4.08
C SER B 166 5.20 -17.27 4.57
N GLY B 167 5.41 -16.68 5.74
CA GLY B 167 4.55 -15.61 6.22
C GLY B 167 5.20 -14.86 7.36
N PRO B 168 6.28 -14.05 7.11
CA PRO B 168 6.79 -13.14 8.13
C PRO B 168 5.94 -11.90 8.28
N GLU B 177 0.55 -12.45 16.35
CA GLU B 177 0.81 -13.63 17.21
C GLU B 177 -0.41 -13.89 18.08
N LEU B 178 -1.52 -14.24 17.42
CA LEU B 178 -2.69 -14.68 18.16
C LEU B 178 -2.50 -16.16 18.50
N ILE B 179 -2.15 -16.94 17.46
CA ILE B 179 -2.09 -18.39 17.49
C ILE B 179 -0.65 -18.82 17.21
N GLU B 180 -0.13 -19.77 17.99
CA GLU B 180 1.20 -20.33 17.77
C GLU B 180 1.10 -21.39 16.66
N VAL B 181 2.21 -21.59 15.94
CA VAL B 181 2.35 -22.75 15.08
C VAL B 181 3.35 -23.69 15.73
N VAL B 182 3.10 -25.00 15.62
CA VAL B 182 3.92 -25.96 16.32
C VAL B 182 4.42 -27.02 15.35
N HIS B 183 5.71 -26.92 15.01
CA HIS B 183 6.37 -27.95 14.24
C HIS B 183 6.79 -29.07 15.18
N LEU B 184 6.01 -30.16 15.19
CA LEU B 184 6.34 -31.31 16.00
C LEU B 184 7.26 -32.23 15.23
N PRO B 185 8.56 -32.34 15.60
CA PRO B 185 9.46 -33.33 15.01
C PRO B 185 8.97 -34.76 15.25
N LEU B 186 9.17 -35.62 14.25
CA LEU B 186 8.50 -36.90 14.17
C LEU B 186 8.99 -37.88 15.24
N GLU B 187 10.30 -37.87 15.52
CA GLU B 187 10.88 -38.71 16.55
C GLU B 187 10.07 -38.58 17.85
N GLY B 188 9.79 -37.34 18.25
CA GLY B 188 9.16 -37.05 19.53
C GLY B 188 7.64 -37.08 19.46
N ALA B 189 7.09 -37.20 18.24
CA ALA B 189 5.67 -37.08 18.00
C ALA B 189 4.88 -38.02 18.92
N GLN B 190 5.30 -39.28 18.95
CA GLN B 190 4.56 -40.31 19.67
C GLN B 190 4.53 -39.97 21.15
N ALA B 191 5.72 -39.80 21.72
CA ALA B 191 5.91 -39.43 23.11
C ALA B 191 5.07 -38.20 23.46
N PHE B 192 5.04 -37.24 22.53
CA PHE B 192 4.36 -35.96 22.73
C PHE B 192 2.86 -36.18 22.89
N ALA B 193 2.29 -36.96 21.96
CA ALA B 193 0.86 -37.26 21.96
C ALA B 193 0.47 -37.84 23.30
N ASP B 194 1.27 -38.80 23.79
CA ASP B 194 1.00 -39.61 24.97
C ASP B 194 0.99 -38.76 26.24
N ASP B 195 1.84 -37.73 26.26
CA ASP B 195 2.10 -36.96 27.47
C ASP B 195 0.84 -36.19 27.89
N PRO B 196 0.27 -36.47 29.08
CA PRO B 196 -0.98 -35.86 29.51
C PRO B 196 -0.84 -34.43 30.06
N ASP B 197 0.41 -33.96 30.13
CA ASP B 197 0.72 -32.62 30.61
C ASP B 197 0.27 -31.58 29.61
N ILE B 198 0.21 -31.99 28.34
CA ILE B 198 -0.14 -31.10 27.25
C ILE B 198 -1.64 -31.22 26.97
N PRO B 199 -2.45 -30.15 27.17
CA PRO B 199 -3.86 -30.20 26.78
C PRO B 199 -4.02 -30.28 25.26
N LYS B 200 -4.58 -31.39 24.77
CA LYS B 200 -4.72 -31.62 23.33
C LYS B 200 -6.10 -32.17 23.00
N THR B 201 -6.50 -32.12 21.73
CA THR B 201 -7.75 -32.73 21.31
C THR B 201 -7.46 -34.17 20.89
N LEU B 202 -8.53 -34.98 20.85
CA LEU B 202 -8.41 -36.34 20.37
C LEU B 202 -7.98 -36.30 18.92
N GLY B 203 -8.42 -35.27 18.22
CA GLY B 203 -7.88 -34.97 16.90
C GLY B 203 -6.37 -35.12 16.89
N VAL B 204 -5.70 -34.30 17.70
CA VAL B 204 -4.24 -34.27 17.79
C VAL B 204 -3.72 -35.69 17.94
N ILE B 205 -4.30 -36.40 18.92
CA ILE B 205 -3.87 -37.73 19.31
C ILE B 205 -4.08 -38.70 18.15
N PHE B 206 -5.26 -38.62 17.53
CA PHE B 206 -5.60 -39.49 16.44
C PHE B 206 -4.68 -39.19 15.27
N GLY B 207 -4.51 -37.90 14.96
CA GLY B 207 -3.74 -37.44 13.83
C GLY B 207 -2.36 -38.09 13.82
N VAL B 208 -1.61 -37.84 14.90
CA VAL B 208 -0.26 -38.38 15.09
C VAL B 208 -0.33 -39.89 14.98
N SER B 209 -1.23 -40.48 15.77
CA SER B 209 -1.46 -41.90 15.80
C SER B 209 -1.64 -42.43 14.38
N TRP B 210 -2.47 -41.74 13.60
CA TRP B 210 -2.85 -42.21 12.28
C TRP B 210 -1.68 -42.04 11.29
N PHE B 211 -1.03 -40.89 11.36
CA PHE B 211 0.03 -40.57 10.42
C PHE B 211 1.14 -41.60 10.56
N LEU B 212 1.51 -41.89 11.80
CA LEU B 212 2.65 -42.74 12.12
C LEU B 212 2.40 -44.14 11.59
N SER B 213 1.16 -44.60 11.73
CA SER B 213 0.78 -45.94 11.31
C SER B 213 0.59 -46.00 9.79
N GLN B 214 -0.04 -44.96 9.22
CA GLN B 214 -0.51 -45.03 7.85
C GLN B 214 0.52 -44.47 6.87
N VAL B 215 1.03 -43.27 7.13
CA VAL B 215 1.81 -42.56 6.12
C VAL B 215 3.31 -42.72 6.38
N ALA B 216 3.71 -42.62 7.65
CA ALA B 216 5.12 -42.56 8.03
C ALA B 216 5.93 -43.71 7.41
N PRO B 217 5.46 -44.98 7.48
CA PRO B 217 6.27 -46.12 7.02
C PRO B 217 6.63 -46.09 5.53
N ASN B 218 5.84 -45.37 4.72
CA ASN B 218 5.96 -45.44 3.28
C ASN B 218 6.67 -44.18 2.78
N LEU B 219 7.69 -43.73 3.52
CA LEU B 219 8.41 -42.52 3.21
C LEU B 219 9.91 -42.69 3.49
N ASP B 220 10.68 -41.71 3.00
CA ASP B 220 12.14 -41.76 2.99
C ASP B 220 12.68 -41.36 4.36
N MET C 1 9.05 10.85 -23.71
CA MET C 1 8.26 12.09 -23.45
C MET C 1 7.95 12.77 -24.78
N GLU C 2 8.98 12.89 -25.63
CA GLU C 2 8.96 13.74 -26.81
C GLU C 2 8.20 13.04 -27.94
N ARG C 3 7.22 12.22 -27.58
CA ARG C 3 6.50 11.39 -28.54
C ARG C 3 5.05 11.83 -28.58
N ILE C 4 4.69 12.60 -29.63
CA ILE C 4 3.33 13.06 -29.81
C ILE C 4 2.80 12.52 -31.13
N GLU C 5 1.65 11.85 -31.08
CA GLU C 5 0.99 11.39 -32.30
C GLU C 5 -0.39 12.02 -32.35
N GLY C 6 -0.94 12.07 -33.57
CA GLY C 6 -2.31 12.47 -33.83
C GLY C 6 -2.65 13.82 -33.20
N ALA C 7 -1.78 14.81 -33.40
CA ALA C 7 -2.05 16.15 -32.91
C ALA C 7 -3.20 16.76 -33.71
N SER C 8 -4.19 17.31 -32.99
CA SER C 8 -5.38 17.88 -33.62
C SER C 8 -5.85 19.10 -32.85
N VAL C 9 -6.19 20.16 -33.59
CA VAL C 9 -6.62 21.42 -33.01
C VAL C 9 -8.16 21.46 -33.01
N GLY C 10 -8.74 21.87 -31.87
CA GLY C 10 -10.19 21.98 -31.72
C GLY C 10 -10.58 23.31 -31.08
N ARG C 11 -11.82 23.74 -31.35
CA ARG C 11 -12.34 25.00 -30.84
C ARG C 11 -12.68 24.83 -29.35
N CYS C 12 -12.17 25.76 -28.53
CA CYS C 12 -12.39 25.70 -27.08
C CYS C 12 -13.54 26.65 -26.74
N ALA C 13 -14.55 26.13 -26.01
CA ALA C 13 -15.67 26.93 -25.56
C ALA C 13 -15.50 27.21 -24.07
N ALA C 14 -15.53 26.15 -23.27
CA ALA C 14 -15.37 26.24 -21.83
C ALA C 14 -14.07 25.57 -21.40
N SER C 15 -13.50 26.11 -20.34
CA SER C 15 -12.20 25.73 -19.80
C SER C 15 -11.99 26.48 -18.50
N PRO C 16 -11.29 25.89 -17.49
CA PRO C 16 -11.01 26.58 -16.24
C PRO C 16 -10.02 27.72 -16.37
N TYR C 17 -9.03 27.56 -17.26
CA TYR C 17 -7.92 28.48 -17.43
C TYR C 17 -8.33 29.64 -18.34
N LEU C 18 -9.29 29.37 -19.24
CA LEU C 18 -9.66 30.26 -20.33
C LEU C 18 -10.46 31.46 -19.85
N ARG C 19 -11.79 31.34 -19.90
CA ARG C 19 -12.74 32.31 -19.36
C ARG C 19 -12.40 33.73 -19.84
N PRO C 20 -12.48 34.01 -21.16
CA PRO C 20 -12.26 35.35 -21.68
C PRO C 20 -13.41 36.30 -21.41
N LEU C 21 -13.09 37.59 -21.27
CA LEU C 21 -14.08 38.62 -20.96
C LEU C 21 -13.76 39.91 -21.72
N THR C 22 -14.71 40.85 -21.71
CA THR C 22 -14.53 42.17 -22.31
C THR C 22 -14.82 43.23 -21.25
N LEU C 23 -13.84 44.14 -21.06
CA LEU C 23 -13.95 45.19 -20.05
C LEU C 23 -14.29 46.52 -20.72
N HIS C 24 -15.48 47.04 -20.38
CA HIS C 24 -15.97 48.31 -20.90
C HIS C 24 -15.70 49.38 -19.84
N TYR C 25 -15.15 50.52 -20.29
CA TYR C 25 -14.70 51.55 -19.39
C TYR C 25 -14.59 52.87 -20.15
N ARG C 26 -14.75 53.97 -19.40
CA ARG C 26 -14.51 55.29 -19.95
C ARG C 26 -13.15 55.78 -19.44
N GLN C 27 -12.19 55.83 -20.36
CA GLN C 27 -10.87 56.37 -20.07
C GLN C 27 -10.82 57.83 -20.53
N ASN C 28 -10.52 58.73 -19.58
CA ASN C 28 -10.24 60.12 -19.86
C ASN C 28 -11.46 60.71 -20.59
N GLY C 29 -12.62 60.10 -20.35
CA GLY C 29 -13.88 60.49 -20.98
C GLY C 29 -14.36 59.47 -22.02
N ALA C 30 -13.41 58.95 -22.82
CA ALA C 30 -13.68 58.13 -23.99
C ALA C 30 -14.02 56.68 -23.59
N GLN C 31 -15.18 56.21 -24.06
CA GLN C 31 -15.68 54.87 -23.81
C GLN C 31 -14.94 53.87 -24.70
N LYS C 32 -14.35 52.85 -24.08
CA LYS C 32 -13.62 51.81 -24.80
C LYS C 32 -13.96 50.45 -24.20
N SER C 33 -13.48 49.39 -24.86
CA SER C 33 -13.57 48.03 -24.33
C SER C 33 -12.35 47.22 -24.77
N TRP C 34 -11.97 46.24 -23.94
CA TRP C 34 -10.78 45.44 -24.19
C TRP C 34 -11.10 43.96 -23.99
N ASP C 35 -10.42 43.12 -24.77
CA ASP C 35 -10.59 41.68 -24.72
C ASP C 35 -9.39 41.07 -23.99
N PHE C 36 -9.68 40.26 -22.96
CA PHE C 36 -8.68 39.71 -22.04
C PHE C 36 -9.29 38.46 -21.40
N MET C 37 -8.51 37.79 -20.54
CA MET C 37 -9.04 36.58 -19.90
C MET C 37 -8.70 36.56 -18.42
N LYS C 38 -9.69 36.13 -17.63
CA LYS C 38 -9.47 35.68 -16.27
C LYS C 38 -8.50 34.50 -16.33
N THR C 39 -7.26 34.74 -15.87
CA THR C 39 -6.23 33.71 -15.85
C THR C 39 -5.56 33.68 -14.48
N HIS C 40 -4.86 32.58 -14.22
CA HIS C 40 -4.39 32.28 -12.88
C HIS C 40 -3.02 32.90 -12.68
N ASP C 41 -2.76 33.33 -11.44
CA ASP C 41 -1.42 33.67 -11.00
C ASP C 41 -0.57 32.41 -11.00
N SER C 42 0.73 32.58 -10.70
CA SER C 42 1.69 31.49 -10.82
C SER C 42 2.93 31.80 -9.99
N VAL C 43 3.71 30.75 -9.69
CA VAL C 43 4.99 30.89 -9.00
C VAL C 43 6.05 30.06 -9.69
N THR C 44 7.29 30.56 -9.65
CA THR C 44 8.44 29.91 -10.28
C THR C 44 9.57 29.83 -9.27
N VAL C 45 10.45 28.85 -9.45
CA VAL C 45 11.50 28.55 -8.51
C VAL C 45 12.79 28.25 -9.25
N LEU C 46 13.87 28.84 -8.75
CA LEU C 46 15.18 28.45 -9.23
C LEU C 46 15.87 27.66 -8.14
N LEU C 47 16.38 26.48 -8.53
CA LEU C 47 17.12 25.65 -7.61
C LEU C 47 18.59 25.70 -7.99
N PHE C 48 19.44 25.86 -6.97
CA PHE C 48 20.87 25.72 -7.17
C PHE C 48 21.41 24.57 -6.31
N ASN C 49 21.69 23.44 -6.96
CA ASN C 49 22.30 22.29 -6.30
C ASN C 49 23.78 22.61 -6.07
N SER C 50 24.11 22.98 -4.83
CA SER C 50 25.46 23.38 -4.46
C SER C 50 26.43 22.20 -4.57
N SER C 51 25.91 20.99 -4.33
CA SER C 51 26.69 19.77 -4.32
C SER C 51 27.16 19.40 -5.72
N ARG C 52 26.42 19.82 -6.75
CA ARG C 52 26.74 19.49 -8.13
C ARG C 52 27.15 20.74 -8.90
N ARG C 53 26.93 21.91 -8.29
CA ARG C 53 27.24 23.21 -8.91
C ARG C 53 26.45 23.36 -10.21
N SER C 54 25.16 22.95 -10.16
CA SER C 54 24.24 23.00 -11.29
C SER C 54 22.97 23.76 -10.89
N LEU C 55 22.27 24.33 -11.89
CA LEU C 55 20.97 24.92 -11.66
C LEU C 55 19.89 23.95 -12.12
N VAL C 56 18.69 24.08 -11.56
CA VAL C 56 17.66 23.08 -11.76
C VAL C 56 16.44 23.67 -12.46
N LEU C 57 16.14 23.07 -13.63
CA LEU C 57 15.14 23.54 -14.57
C LEU C 57 14.28 22.37 -15.02
N VAL C 58 13.18 22.70 -15.71
CA VAL C 58 12.22 21.71 -16.18
C VAL C 58 12.08 21.82 -17.71
N LYS C 59 12.49 20.76 -18.40
CA LYS C 59 12.24 20.63 -19.82
C LYS C 59 11.00 19.75 -19.99
N GLN C 60 10.00 20.27 -20.70
CA GLN C 60 8.77 19.53 -20.93
C GLN C 60 8.14 20.00 -22.24
N PHE C 61 7.24 19.18 -22.78
CA PHE C 61 6.45 19.55 -23.92
C PHE C 61 5.36 20.52 -23.48
N ARG C 62 5.22 21.62 -24.22
CA ARG C 62 4.12 22.54 -24.07
C ARG C 62 3.29 22.51 -25.34
N PRO C 63 2.00 22.15 -25.25
CA PRO C 63 1.12 22.14 -26.42
C PRO C 63 1.02 23.50 -27.09
N ALA C 64 0.85 24.55 -26.27
CA ALA C 64 0.76 25.92 -26.75
C ALA C 64 1.94 26.21 -27.68
N VAL C 65 3.16 25.90 -27.21
CA VAL C 65 4.39 26.17 -27.95
C VAL C 65 4.41 25.33 -29.22
N TYR C 66 4.05 24.05 -29.10
CA TYR C 66 4.07 23.13 -30.22
C TYR C 66 3.19 23.64 -31.35
N ALA C 67 1.96 24.05 -31.03
CA ALA C 67 1.01 24.56 -32.01
C ALA C 67 1.52 25.90 -32.58
N GLY C 68 2.25 26.65 -31.76
CA GLY C 68 2.89 27.89 -32.17
C GLY C 68 3.90 27.64 -33.28
N GLU C 69 4.74 26.60 -33.09
CA GLU C 69 5.79 26.26 -34.04
C GLU C 69 5.21 25.74 -35.35
N VAL C 70 4.02 25.13 -35.28
CA VAL C 70 3.35 24.58 -36.45
C VAL C 70 2.80 25.72 -37.31
N GLU C 71 2.38 26.81 -36.65
CA GLU C 71 1.81 27.96 -37.34
C GLU C 71 2.90 28.73 -38.09
N ARG C 72 4.08 28.87 -37.45
CA ARG C 72 5.23 29.49 -38.11
C ARG C 72 5.60 28.68 -39.33
N ARG C 73 5.65 27.37 -39.17
CA ARG C 73 6.25 26.50 -40.18
C ARG C 73 5.22 26.14 -41.26
N PHE C 74 3.93 26.20 -40.92
CA PHE C 74 2.87 25.97 -41.88
C PHE C 74 1.72 26.93 -41.58
N PRO C 75 1.78 28.20 -42.03
CA PRO C 75 0.78 29.21 -41.66
C PRO C 75 -0.64 28.80 -42.01
N GLY C 76 -1.62 29.34 -41.26
CA GLY C 76 -3.03 29.13 -41.51
C GLY C 76 -3.55 27.82 -40.92
N SER C 77 -2.62 26.90 -40.63
CA SER C 77 -2.93 25.63 -40.00
C SER C 77 -3.91 25.84 -38.86
N LEU C 78 -3.72 26.95 -38.14
CA LEU C 78 -4.63 27.37 -37.09
C LEU C 78 -5.70 28.29 -37.69
N ALA C 79 -6.35 27.79 -38.75
CA ALA C 79 -7.61 28.34 -39.22
C ALA C 79 -8.69 27.99 -38.21
N ALA C 80 -9.70 28.85 -38.08
CA ALA C 80 -10.70 28.71 -37.03
C ALA C 80 -11.44 27.40 -37.19
N VAL C 81 -11.56 26.63 -36.09
CA VAL C 81 -12.23 25.34 -36.11
C VAL C 81 -13.70 25.57 -36.42
N ASP C 82 -14.10 25.20 -37.64
CA ASP C 82 -15.48 25.24 -38.06
C ASP C 82 -15.86 23.86 -38.60
N GLN C 83 -16.21 22.97 -37.68
CA GLN C 83 -16.34 21.55 -37.93
C GLN C 83 -17.13 20.95 -36.77
N ASP C 84 -17.50 19.68 -36.91
CA ASP C 84 -18.23 18.96 -35.86
C ASP C 84 -17.28 18.71 -34.70
N GLY C 85 -15.96 18.71 -35.00
CA GLY C 85 -14.95 18.45 -33.99
C GLY C 85 -13.58 19.02 -34.38
N PRO C 86 -12.49 18.46 -33.82
CA PRO C 86 -11.14 18.96 -34.08
C PRO C 86 -10.62 18.69 -35.49
N ARG C 87 -9.78 19.62 -35.97
CA ARG C 87 -8.98 19.42 -37.18
C ARG C 87 -7.72 18.66 -36.81
N GLU C 88 -7.37 17.66 -37.63
CA GLU C 88 -6.09 16.98 -37.46
C GLU C 88 -4.98 17.91 -37.93
N LEU C 89 -3.82 17.90 -37.22
CA LEU C 89 -2.69 18.69 -37.67
C LEU C 89 -1.94 17.94 -38.77
N GLN C 90 -2.12 18.44 -39.99
CA GLN C 90 -1.51 17.98 -41.21
C GLN C 90 -1.02 19.25 -41.90
N PRO C 91 0.29 19.54 -42.02
CA PRO C 91 1.33 18.59 -41.62
C PRO C 91 1.70 18.66 -40.14
N ALA C 92 2.32 17.58 -39.65
CA ALA C 92 2.64 17.41 -38.25
C ALA C 92 4.14 17.60 -38.04
N LEU C 93 4.53 18.41 -37.05
CA LEU C 93 5.93 18.55 -36.66
C LEU C 93 6.32 17.47 -35.65
N PRO C 94 7.62 17.21 -35.40
CA PRO C 94 8.03 16.26 -34.37
C PRO C 94 7.70 16.75 -32.96
N GLY C 95 7.48 15.81 -32.05
CA GLY C 95 7.16 16.13 -30.66
C GLY C 95 8.13 17.16 -30.08
N SER C 96 9.36 17.14 -30.61
CA SER C 96 10.47 17.92 -30.11
C SER C 96 10.31 19.40 -30.40
N ALA C 97 9.20 19.77 -31.07
CA ALA C 97 8.97 21.15 -31.48
C ALA C 97 8.24 21.92 -30.37
N GLY C 98 7.51 21.20 -29.52
CA GLY C 98 6.80 21.85 -28.43
C GLY C 98 7.59 21.81 -27.12
N VAL C 99 8.80 21.22 -27.16
CA VAL C 99 9.58 20.96 -25.96
C VAL C 99 10.39 22.20 -25.55
N THR C 100 10.14 22.68 -24.33
CA THR C 100 10.72 23.92 -23.81
C THR C 100 11.54 23.63 -22.55
N VAL C 101 12.54 24.47 -22.30
CA VAL C 101 13.23 24.55 -21.02
C VAL C 101 12.64 25.72 -20.24
N GLU C 102 12.22 25.46 -18.99
CA GLU C 102 11.57 26.47 -18.18
C GLU C 102 12.07 26.39 -16.74
N LEU C 103 11.72 27.41 -15.94
CA LEU C 103 11.85 27.33 -14.49
C LEU C 103 10.78 26.40 -13.94
N CYS C 104 11.09 25.77 -12.80
CA CYS C 104 10.08 25.03 -12.06
C CYS C 104 8.93 25.99 -11.77
N ALA C 105 7.68 25.57 -12.00
CA ALA C 105 6.55 26.49 -11.99
C ALA C 105 5.26 25.80 -11.59
N GLY C 106 4.25 26.60 -11.21
CA GLY C 106 2.90 26.11 -10.93
C GLY C 106 1.90 27.25 -10.77
N LEU C 107 0.61 26.93 -10.97
CA LEU C 107 -0.49 27.87 -10.80
C LEU C 107 -0.72 28.14 -9.32
N VAL C 108 -1.35 29.28 -9.03
CA VAL C 108 -1.80 29.60 -7.69
C VAL C 108 -3.32 29.37 -7.62
N ASP C 109 -3.70 28.10 -7.46
CA ASP C 109 -5.10 27.71 -7.42
C ASP C 109 -5.54 27.36 -6.00
N GLN C 110 -4.87 26.35 -5.43
CA GLN C 110 -5.24 25.80 -4.13
C GLN C 110 -5.52 26.93 -3.16
N PRO C 111 -6.76 27.02 -2.61
CA PRO C 111 -7.17 28.18 -1.84
C PRO C 111 -6.49 28.26 -0.48
N GLY C 112 -5.72 29.34 -0.29
CA GLY C 112 -5.08 29.64 0.98
C GLY C 112 -3.57 29.69 0.87
N LEU C 113 -2.99 28.64 0.30
CA LEU C 113 -1.56 28.35 0.28
C LEU C 113 -0.75 29.64 0.12
N SER C 114 0.20 29.85 1.04
CA SER C 114 1.23 30.86 0.86
C SER C 114 2.06 30.47 -0.36
N LEU C 115 2.36 31.44 -1.21
CA LEU C 115 3.06 31.19 -2.45
C LEU C 115 4.19 30.18 -2.23
N GLU C 116 4.98 30.41 -1.18
CA GLU C 116 6.12 29.57 -0.87
C GLU C 116 5.70 28.10 -0.89
N GLU C 117 4.53 27.80 -0.33
CA GLU C 117 4.08 26.43 -0.26
C GLU C 117 3.83 25.89 -1.66
N VAL C 118 3.20 26.70 -2.52
CA VAL C 118 2.92 26.32 -3.88
C VAL C 118 4.24 26.09 -4.61
N ALA C 119 5.30 26.76 -4.13
CA ALA C 119 6.63 26.63 -4.70
C ALA C 119 7.26 25.31 -4.31
N CYS C 120 7.31 25.03 -2.99
CA CYS C 120 7.92 23.82 -2.44
C CYS C 120 7.18 22.58 -2.93
N LYS C 121 5.90 22.78 -3.26
CA LYS C 121 5.04 21.78 -3.86
C LYS C 121 5.57 21.41 -5.24
N GLU C 122 5.66 22.40 -6.13
CA GLU C 122 6.10 22.17 -7.49
C GLU C 122 7.52 21.64 -7.50
N ALA C 123 8.35 22.18 -6.61
CA ALA C 123 9.73 21.78 -6.45
C ALA C 123 9.83 20.31 -6.04
N TRP C 124 8.87 19.85 -5.24
CA TRP C 124 8.81 18.42 -4.96
C TRP C 124 8.33 17.67 -6.20
N GLU C 125 7.17 18.06 -6.71
CA GLU C 125 6.47 17.32 -7.76
C GLU C 125 7.29 17.31 -9.04
N GLU C 126 7.80 18.47 -9.45
CA GLU C 126 8.46 18.57 -10.74
C GLU C 126 9.89 18.04 -10.67
N CYS C 127 10.64 18.44 -9.65
CA CYS C 127 12.09 18.22 -9.62
C CYS C 127 12.50 17.10 -8.67
N GLY C 128 11.64 16.78 -7.69
CA GLY C 128 11.96 15.75 -6.72
C GLY C 128 12.93 16.28 -5.69
N TYR C 129 12.68 17.54 -5.27
CA TYR C 129 13.49 18.23 -4.29
C TYR C 129 12.64 18.65 -3.09
N HIS C 130 13.07 18.25 -1.89
CA HIS C 130 12.36 18.66 -0.69
C HIS C 130 12.76 20.08 -0.33
N LEU C 131 11.75 20.93 -0.11
CA LEU C 131 11.94 22.34 0.18
C LEU C 131 11.07 22.80 1.35
N ALA C 132 11.62 23.75 2.12
CA ALA C 132 10.89 24.36 3.22
C ALA C 132 10.65 25.83 2.92
N PRO C 133 9.40 26.32 3.07
CA PRO C 133 9.05 27.71 2.78
C PRO C 133 9.99 28.76 3.39
N SER C 134 10.81 28.37 4.37
CA SER C 134 11.75 29.30 4.96
C SER C 134 12.98 29.44 4.06
N ASP C 135 13.28 28.37 3.32
CA ASP C 135 14.45 28.31 2.44
C ASP C 135 14.35 29.34 1.31
N LEU C 136 13.12 29.59 0.84
CA LEU C 136 12.86 30.34 -0.38
C LEU C 136 13.10 31.83 -0.15
N ARG C 137 13.61 32.48 -1.20
CA ARG C 137 13.94 33.89 -1.20
C ARG C 137 13.22 34.54 -2.39
N ARG C 138 12.33 35.49 -2.10
CA ARG C 138 11.65 36.21 -3.18
C ARG C 138 12.71 36.85 -4.07
N VAL C 139 12.55 36.66 -5.38
CA VAL C 139 13.42 37.27 -6.37
C VAL C 139 12.68 38.46 -6.97
N ALA C 140 11.50 38.22 -7.55
CA ALA C 140 10.72 39.30 -8.11
C ALA C 140 9.25 38.91 -8.24
N THR C 141 8.40 39.93 -8.39
CA THR C 141 6.99 39.80 -8.71
C THR C 141 6.64 40.77 -9.84
N TYR C 142 5.87 40.29 -10.83
CA TYR C 142 5.58 41.04 -12.04
C TYR C 142 4.44 40.39 -12.79
N TRP C 143 3.92 41.08 -13.81
CA TRP C 143 2.75 40.63 -14.54
C TRP C 143 3.19 39.94 -15.82
N SER C 144 2.41 38.95 -16.23
CA SER C 144 2.82 38.09 -17.32
C SER C 144 2.00 38.35 -18.58
N GLY C 145 0.70 38.59 -18.44
CA GLY C 145 -0.13 38.74 -19.62
C GLY C 145 -0.09 40.15 -20.19
N VAL C 146 -0.43 41.12 -19.34
CA VAL C 146 -0.45 42.55 -19.63
C VAL C 146 -1.34 42.85 -20.84
N GLY C 147 -1.11 42.13 -21.94
CA GLY C 147 -1.95 42.24 -23.12
C GLY C 147 -3.32 41.62 -22.86
N LEU C 148 -3.33 40.29 -22.68
CA LEU C 148 -4.56 39.54 -22.69
C LEU C 148 -4.85 38.93 -21.32
N THR C 149 -3.88 39.03 -20.42
CA THR C 149 -4.02 38.43 -19.11
C THR C 149 -3.46 39.38 -18.07
N GLY C 150 -4.25 39.64 -17.03
CA GLY C 150 -3.71 40.37 -15.89
C GLY C 150 -3.30 39.40 -14.80
N SER C 151 -2.32 38.53 -15.12
CA SER C 151 -1.87 37.55 -14.15
C SER C 151 -0.51 37.94 -13.60
N ARG C 152 -0.37 37.80 -12.28
CA ARG C 152 0.88 38.02 -11.61
C ARG C 152 1.67 36.73 -11.60
N GLN C 153 3.00 36.87 -11.65
CA GLN C 153 3.85 35.75 -11.32
C GLN C 153 4.87 36.20 -10.27
N THR C 154 5.18 35.30 -9.33
CA THR C 154 6.20 35.55 -8.33
C THR C 154 7.34 34.55 -8.54
N MET C 155 8.59 35.02 -8.40
CA MET C 155 9.73 34.14 -8.57
C MET C 155 10.51 34.02 -7.25
N PHE C 156 10.94 32.78 -6.96
CA PHE C 156 11.72 32.46 -5.76
C PHE C 156 12.94 31.65 -6.14
N TYR C 157 14.00 31.82 -5.36
CA TYR C 157 15.22 31.04 -5.50
C TYR C 157 15.62 30.49 -4.15
N THR C 158 16.19 29.28 -4.16
CA THR C 158 16.80 28.68 -2.99
C THR C 158 17.91 27.72 -3.42
N GLU C 159 18.90 27.58 -2.53
CA GLU C 159 20.01 26.65 -2.74
C GLU C 159 19.58 25.29 -2.24
N VAL C 160 20.13 24.23 -2.87
CA VAL C 160 19.83 22.86 -2.48
C VAL C 160 21.12 22.04 -2.46
N THR C 161 21.03 20.88 -1.80
CA THR C 161 22.07 19.87 -1.77
C THR C 161 21.45 18.57 -2.27
N ASP C 162 22.28 17.63 -2.74
CA ASP C 162 21.78 16.34 -3.19
C ASP C 162 20.98 15.67 -2.09
N ALA C 163 21.07 16.22 -0.87
CA ALA C 163 20.43 15.66 0.32
C ALA C 163 18.92 15.89 0.28
N GLN C 164 18.47 16.87 -0.51
CA GLN C 164 17.07 17.20 -0.59
C GLN C 164 16.48 16.57 -1.85
N ARG C 165 17.35 16.19 -2.79
CA ARG C 165 16.94 15.51 -4.00
C ARG C 165 17.02 14.01 -3.76
N SER C 166 15.88 13.32 -3.86
CA SER C 166 15.91 11.86 -3.85
C SER C 166 14.77 11.27 -4.66
N GLY C 167 13.77 12.09 -4.98
CA GLY C 167 12.49 11.64 -5.49
C GLY C 167 12.63 10.46 -6.43
N LEU C 178 5.02 13.40 -17.54
CA LEU C 178 6.47 13.13 -17.62
C LEU C 178 7.20 14.39 -18.07
N ILE C 179 7.87 15.03 -17.11
CA ILE C 179 8.67 16.24 -17.27
C ILE C 179 10.13 15.88 -16.97
N GLU C 180 11.06 16.41 -17.77
CA GLU C 180 12.49 16.21 -17.55
C GLU C 180 12.96 17.19 -16.48
N VAL C 181 14.03 16.81 -15.78
CA VAL C 181 14.75 17.74 -14.92
C VAL C 181 16.09 18.04 -15.60
N VAL C 182 16.54 19.28 -15.48
CA VAL C 182 17.73 19.68 -16.19
C VAL C 182 18.70 20.33 -15.21
N HIS C 183 19.75 19.59 -14.88
CA HIS C 183 20.85 20.14 -14.10
C HIS C 183 21.78 20.87 -15.06
N LEU C 184 21.68 22.20 -15.07
CA LEU C 184 22.55 23.02 -15.90
C LEU C 184 23.81 23.34 -15.11
N PRO C 185 24.98 22.77 -15.50
CA PRO C 185 26.26 23.16 -14.91
C PRO C 185 26.58 24.63 -15.15
N LEU C 186 27.19 25.27 -14.15
CA LEU C 186 27.28 26.72 -14.10
C LEU C 186 28.20 27.30 -15.16
N GLU C 187 29.31 26.60 -15.44
CA GLU C 187 30.24 27.02 -16.49
C GLU C 187 29.48 27.33 -17.78
N GLY C 188 28.59 26.41 -18.17
CA GLY C 188 27.89 26.49 -19.44
C GLY C 188 26.61 27.31 -19.36
N ALA C 189 26.22 27.69 -18.14
CA ALA C 189 24.93 28.31 -17.89
C ALA C 189 24.72 29.52 -18.80
N GLN C 190 25.73 30.40 -18.84
CA GLN C 190 25.60 31.67 -19.54
C GLN C 190 25.40 31.40 -21.03
N ALA C 191 26.35 30.65 -21.60
CA ALA C 191 26.32 30.24 -22.99
C ALA C 191 24.97 29.61 -23.34
N PHE C 192 24.45 28.79 -22.41
CA PHE C 192 23.22 28.03 -22.60
C PHE C 192 22.04 28.98 -22.76
N ALA C 193 21.94 29.94 -21.83
CA ALA C 193 20.86 30.92 -21.82
C ALA C 193 20.82 31.63 -23.17
N ASP C 194 21.99 32.04 -23.64
CA ASP C 194 22.16 32.88 -24.83
C ASP C 194 21.73 32.16 -26.10
N ASP C 195 21.95 30.84 -26.13
CA ASP C 195 21.78 30.03 -27.33
C ASP C 195 20.31 30.01 -27.75
N PRO C 196 19.97 30.53 -28.96
CA PRO C 196 18.59 30.62 -29.41
C PRO C 196 17.99 29.33 -29.94
N ASP C 197 18.83 28.28 -29.99
CA ASP C 197 18.43 26.97 -30.48
C ASP C 197 17.51 26.30 -29.46
N ILE C 198 17.66 26.70 -28.20
CA ILE C 198 16.88 26.12 -27.11
C ILE C 198 15.66 26.99 -26.85
N PRO C 199 14.41 26.47 -27.05
CA PRO C 199 13.22 27.21 -26.65
C PRO C 199 13.14 27.37 -25.13
N LYS C 200 13.22 28.62 -24.66
CA LYS C 200 13.21 28.90 -23.22
C LYS C 200 12.30 30.09 -22.92
N THR C 201 11.93 30.26 -21.63
CA THR C 201 11.17 31.44 -21.25
C THR C 201 12.16 32.52 -20.82
N LEU C 202 11.66 33.76 -20.79
CA LEU C 202 12.43 34.87 -20.31
C LEU C 202 12.79 34.62 -18.85
N GLY C 203 11.88 33.96 -18.15
CA GLY C 203 12.19 33.44 -16.82
C GLY C 203 13.57 32.80 -16.82
N VAL C 204 13.73 31.74 -17.62
CA VAL C 204 14.96 30.97 -17.70
C VAL C 204 16.13 31.94 -17.86
N ILE C 205 16.00 32.84 -18.84
CA ILE C 205 17.06 33.76 -19.23
C ILE C 205 17.37 34.71 -18.08
N PHE C 206 16.31 35.24 -17.46
CA PHE C 206 16.46 36.16 -16.37
C PHE C 206 17.11 35.44 -15.19
N GLY C 207 16.58 34.24 -14.88
CA GLY C 207 17.03 33.45 -13.75
C GLY C 207 18.55 33.31 -13.75
N VAL C 208 19.07 32.72 -14.83
CA VAL C 208 20.50 32.49 -15.03
C VAL C 208 21.21 33.84 -14.91
N SER C 209 20.73 34.79 -15.70
CA SER C 209 21.25 36.14 -15.74
C SER C 209 21.37 36.69 -14.31
N TRP C 210 20.31 36.52 -13.53
CA TRP C 210 20.23 37.11 -12.20
C TRP C 210 21.14 36.38 -11.23
N PHE C 211 21.12 35.05 -11.29
CA PHE C 211 21.87 34.24 -10.34
C PHE C 211 23.35 34.56 -10.48
N LEU C 212 23.82 34.63 -11.73
CA LEU C 212 25.22 34.78 -12.05
C LEU C 212 25.72 36.12 -11.52
N SER C 213 24.89 37.15 -11.66
CA SER C 213 25.23 38.49 -11.24
C SER C 213 25.10 38.64 -9.73
N GLN C 214 24.04 38.07 -9.16
CA GLN C 214 23.65 38.37 -7.78
C GLN C 214 24.26 37.37 -6.80
N VAL C 215 24.09 36.06 -7.06
CA VAL C 215 24.41 35.07 -6.04
C VAL C 215 25.78 34.45 -6.31
N ALA C 216 26.08 34.17 -7.58
CA ALA C 216 27.26 33.41 -7.96
C ALA C 216 28.54 33.99 -7.35
N PRO C 217 28.78 35.32 -7.41
CA PRO C 217 30.04 35.90 -6.92
C PRO C 217 30.33 35.69 -5.44
N ASN C 218 29.28 35.46 -4.64
CA ASN C 218 29.42 35.43 -3.19
C ASN C 218 29.41 33.98 -2.70
N LEU C 219 30.07 33.09 -3.46
CA LEU C 219 30.09 31.67 -3.18
C LEU C 219 31.45 31.08 -3.54
N ASP C 220 31.57 29.75 -3.48
CA ASP C 220 32.82 29.01 -3.59
C ASP C 220 33.18 28.82 -5.06
N MET D 1 -36.54 -49.62 17.71
CA MET D 1 -35.78 -48.49 18.30
C MET D 1 -35.72 -47.31 17.32
N GLU D 2 -35.42 -47.61 16.06
CA GLU D 2 -35.12 -46.61 15.05
C GLU D 2 -36.40 -45.94 14.54
N ARG D 3 -37.41 -45.86 15.41
CA ARG D 3 -38.73 -45.38 15.06
C ARG D 3 -39.00 -44.03 15.73
N ILE D 4 -38.89 -42.95 14.95
CA ILE D 4 -39.05 -41.59 15.43
C ILE D 4 -40.18 -40.93 14.68
N GLU D 5 -41.11 -40.34 15.43
CA GLU D 5 -42.20 -39.59 14.83
C GLU D 5 -42.14 -38.16 15.34
N GLY D 6 -42.79 -37.26 14.60
CA GLY D 6 -43.16 -35.93 15.08
C GLY D 6 -41.96 -35.15 15.61
N ALA D 7 -40.88 -35.13 14.82
CA ALA D 7 -39.76 -34.26 15.15
C ALA D 7 -40.17 -32.79 14.99
N SER D 8 -39.88 -31.99 16.03
CA SER D 8 -40.19 -30.57 16.02
C SER D 8 -39.10 -29.79 16.75
N VAL D 9 -38.67 -28.69 16.13
CA VAL D 9 -37.60 -27.87 16.66
C VAL D 9 -38.22 -26.69 17.41
N GLY D 10 -37.71 -26.40 18.62
CA GLY D 10 -38.27 -25.34 19.46
C GLY D 10 -37.18 -24.53 20.14
N ARG D 11 -37.49 -23.27 20.46
CA ARG D 11 -36.57 -22.39 21.17
C ARG D 11 -36.50 -22.78 22.64
N CYS D 12 -35.28 -22.95 23.15
CA CYS D 12 -35.03 -23.45 24.49
C CYS D 12 -34.83 -22.28 25.45
N ALA D 13 -35.52 -22.35 26.59
CA ALA D 13 -35.37 -21.36 27.65
C ALA D 13 -34.44 -21.86 28.76
N ALA D 14 -34.83 -22.94 29.43
CA ALA D 14 -34.02 -23.53 30.49
C ALA D 14 -33.56 -24.92 30.08
N SER D 15 -32.39 -25.32 30.56
CA SER D 15 -31.93 -26.68 30.31
C SER D 15 -30.82 -27.04 31.29
N PRO D 16 -30.78 -28.30 31.78
CA PRO D 16 -29.73 -28.74 32.69
C PRO D 16 -28.35 -28.88 32.01
N TYR D 17 -28.37 -29.30 30.73
CA TYR D 17 -27.19 -29.62 29.97
C TYR D 17 -26.57 -28.35 29.38
N LEU D 18 -27.43 -27.34 29.13
CA LEU D 18 -27.10 -26.17 28.35
C LEU D 18 -26.19 -25.20 29.11
N ARG D 19 -26.80 -24.23 29.79
CA ARG D 19 -26.12 -23.24 30.61
C ARG D 19 -24.95 -22.60 29.87
N PRO D 20 -25.22 -21.87 28.75
CA PRO D 20 -24.18 -21.13 28.04
C PRO D 20 -23.75 -19.86 28.76
N LEU D 21 -22.51 -19.45 28.54
CA LEU D 21 -21.93 -18.27 29.19
C LEU D 21 -21.03 -17.52 28.21
N THR D 22 -20.65 -16.28 28.58
CA THR D 22 -19.72 -15.47 27.79
C THR D 22 -18.56 -15.04 28.69
N LEU D 23 -17.33 -15.34 28.25
CA LEU D 23 -16.12 -15.03 29.00
C LEU D 23 -15.43 -13.80 28.42
N HIS D 24 -15.37 -12.73 29.23
CA HIS D 24 -14.73 -11.47 28.86
C HIS D 24 -13.33 -11.45 29.47
N TYR D 25 -12.35 -11.08 28.66
CA TYR D 25 -10.95 -11.17 29.06
C TYR D 25 -10.10 -10.26 28.16
N ARG D 26 -8.97 -9.79 28.70
CA ARG D 26 -8.01 -9.05 27.91
C ARG D 26 -6.84 -9.97 27.59
N GLN D 27 -6.75 -10.37 26.31
CA GLN D 27 -5.64 -11.16 25.83
C GLN D 27 -4.61 -10.24 25.19
N ASN D 28 -3.38 -10.28 25.71
CA ASN D 28 -2.22 -9.65 25.08
C ASN D 28 -2.52 -8.15 24.95
N GLY D 29 -3.42 -7.66 25.81
CA GLY D 29 -3.86 -6.28 25.81
C GLY D 29 -5.31 -6.13 25.36
N ALA D 30 -5.66 -6.88 24.30
CA ALA D 30 -6.92 -6.73 23.59
C ALA D 30 -8.08 -7.40 24.34
N GLN D 31 -9.14 -6.61 24.59
CA GLN D 31 -10.34 -7.06 25.26
C GLN D 31 -11.20 -7.85 24.29
N LYS D 32 -11.54 -9.09 24.68
CA LYS D 32 -12.36 -9.96 23.86
C LYS D 32 -13.39 -10.67 24.73
N SER D 33 -14.32 -11.37 24.08
CA SER D 33 -15.26 -12.24 24.77
C SER D 33 -15.58 -13.45 23.90
N TRP D 34 -15.92 -14.57 24.55
CA TRP D 34 -16.15 -15.83 23.87
C TRP D 34 -17.43 -16.48 24.39
N ASP D 35 -18.11 -17.18 23.49
CA ASP D 35 -19.35 -17.86 23.81
C ASP D 35 -19.08 -19.36 23.91
N PHE D 36 -19.50 -19.96 25.04
CA PHE D 36 -19.21 -21.34 25.41
C PHE D 36 -20.26 -21.80 26.41
N MET D 37 -20.17 -23.05 26.84
CA MET D 37 -21.14 -23.56 27.79
C MET D 37 -20.47 -24.37 28.89
N LYS D 38 -20.96 -24.14 30.11
CA LYS D 38 -20.71 -25.04 31.22
C LYS D 38 -21.25 -26.41 30.84
N THR D 39 -20.34 -27.36 30.60
CA THR D 39 -20.74 -28.72 30.23
C THR D 39 -19.93 -29.72 31.07
N HIS D 40 -20.44 -30.95 31.10
CA HIS D 40 -19.85 -31.97 31.96
C HIS D 40 -18.70 -32.68 31.27
N ASP D 41 -17.74 -33.11 32.07
CA ASP D 41 -16.75 -34.09 31.66
C ASP D 41 -17.44 -35.42 31.35
N SER D 42 -16.66 -36.39 30.86
CA SER D 42 -17.21 -37.64 30.37
C SER D 42 -16.13 -38.72 30.34
N VAL D 43 -16.57 -39.99 30.26
CA VAL D 43 -15.68 -41.13 30.11
C VAL D 43 -16.22 -42.09 29.06
N THR D 44 -15.29 -42.74 28.35
CA THR D 44 -15.60 -43.68 27.29
C THR D 44 -14.82 -44.97 27.51
N VAL D 45 -15.36 -46.06 26.98
CA VAL D 45 -14.81 -47.39 27.23
C VAL D 45 -14.85 -48.18 25.92
N LEU D 46 -13.73 -48.84 25.65
CA LEU D 46 -13.73 -49.81 24.57
C LEU D 46 -13.66 -51.21 25.17
N LEU D 47 -14.58 -52.05 24.74
CA LEU D 47 -14.62 -53.42 25.18
C LEU D 47 -14.15 -54.31 24.04
N PHE D 48 -13.28 -55.27 24.37
CA PHE D 48 -12.91 -56.30 23.43
C PHE D 48 -13.31 -57.67 23.97
N ASN D 49 -14.38 -58.23 23.43
CA ASN D 49 -14.83 -59.57 23.76
C ASN D 49 -13.89 -60.57 23.09
N SER D 50 -12.96 -61.12 23.89
CA SER D 50 -11.95 -62.03 23.37
C SER D 50 -12.58 -63.34 22.89
N SER D 51 -13.70 -63.72 23.53
CA SER D 51 -14.40 -64.97 23.25
C SER D 51 -15.08 -64.93 21.88
N ARG D 52 -15.42 -63.73 21.41
CA ARG D 52 -16.12 -63.57 20.14
C ARG D 52 -15.22 -62.88 19.12
N ARG D 53 -14.10 -62.34 19.59
CA ARG D 53 -13.15 -61.59 18.77
C ARG D 53 -13.85 -60.39 18.12
N SER D 54 -14.68 -59.70 18.93
CA SER D 54 -15.46 -58.54 18.51
C SER D 54 -15.18 -57.37 19.45
N LEU D 55 -15.38 -56.15 18.96
CA LEU D 55 -15.32 -54.96 19.80
C LEU D 55 -16.74 -54.54 20.14
N VAL D 56 -16.88 -53.82 21.27
CA VAL D 56 -18.21 -53.54 21.79
C VAL D 56 -18.49 -52.04 21.84
N LEU D 57 -19.56 -51.67 21.13
CA LEU D 57 -19.94 -50.30 20.85
C LEU D 57 -21.44 -50.12 21.13
N VAL D 58 -21.86 -48.85 21.15
CA VAL D 58 -23.24 -48.50 21.39
C VAL D 58 -23.80 -47.71 20.20
N LYS D 59 -24.79 -48.31 19.54
CA LYS D 59 -25.54 -47.63 18.51
C LYS D 59 -26.85 -47.13 19.13
N GLN D 60 -27.08 -45.82 19.01
CA GLN D 60 -28.30 -45.24 19.54
C GLN D 60 -28.66 -44.01 18.70
N PHE D 61 -29.93 -43.60 18.79
CA PHE D 61 -30.38 -42.36 18.17
C PHE D 61 -29.90 -41.18 19.02
N ARG D 62 -29.31 -40.19 18.36
CA ARG D 62 -29.00 -38.92 18.99
C ARG D 62 -29.84 -37.85 18.31
N PRO D 63 -30.70 -37.13 19.06
CA PRO D 63 -31.51 -36.05 18.50
C PRO D 63 -30.66 -34.95 17.87
N ALA D 64 -29.60 -34.55 18.58
CA ALA D 64 -28.68 -33.53 18.11
C ALA D 64 -28.20 -33.88 16.70
N VAL D 65 -27.75 -35.13 16.51
CA VAL D 65 -27.22 -35.59 15.24
C VAL D 65 -28.33 -35.60 14.20
N TYR D 66 -29.51 -36.08 14.57
CA TYR D 66 -30.63 -36.18 13.66
C TYR D 66 -30.98 -34.81 13.07
N ALA D 67 -31.11 -33.81 13.95
CA ALA D 67 -31.41 -32.44 13.55
C ALA D 67 -30.27 -31.84 12.71
N GLY D 68 -29.04 -32.28 13.02
CA GLY D 68 -27.86 -31.89 12.27
C GLY D 68 -27.95 -32.36 10.82
N GLU D 69 -28.36 -33.62 10.63
CA GLU D 69 -28.45 -34.23 9.31
C GLU D 69 -29.56 -33.58 8.48
N VAL D 70 -30.58 -33.06 9.16
CA VAL D 70 -31.71 -32.42 8.49
C VAL D 70 -31.28 -31.06 7.95
N GLU D 71 -30.37 -30.40 8.68
CA GLU D 71 -29.89 -29.07 8.30
C GLU D 71 -28.96 -29.18 7.09
N ARG D 72 -28.11 -30.21 7.06
CA ARG D 72 -27.24 -30.46 5.92
C ARG D 72 -28.10 -30.72 4.69
N ARG D 73 -29.13 -31.55 4.85
CA ARG D 73 -29.85 -32.08 3.72
C ARG D 73 -30.95 -31.11 3.27
N PHE D 74 -31.41 -30.25 4.19
CA PHE D 74 -32.37 -29.22 3.87
C PHE D 74 -32.02 -27.95 4.65
N PRO D 75 -31.06 -27.13 4.17
CA PRO D 75 -30.59 -25.98 4.93
C PRO D 75 -31.69 -25.01 5.32
N GLY D 76 -31.48 -24.26 6.41
CA GLY D 76 -32.39 -23.23 6.86
C GLY D 76 -33.56 -23.79 7.68
N SER D 77 -33.81 -25.10 7.54
CA SER D 77 -34.82 -25.81 8.31
C SER D 77 -34.77 -25.36 9.76
N LEU D 78 -33.55 -25.13 10.26
CA LEU D 78 -33.31 -24.60 11.58
C LEU D 78 -33.27 -23.07 11.53
N ALA D 79 -34.29 -22.48 10.88
CA ALA D 79 -34.61 -21.07 11.03
C ALA D 79 -35.19 -20.87 12.42
N ALA D 80 -35.00 -19.67 12.98
CA ALA D 80 -35.42 -19.36 14.33
C ALA D 80 -36.93 -19.58 14.50
N GLN D 90 -38.86 -30.58 11.22
CA GLN D 90 -40.23 -31.13 11.12
C GLN D 90 -40.31 -31.86 9.79
N PRO D 91 -39.23 -32.60 9.46
CA PRO D 91 -39.02 -33.13 8.12
C PRO D 91 -39.52 -34.55 7.89
N ALA D 92 -39.09 -35.12 6.76
CA ALA D 92 -39.38 -36.50 6.41
C ALA D 92 -38.22 -37.43 6.76
N LEU D 93 -37.10 -36.90 7.27
CA LEU D 93 -35.87 -37.70 7.37
C LEU D 93 -36.12 -38.95 8.21
N PRO D 94 -35.60 -40.14 7.81
CA PRO D 94 -35.89 -41.36 8.55
C PRO D 94 -35.19 -41.37 9.91
N GLY D 95 -35.77 -42.08 10.88
CA GLY D 95 -35.20 -42.20 12.22
C GLY D 95 -33.72 -42.55 12.16
N SER D 96 -33.34 -43.27 11.10
CA SER D 96 -32.02 -43.85 10.91
C SER D 96 -30.98 -42.78 10.62
N ALA D 97 -31.40 -41.51 10.57
CA ALA D 97 -30.48 -40.42 10.25
C ALA D 97 -29.82 -39.87 11.51
N GLY D 98 -30.47 -40.05 12.65
CA GLY D 98 -29.89 -39.59 13.91
C GLY D 98 -29.14 -40.70 14.64
N VAL D 99 -29.14 -41.90 14.07
CA VAL D 99 -28.61 -43.10 14.70
C VAL D 99 -27.10 -43.17 14.50
N THR D 100 -26.37 -43.20 15.63
CA THR D 100 -24.92 -43.14 15.63
C THR D 100 -24.35 -44.39 16.28
N VAL D 101 -23.15 -44.75 15.84
CA VAL D 101 -22.32 -45.74 16.51
C VAL D 101 -21.29 -44.98 17.34
N GLU D 102 -21.20 -45.32 18.63
CA GLU D 102 -20.33 -44.60 19.55
C GLU D 102 -19.65 -45.60 20.46
N LEU D 103 -18.65 -45.10 21.21
CA LEU D 103 -18.08 -45.84 22.32
C LEU D 103 -19.06 -45.81 23.47
N CYS D 104 -19.01 -46.84 24.31
CA CYS D 104 -19.72 -46.83 25.57
C CYS D 104 -19.26 -45.58 26.34
N ALA D 105 -20.21 -44.81 26.90
CA ALA D 105 -19.88 -43.48 27.39
C ALA D 105 -20.83 -43.05 28.51
N GLY D 106 -20.40 -42.04 29.27
CA GLY D 106 -21.23 -41.43 30.30
C GLY D 106 -20.62 -40.12 30.84
N LEU D 107 -21.48 -39.28 31.41
CA LEU D 107 -21.08 -38.02 32.03
C LEU D 107 -20.37 -38.31 33.33
N VAL D 108 -19.56 -37.34 33.78
CA VAL D 108 -18.98 -37.36 35.10
C VAL D 108 -19.72 -36.31 35.94
N ASP D 109 -21.00 -36.56 36.24
CA ASP D 109 -21.84 -35.67 37.00
C ASP D 109 -21.62 -36.23 38.39
N GLN D 110 -20.56 -35.69 39.02
CA GLN D 110 -19.62 -36.46 39.84
C GLN D 110 -19.93 -36.27 41.32
N PRO D 111 -20.16 -37.37 42.09
CA PRO D 111 -20.03 -37.31 43.54
C PRO D 111 -18.56 -37.20 43.97
N GLY D 112 -17.66 -37.18 42.98
CA GLY D 112 -16.25 -37.52 43.18
C GLY D 112 -15.82 -38.85 42.58
N LEU D 113 -16.76 -39.72 42.14
CA LEU D 113 -16.49 -41.00 41.52
C LEU D 113 -15.20 -41.00 40.72
N SER D 114 -14.33 -41.99 41.03
CA SER D 114 -13.19 -42.28 40.18
C SER D 114 -13.72 -42.68 38.82
N LEU D 115 -13.09 -42.08 37.78
CA LEU D 115 -13.59 -42.22 36.44
C LEU D 115 -13.91 -43.68 36.17
N GLU D 116 -12.98 -44.57 36.59
CA GLU D 116 -13.13 -46.00 36.34
C GLU D 116 -14.52 -46.45 36.74
N GLU D 117 -15.01 -45.96 37.88
CA GLU D 117 -16.30 -46.40 38.37
C GLU D 117 -17.40 -45.96 37.41
N VAL D 118 -17.31 -44.71 36.95
CA VAL D 118 -18.29 -44.16 36.02
C VAL D 118 -18.24 -44.97 34.72
N ALA D 119 -17.08 -45.58 34.45
CA ALA D 119 -16.87 -46.38 33.27
C ALA D 119 -17.58 -47.73 33.41
N CYS D 120 -17.28 -48.44 34.51
CA CYS D 120 -17.81 -49.77 34.77
C CYS D 120 -19.32 -49.72 34.95
N LYS D 121 -19.79 -48.54 35.36
CA LYS D 121 -21.20 -48.21 35.48
C LYS D 121 -21.85 -48.24 34.09
N GLU D 122 -21.35 -47.41 33.19
CA GLU D 122 -21.91 -47.31 31.85
C GLU D 122 -21.79 -48.65 31.14
N ALA D 123 -20.65 -49.30 31.34
CA ALA D 123 -20.36 -50.61 30.75
C ALA D 123 -21.36 -51.66 31.22
N TRP D 124 -21.81 -51.53 32.47
CA TRP D 124 -22.89 -52.39 32.91
C TRP D 124 -24.20 -51.96 32.26
N GLU D 125 -24.55 -50.67 32.45
CA GLU D 125 -25.86 -50.16 32.07
C GLU D 125 -26.06 -50.23 30.56
N GLU D 126 -25.06 -49.80 29.79
CA GLU D 126 -25.22 -49.70 28.35
C GLU D 126 -25.07 -51.06 27.68
N CYS D 127 -24.02 -51.81 28.04
CA CYS D 127 -23.61 -52.99 27.29
C CYS D 127 -24.01 -54.30 27.98
N GLY D 128 -24.23 -54.25 29.30
CA GLY D 128 -24.56 -55.44 30.05
C GLY D 128 -23.32 -56.28 30.29
N TYR D 129 -22.21 -55.58 30.59
CA TYR D 129 -20.92 -56.20 30.85
C TYR D 129 -20.44 -55.83 32.26
N HIS D 130 -20.11 -56.86 33.05
CA HIS D 130 -19.58 -56.62 34.38
C HIS D 130 -18.10 -56.27 34.26
N LEU D 131 -17.74 -55.15 34.89
CA LEU D 131 -16.40 -54.59 34.85
C LEU D 131 -15.93 -54.19 36.24
N ALA D 132 -14.63 -54.40 36.47
CA ALA D 132 -13.99 -53.99 37.70
C ALA D 132 -12.97 -52.89 37.40
N PRO D 133 -13.01 -51.77 38.16
CA PRO D 133 -12.10 -50.66 37.95
C PRO D 133 -10.62 -51.02 37.80
N SER D 134 -10.25 -52.23 38.20
CA SER D 134 -8.87 -52.67 38.05
C SER D 134 -8.62 -53.14 36.62
N ASP D 135 -9.67 -53.62 35.95
CA ASP D 135 -9.61 -54.14 34.59
C ASP D 135 -9.21 -53.05 33.60
N LEU D 136 -9.68 -51.81 33.86
CA LEU D 136 -9.62 -50.72 32.92
C LEU D 136 -8.19 -50.19 32.79
N ARG D 137 -7.85 -49.77 31.56
CA ARG D 137 -6.54 -49.25 31.22
C ARG D 137 -6.74 -47.89 30.56
N ARG D 138 -6.19 -46.83 31.18
CA ARG D 138 -6.28 -45.51 30.58
C ARG D 138 -5.69 -45.57 29.17
N VAL D 139 -6.42 -45.01 28.21
CA VAL D 139 -5.95 -44.89 26.85
C VAL D 139 -5.49 -43.46 26.62
N ALA D 140 -6.39 -42.50 26.82
CA ALA D 140 -6.03 -41.10 26.66
C ALA D 140 -7.01 -40.19 27.41
N THR D 141 -6.57 -38.95 27.63
CA THR D 141 -7.37 -37.86 28.16
C THR D 141 -7.15 -36.61 27.29
N TYR D 142 -8.24 -35.91 26.94
CA TYR D 142 -8.21 -34.79 26.02
C TYR D 142 -9.53 -34.01 26.12
N TRP D 143 -9.57 -32.86 25.45
CA TRP D 143 -10.71 -31.96 25.54
C TRP D 143 -11.60 -32.18 24.33
N SER D 144 -12.90 -32.02 24.55
CA SER D 144 -13.87 -32.41 23.54
C SER D 144 -14.52 -31.21 22.88
N GLY D 145 -14.81 -30.16 23.65
CA GLY D 145 -15.50 -29.02 23.08
C GLY D 145 -14.54 -28.05 22.38
N VAL D 146 -13.56 -27.55 23.14
CA VAL D 146 -12.54 -26.60 22.72
C VAL D 146 -13.18 -25.34 22.14
N GLY D 147 -14.09 -25.53 21.17
CA GLY D 147 -14.87 -24.43 20.61
C GLY D 147 -15.87 -23.91 21.63
N LEU D 148 -16.85 -24.74 21.99
CA LEU D 148 -18.00 -24.29 22.73
C LEU D 148 -18.04 -24.89 24.13
N THR D 149 -17.17 -25.85 24.39
CA THR D 149 -17.18 -26.56 25.65
C THR D 149 -15.74 -26.81 26.06
N GLY D 150 -15.40 -26.45 27.30
CA GLY D 150 -14.13 -26.85 27.85
C GLY D 150 -14.30 -28.10 28.70
N SER D 151 -14.73 -29.19 28.06
CA SER D 151 -14.97 -30.43 28.77
C SER D 151 -13.87 -31.43 28.46
N ARG D 152 -13.41 -32.10 29.51
CA ARG D 152 -12.44 -33.18 29.37
C ARG D 152 -13.16 -34.48 29.12
N GLN D 153 -12.53 -35.35 28.35
CA GLN D 153 -13.00 -36.72 28.26
C GLN D 153 -11.82 -37.65 28.50
N THR D 154 -12.07 -38.75 29.20
CA THR D 154 -11.06 -39.77 29.43
C THR D 154 -11.50 -41.06 28.77
N MET D 155 -10.57 -41.76 28.12
CA MET D 155 -10.91 -43.01 27.46
C MET D 155 -10.17 -44.18 28.11
N PHE D 156 -10.91 -45.30 28.27
CA PHE D 156 -10.39 -46.52 28.85
C PHE D 156 -10.72 -47.71 27.94
N TYR D 157 -9.85 -48.71 27.98
CA TYR D 157 -10.08 -49.95 27.29
C TYR D 157 -9.84 -51.11 28.25
N THR D 158 -10.62 -52.18 28.07
CA THR D 158 -10.42 -53.44 28.78
C THR D 158 -10.94 -54.59 27.93
N GLU D 159 -10.32 -55.77 28.11
CA GLU D 159 -10.72 -56.99 27.45
C GLU D 159 -11.84 -57.63 28.25
N VAL D 160 -12.74 -58.34 27.55
CA VAL D 160 -13.84 -59.04 28.20
C VAL D 160 -14.00 -60.43 27.61
N THR D 161 -14.73 -61.28 28.34
CA THR D 161 -15.13 -62.61 27.90
C THR D 161 -16.65 -62.66 28.00
N ASP D 162 -17.29 -63.59 27.28
CA ASP D 162 -18.74 -63.73 27.35
C ASP D 162 -19.17 -63.97 28.79
N ALA D 163 -18.20 -64.24 29.66
CA ALA D 163 -18.45 -64.57 31.06
C ALA D 163 -18.86 -63.34 31.85
N GLN D 164 -18.55 -62.15 31.33
CA GLN D 164 -18.86 -60.91 32.00
C GLN D 164 -20.13 -60.30 31.40
N ARG D 165 -20.47 -60.77 30.19
CA ARG D 165 -21.70 -60.34 29.54
C ARG D 165 -22.81 -61.32 29.89
N SER D 166 -23.86 -60.83 30.55
CA SER D 166 -24.94 -61.73 30.94
C SER D 166 -26.25 -60.98 31.11
N GLY D 167 -26.26 -59.69 30.78
CA GLY D 167 -27.46 -58.86 30.81
C GLY D 167 -28.76 -59.66 30.77
N PRO D 168 -29.38 -59.86 29.58
CA PRO D 168 -30.56 -60.72 29.44
C PRO D 168 -30.21 -62.18 29.22
N GLU D 177 -33.54 -49.55 28.67
CA GLU D 177 -32.54 -49.10 27.67
C GLU D 177 -33.15 -49.16 26.26
N LEU D 178 -32.94 -48.08 25.50
CA LEU D 178 -33.26 -48.06 24.08
C LEU D 178 -32.00 -47.84 23.25
N ILE D 179 -30.91 -48.46 23.70
CA ILE D 179 -29.59 -48.40 23.09
C ILE D 179 -29.22 -49.80 22.58
N GLU D 180 -28.72 -49.88 21.36
CA GLU D 180 -28.23 -51.13 20.78
C GLU D 180 -26.82 -51.38 21.31
N VAL D 181 -26.43 -52.65 21.35
CA VAL D 181 -25.03 -53.03 21.53
C VAL D 181 -24.52 -53.58 20.20
N VAL D 182 -23.27 -53.27 19.87
CA VAL D 182 -22.75 -53.63 18.57
C VAL D 182 -21.43 -54.38 18.74
N HIS D 183 -21.49 -55.69 18.51
CA HIS D 183 -20.30 -56.51 18.45
C HIS D 183 -19.69 -56.37 17.05
N LEU D 184 -18.64 -55.55 16.94
CA LEU D 184 -17.94 -55.38 15.68
C LEU D 184 -16.85 -56.45 15.56
N PRO D 185 -17.01 -57.45 14.67
CA PRO D 185 -15.95 -58.41 14.39
C PRO D 185 -14.69 -57.74 13.84
N LEU D 186 -13.53 -58.26 14.24
CA LEU D 186 -12.26 -57.55 14.07
C LEU D 186 -11.84 -57.45 12.61
N GLU D 187 -12.07 -58.52 11.84
CA GLU D 187 -11.76 -58.53 10.42
C GLU D 187 -12.31 -57.26 9.76
N GLY D 188 -13.58 -56.96 10.03
CA GLY D 188 -14.29 -55.87 9.37
C GLY D 188 -14.09 -54.53 10.07
N ALA D 189 -13.46 -54.55 11.24
CA ALA D 189 -13.35 -53.39 12.10
C ALA D 189 -12.76 -52.21 11.33
N GLN D 190 -11.64 -52.46 10.64
CA GLN D 190 -10.90 -51.40 9.98
C GLN D 190 -11.77 -50.75 8.91
N ALA D 191 -12.25 -51.59 7.99
CA ALA D 191 -13.14 -51.20 6.92
C ALA D 191 -14.32 -50.39 7.46
N PHE D 192 -14.86 -50.86 8.60
CA PHE D 192 -16.05 -50.28 9.23
C PHE D 192 -15.77 -48.85 9.66
N ALA D 193 -14.65 -48.66 10.38
CA ALA D 193 -14.25 -47.37 10.89
C ALA D 193 -14.19 -46.36 9.74
N ASP D 194 -13.58 -46.79 8.63
CA ASP D 194 -13.25 -45.94 7.49
C ASP D 194 -14.52 -45.48 6.77
N ASP D 195 -15.54 -46.33 6.75
CA ASP D 195 -16.74 -46.14 5.95
C ASP D 195 -17.51 -44.92 6.43
N PRO D 196 -17.68 -43.88 5.58
CA PRO D 196 -18.32 -42.63 5.99
C PRO D 196 -19.85 -42.69 6.01
N ASP D 197 -20.41 -43.83 5.60
CA ASP D 197 -21.84 -44.06 5.58
C ASP D 197 -22.37 -44.18 7.00
N ILE D 198 -21.50 -44.61 7.91
CA ILE D 198 -21.87 -44.83 9.30
C ILE D 198 -21.54 -43.58 10.10
N PRO D 199 -22.54 -42.89 10.70
CA PRO D 199 -22.26 -41.82 11.65
C PRO D 199 -21.58 -42.35 12.92
N LYS D 200 -20.34 -41.92 13.15
CA LYS D 200 -19.55 -42.37 14.29
C LYS D 200 -18.84 -41.20 14.97
N THR D 201 -18.36 -41.40 16.19
CA THR D 201 -17.54 -40.38 16.84
C THR D 201 -16.08 -40.64 16.50
N LEU D 202 -15.25 -39.61 16.69
CA LEU D 202 -13.82 -39.76 16.50
C LEU D 202 -13.30 -40.78 17.50
N GLY D 203 -13.94 -40.78 18.68
CA GLY D 203 -13.72 -41.87 19.62
C GLY D 203 -13.69 -43.21 18.90
N VAL D 204 -14.82 -43.57 18.28
CA VAL D 204 -14.98 -44.84 17.59
C VAL D 204 -13.78 -45.07 16.67
N ILE D 205 -13.48 -44.05 15.85
CA ILE D 205 -12.45 -44.12 14.81
C ILE D 205 -11.09 -44.32 15.45
N PHE D 206 -10.83 -43.52 16.49
CA PHE D 206 -9.56 -43.60 17.17
C PHE D 206 -9.42 -44.96 17.85
N GLY D 207 -10.49 -45.36 18.55
CA GLY D 207 -10.52 -46.60 19.30
C GLY D 207 -10.04 -47.77 18.46
N VAL D 208 -10.75 -48.02 17.36
CA VAL D 208 -10.46 -49.09 16.41
C VAL D 208 -9.02 -48.91 15.94
N SER D 209 -8.74 -47.71 15.45
CA SER D 209 -7.43 -47.34 14.97
C SER D 209 -6.36 -47.73 15.99
N TRP D 210 -6.61 -47.38 17.25
CA TRP D 210 -5.63 -47.56 18.31
C TRP D 210 -5.49 -49.02 18.68
N PHE D 211 -6.62 -49.71 18.81
CA PHE D 211 -6.63 -51.09 19.25
C PHE D 211 -5.83 -51.94 18.28
N LEU D 212 -6.08 -51.71 16.97
CA LEU D 212 -5.53 -52.53 15.91
C LEU D 212 -4.01 -52.38 15.90
N SER D 213 -3.55 -51.14 16.12
CA SER D 213 -2.13 -50.84 16.11
C SER D 213 -1.47 -51.31 17.40
N GLN D 214 -2.13 -51.09 18.54
CA GLN D 214 -1.50 -51.22 19.83
C GLN D 214 -1.69 -52.62 20.42
N VAL D 215 -2.95 -53.10 20.47
CA VAL D 215 -3.24 -54.29 21.24
C VAL D 215 -3.32 -55.52 20.34
N ALA D 216 -3.93 -55.36 19.16
CA ALA D 216 -4.23 -56.48 18.28
C ALA D 216 -2.99 -57.34 17.99
N PRO D 217 -1.83 -56.75 17.65
CA PRO D 217 -0.65 -57.53 17.26
C PRO D 217 -0.11 -58.48 18.32
N ASN D 218 -0.39 -58.18 19.60
CA ASN D 218 0.23 -58.89 20.71
C ASN D 218 -0.77 -59.88 21.29
N LEU D 219 -1.52 -60.55 20.41
CA LEU D 219 -2.54 -61.49 20.80
C LEU D 219 -2.55 -62.67 19.81
N ASP D 220 -3.45 -63.64 20.04
CA ASP D 220 -3.79 -64.63 19.03
C ASP D 220 -3.75 -63.98 17.63
N MET E 1 19.02 -8.22 -10.18
CA MET E 1 18.36 -9.07 -11.20
C MET E 1 18.76 -8.65 -12.61
N GLU E 2 18.76 -7.32 -12.86
CA GLU E 2 18.83 -6.78 -14.20
C GLU E 2 20.27 -6.81 -14.73
N ARG E 3 21.07 -7.75 -14.20
CA ARG E 3 22.51 -7.79 -14.43
C ARG E 3 22.88 -9.01 -15.26
N ILE E 4 23.11 -8.77 -16.56
CA ILE E 4 23.38 -9.82 -17.54
C ILE E 4 24.74 -9.55 -18.17
N GLU E 5 25.60 -10.57 -18.18
CA GLU E 5 26.90 -10.46 -18.81
C GLU E 5 27.00 -11.53 -19.90
N GLY E 6 27.95 -11.32 -20.81
CA GLY E 6 28.42 -12.34 -21.74
C GLY E 6 27.28 -12.95 -22.54
N ALA E 7 26.43 -12.09 -23.11
CA ALA E 7 25.42 -12.55 -24.05
C ALA E 7 26.09 -13.06 -25.33
N SER E 8 25.72 -14.27 -25.75
CA SER E 8 26.18 -14.87 -27.00
C SER E 8 25.05 -15.73 -27.56
N VAL E 9 24.85 -15.62 -28.88
CA VAL E 9 23.78 -16.32 -29.56
C VAL E 9 24.33 -17.62 -30.18
N GLY E 10 23.60 -18.73 -29.99
CA GLY E 10 24.14 -20.05 -30.25
C GLY E 10 23.12 -20.97 -30.91
N ARG E 11 23.63 -21.91 -31.73
CA ARG E 11 22.79 -22.82 -32.50
C ARG E 11 22.19 -23.88 -31.57
N CYS E 12 20.88 -24.06 -31.65
CA CYS E 12 20.16 -25.02 -30.84
C CYS E 12 19.97 -26.31 -31.64
N ALA E 13 20.30 -27.45 -31.03
CA ALA E 13 19.98 -28.75 -31.60
C ALA E 13 18.72 -29.33 -30.94
N ALA E 14 18.80 -29.62 -29.65
CA ALA E 14 17.71 -30.22 -28.90
C ALA E 14 17.25 -29.26 -27.82
N SER E 15 15.97 -29.35 -27.42
CA SER E 15 15.47 -28.50 -26.35
C SER E 15 14.19 -29.08 -25.77
N PRO E 16 13.97 -28.93 -24.44
CA PRO E 16 12.70 -29.33 -23.84
C PRO E 16 11.52 -28.44 -24.30
N TYR E 17 11.78 -27.14 -24.38
CA TYR E 17 10.94 -26.17 -25.05
C TYR E 17 11.57 -25.98 -26.43
N LEU E 18 11.23 -26.85 -27.40
CA LEU E 18 11.33 -26.53 -28.82
C LEU E 18 10.31 -27.33 -29.64
N ARG E 19 10.79 -28.46 -30.17
CA ARG E 19 10.02 -29.44 -30.92
C ARG E 19 9.20 -28.76 -32.01
N PRO E 20 9.85 -28.13 -33.02
CA PRO E 20 9.14 -27.66 -34.21
C PRO E 20 8.76 -28.79 -35.16
N LEU E 21 7.68 -28.57 -35.92
CA LEU E 21 7.16 -29.56 -36.86
C LEU E 21 6.65 -28.89 -38.14
N THR E 22 6.40 -29.69 -39.17
CA THR E 22 5.82 -29.21 -40.41
C THR E 22 4.56 -30.01 -40.72
N LEU E 23 3.45 -29.31 -40.95
CA LEU E 23 2.16 -29.93 -41.20
C LEU E 23 1.81 -29.85 -42.68
N HIS E 24 1.72 -31.02 -43.32
CA HIS E 24 1.39 -31.15 -44.73
C HIS E 24 -0.09 -31.49 -44.85
N TYR E 25 -0.78 -30.78 -45.74
CA TYR E 25 -2.23 -30.87 -45.85
C TYR E 25 -2.68 -30.35 -47.21
N ARG E 26 -3.83 -30.86 -47.68
CA ARG E 26 -4.45 -30.34 -48.88
C ARG E 26 -5.62 -29.46 -48.48
N GLN E 27 -5.44 -28.14 -48.67
CA GLN E 27 -6.50 -27.18 -48.44
C GLN E 27 -7.19 -26.87 -49.76
N ASN E 28 -8.51 -27.10 -49.78
CA ASN E 28 -9.37 -26.68 -50.87
C ASN E 28 -8.84 -27.30 -52.17
N GLY E 29 -8.12 -28.43 -52.03
CA GLY E 29 -7.50 -29.13 -53.14
C GLY E 29 -5.98 -29.01 -53.13
N ALA E 30 -5.49 -27.79 -52.82
CA ALA E 30 -4.08 -27.43 -52.95
C ALA E 30 -3.25 -27.96 -51.78
N GLN E 31 -2.19 -28.69 -52.11
CA GLN E 31 -1.26 -29.28 -51.15
C GLN E 31 -0.31 -28.20 -50.63
N LYS E 32 -0.27 -28.04 -49.31
CA LYS E 32 0.59 -27.05 -48.66
C LYS E 32 1.25 -27.66 -47.43
N SER E 33 2.17 -26.90 -46.83
CA SER E 33 2.79 -27.27 -45.57
C SER E 33 3.11 -26.02 -44.76
N TRP E 34 3.10 -26.15 -43.43
CA TRP E 34 3.30 -25.03 -42.53
C TRP E 34 4.30 -25.41 -41.45
N ASP E 35 5.06 -24.40 -41.01
CA ASP E 35 6.07 -24.59 -39.97
C ASP E 35 5.56 -23.97 -38.67
N PHE E 36 5.59 -24.78 -37.60
CA PHE E 36 5.01 -24.46 -36.30
C PHE E 36 5.68 -25.31 -35.23
N MET E 37 5.30 -25.12 -33.96
CA MET E 37 5.90 -25.90 -32.90
C MET E 37 4.85 -26.43 -31.93
N LYS E 38 5.05 -27.69 -31.54
CA LYS E 38 4.40 -28.27 -30.38
C LYS E 38 4.77 -27.41 -29.17
N THR E 39 3.80 -26.65 -28.65
CA THR E 39 4.03 -25.81 -27.48
C THR E 39 2.92 -26.02 -26.46
N HIS E 40 3.19 -25.62 -25.21
CA HIS E 40 2.25 -25.82 -24.14
C HIS E 40 1.23 -24.70 -24.07
N ASP E 41 0.04 -25.06 -23.61
CA ASP E 41 -0.95 -24.11 -23.13
C ASP E 41 -0.41 -23.36 -21.91
N SER E 42 -1.17 -22.38 -21.42
CA SER E 42 -0.70 -21.47 -20.38
C SER E 42 -1.88 -20.80 -19.68
N VAL E 43 -1.62 -20.24 -18.49
CA VAL E 43 -2.61 -19.48 -17.75
C VAL E 43 -1.98 -18.21 -17.18
N THR E 44 -2.79 -17.15 -17.10
CA THR E 44 -2.38 -15.85 -16.60
C THR E 44 -3.38 -15.37 -15.57
N VAL E 45 -2.90 -14.50 -14.67
CA VAL E 45 -3.69 -14.06 -13.53
C VAL E 45 -3.47 -12.57 -13.33
N LEU E 46 -4.57 -11.86 -13.12
CA LEU E 46 -4.46 -10.48 -12.69
C LEU E 46 -4.88 -10.40 -11.22
N LEU E 47 -4.02 -9.79 -10.43
CA LEU E 47 -4.30 -9.58 -9.02
C LEU E 47 -4.62 -8.11 -8.80
N PHE E 48 -5.69 -7.85 -8.03
CA PHE E 48 -5.97 -6.51 -7.58
C PHE E 48 -5.93 -6.46 -6.05
N ASN E 49 -4.85 -5.89 -5.51
CA ASN E 49 -4.71 -5.68 -4.08
C ASN E 49 -5.61 -4.50 -3.68
N SER E 50 -6.78 -4.83 -3.11
CA SER E 50 -7.77 -3.82 -2.75
C SER E 50 -7.25 -2.92 -1.63
N SER E 51 -6.39 -3.49 -0.76
CA SER E 51 -5.85 -2.81 0.40
C SER E 51 -4.87 -1.71 -0.01
N ARG E 52 -4.23 -1.87 -1.17
CA ARG E 52 -3.24 -0.92 -1.64
C ARG E 52 -3.73 -0.18 -2.88
N ARG E 53 -4.85 -0.66 -3.45
CA ARG E 53 -5.43 -0.11 -4.66
C ARG E 53 -4.41 -0.17 -5.81
N SER E 54 -3.71 -1.30 -5.90
CA SER E 54 -2.68 -1.57 -6.91
C SER E 54 -3.00 -2.86 -7.64
N LEU E 55 -2.50 -2.99 -8.87
CA LEU E 55 -2.58 -4.24 -9.61
C LEU E 55 -1.24 -4.96 -9.53
N VAL E 56 -1.25 -6.29 -9.67
CA VAL E 56 -0.08 -7.08 -9.39
C VAL E 56 0.41 -7.82 -10.64
N LEU E 57 1.67 -7.53 -10.98
CA LEU E 57 2.32 -7.93 -12.22
C LEU E 57 3.71 -8.48 -11.91
N VAL E 58 4.31 -9.12 -12.92
CA VAL E 58 5.63 -9.70 -12.79
C VAL E 58 6.57 -9.07 -13.82
N LYS E 59 7.58 -8.35 -13.32
CA LYS E 59 8.65 -7.86 -14.14
C LYS E 59 9.84 -8.82 -14.03
N GLN E 60 10.31 -9.32 -15.17
CA GLN E 60 11.44 -10.22 -15.19
C GLN E 60 12.18 -10.06 -16.51
N PHE E 61 13.45 -10.51 -16.52
CA PHE E 61 14.22 -10.57 -17.75
C PHE E 61 13.74 -11.76 -18.59
N ARG E 62 13.48 -11.51 -19.86
CA ARG E 62 13.23 -12.58 -20.82
C ARG E 62 14.36 -12.58 -21.84
N PRO E 63 15.10 -13.70 -21.98
CA PRO E 63 16.18 -13.79 -22.95
C PRO E 63 15.70 -13.57 -24.39
N ALA E 64 14.57 -14.22 -24.73
CA ALA E 64 13.96 -14.09 -26.03
C ALA E 64 13.79 -12.63 -26.39
N VAL E 65 13.21 -11.84 -25.46
CA VAL E 65 12.94 -10.43 -25.68
C VAL E 65 14.25 -9.68 -25.82
N TYR E 66 15.23 -9.97 -24.95
CA TYR E 66 16.51 -9.30 -24.94
C TYR E 66 17.18 -9.42 -26.32
N ALA E 67 17.25 -10.65 -26.83
CA ALA E 67 17.86 -10.94 -28.12
C ALA E 67 17.07 -10.28 -29.25
N GLY E 68 15.75 -10.18 -29.04
CA GLY E 68 14.85 -9.51 -29.97
C GLY E 68 15.20 -8.04 -30.10
N GLU E 69 15.44 -7.37 -28.96
CA GLU E 69 15.74 -5.95 -28.92
C GLU E 69 17.09 -5.65 -29.56
N VAL E 70 18.00 -6.63 -29.49
CA VAL E 70 19.34 -6.47 -30.05
C VAL E 70 19.27 -6.52 -31.59
N GLU E 71 18.33 -7.32 -32.09
CA GLU E 71 18.17 -7.50 -33.53
C GLU E 71 17.53 -6.26 -34.16
N ARG E 72 16.55 -5.67 -33.46
CA ARG E 72 15.94 -4.42 -33.90
C ARG E 72 16.99 -3.34 -33.96
N ARG E 73 17.82 -3.26 -32.90
CA ARG E 73 18.69 -2.12 -32.73
C ARG E 73 19.99 -2.29 -33.49
N PHE E 74 20.35 -3.55 -33.77
CA PHE E 74 21.53 -3.83 -34.59
C PHE E 74 21.23 -5.05 -35.47
N PRO E 75 20.54 -4.86 -36.62
CA PRO E 75 20.09 -5.98 -37.45
C PRO E 75 21.22 -6.90 -37.89
N GLY E 76 20.89 -8.16 -38.15
CA GLY E 76 21.83 -9.14 -38.67
C GLY E 76 22.68 -9.77 -37.57
N SER E 77 22.74 -9.11 -36.41
CA SER E 77 23.44 -9.61 -35.24
C SER E 77 23.14 -11.09 -35.04
N LEU E 78 21.88 -11.47 -35.35
CA LEU E 78 21.46 -12.85 -35.33
C LEU E 78 21.69 -13.48 -36.71
N ALA E 79 22.89 -13.29 -37.27
CA ALA E 79 23.40 -14.08 -38.38
C ALA E 79 23.71 -15.47 -37.84
N ALA E 80 23.61 -16.48 -38.70
CA ALA E 80 23.85 -17.86 -38.33
C ALA E 80 25.27 -18.03 -37.76
N GLU E 88 28.02 -17.51 -31.46
CA GLU E 88 28.49 -16.59 -30.39
C GLU E 88 28.65 -15.20 -30.99
N LEU E 89 28.34 -14.20 -30.19
CA LEU E 89 28.31 -12.81 -30.56
C LEU E 89 28.03 -12.11 -29.25
N GLN E 90 28.62 -10.93 -29.07
CA GLN E 90 28.45 -10.13 -27.87
C GLN E 90 27.76 -8.79 -28.15
N PRO E 91 26.43 -8.76 -27.99
CA PRO E 91 25.67 -7.51 -28.02
C PRO E 91 26.28 -6.40 -27.20
N ALA E 92 26.21 -6.50 -25.86
CA ALA E 92 26.68 -5.47 -24.96
C ALA E 92 25.53 -4.55 -24.52
N LEU E 93 24.32 -4.77 -25.04
CA LEU E 93 23.14 -3.98 -24.67
C LEU E 93 22.77 -4.25 -23.20
N PRO E 94 22.15 -3.28 -22.49
CA PRO E 94 22.01 -3.41 -21.04
C PRO E 94 21.00 -4.48 -20.66
N GLY E 95 21.18 -5.10 -19.48
CA GLY E 95 20.28 -6.15 -19.04
C GLY E 95 18.82 -5.70 -19.11
N SER E 96 18.62 -4.37 -19.00
CA SER E 96 17.33 -3.74 -18.89
C SER E 96 16.57 -3.79 -20.22
N ALA E 97 17.18 -4.38 -21.25
CA ALA E 97 16.57 -4.43 -22.57
C ALA E 97 15.69 -5.67 -22.72
N GLY E 98 16.00 -6.72 -21.94
CA GLY E 98 15.20 -7.93 -22.00
C GLY E 98 14.14 -7.97 -20.92
N VAL E 99 14.08 -6.93 -20.08
CA VAL E 99 13.23 -6.89 -18.91
C VAL E 99 11.81 -6.46 -19.29
N THR E 100 10.84 -7.34 -19.00
CA THR E 100 9.46 -7.16 -19.41
C THR E 100 8.55 -7.11 -18.18
N VAL E 101 7.45 -6.38 -18.33
CA VAL E 101 6.35 -6.42 -17.38
C VAL E 101 5.28 -7.33 -17.98
N GLU E 102 4.84 -8.32 -17.19
CA GLU E 102 3.90 -9.32 -17.68
C GLU E 102 2.85 -9.59 -16.60
N LEU E 103 1.79 -10.31 -17.00
CA LEU E 103 0.87 -10.88 -16.04
C LEU E 103 1.53 -12.08 -15.38
N CYS E 104 1.12 -12.36 -14.15
CA CYS E 104 1.50 -13.60 -13.49
C CYS E 104 1.06 -14.75 -14.41
N ALA E 105 1.95 -15.72 -14.65
CA ALA E 105 1.72 -16.69 -15.71
C ALA E 105 2.42 -18.03 -15.42
N GLY E 106 1.97 -19.08 -16.12
CA GLY E 106 2.60 -20.38 -16.06
C GLY E 106 2.09 -21.33 -17.16
N LEU E 107 2.88 -22.36 -17.48
CA LEU E 107 2.53 -23.40 -18.44
C LEU E 107 1.46 -24.31 -17.82
N VAL E 108 0.72 -25.00 -18.70
CA VAL E 108 -0.19 -26.06 -18.29
C VAL E 108 0.47 -27.39 -18.65
N ASP E 109 1.46 -27.80 -17.84
CA ASP E 109 2.27 -28.97 -18.12
C ASP E 109 1.92 -30.11 -17.17
N GLN E 110 2.05 -29.84 -15.87
CA GLN E 110 1.67 -30.77 -14.81
C GLN E 110 0.36 -31.45 -15.19
N PRO E 111 0.36 -32.80 -15.33
CA PRO E 111 -0.76 -33.51 -15.92
C PRO E 111 -1.98 -33.56 -15.01
N GLY E 112 -3.07 -32.94 -15.47
CA GLY E 112 -4.37 -33.03 -14.81
C GLY E 112 -4.88 -31.66 -14.36
N LEU E 113 -4.01 -30.90 -13.68
CA LEU E 113 -4.36 -29.71 -12.90
C LEU E 113 -5.44 -28.89 -13.61
N SER E 114 -6.52 -28.58 -12.87
CA SER E 114 -7.47 -27.58 -13.31
C SER E 114 -6.74 -26.25 -13.40
N LEU E 115 -7.00 -25.52 -14.49
CA LEU E 115 -6.27 -24.32 -14.79
C LEU E 115 -6.13 -23.48 -13.53
N GLU E 116 -7.24 -23.31 -12.80
CA GLU E 116 -7.28 -22.49 -11.60
C GLU E 116 -6.11 -22.85 -10.70
N GLU E 117 -5.84 -24.15 -10.56
CA GLU E 117 -4.80 -24.59 -9.66
C GLU E 117 -3.44 -24.10 -10.16
N VAL E 118 -3.22 -24.23 -11.47
CA VAL E 118 -1.98 -23.79 -12.09
C VAL E 118 -1.83 -22.28 -11.90
N ALA E 119 -2.98 -21.60 -11.75
CA ALA E 119 -3.02 -20.17 -11.55
C ALA E 119 -2.58 -19.82 -10.12
N CYS E 120 -3.26 -20.42 -9.14
CA CYS E 120 -3.02 -20.16 -7.72
C CYS E 120 -1.60 -20.57 -7.34
N LYS E 121 -1.07 -21.53 -8.11
CA LYS E 121 0.31 -21.98 -8.01
C LYS E 121 1.26 -20.84 -8.36
N GLU E 122 1.13 -20.33 -9.58
CA GLU E 122 2.02 -19.28 -10.06
C GLU E 122 1.85 -18.04 -9.18
N ALA E 123 0.60 -17.76 -8.79
CA ALA E 123 0.27 -16.63 -7.94
C ALA E 123 0.96 -16.74 -6.59
N TRP E 124 1.10 -17.97 -6.09
CA TRP E 124 1.90 -18.16 -4.90
C TRP E 124 3.38 -17.97 -5.21
N GLU E 125 3.87 -18.74 -6.19
CA GLU E 125 5.28 -18.83 -6.48
C GLU E 125 5.84 -17.49 -6.96
N GLU E 126 5.14 -16.85 -7.89
CA GLU E 126 5.65 -15.65 -8.51
C GLU E 126 5.46 -14.43 -7.60
N CYS E 127 4.25 -14.26 -7.05
CA CYS E 127 3.86 -13.02 -6.41
C CYS E 127 3.87 -13.13 -4.87
N GLY E 128 3.76 -14.35 -4.35
CA GLY E 128 3.72 -14.55 -2.91
C GLY E 128 2.33 -14.19 -2.38
N TYR E 129 1.31 -14.61 -3.14
CA TYR E 129 -0.08 -14.36 -2.81
C TYR E 129 -0.82 -15.70 -2.70
N HIS E 130 -1.50 -15.90 -1.56
CA HIS E 130 -2.29 -17.11 -1.37
C HIS E 130 -3.62 -16.93 -2.09
N LEU E 131 -3.94 -17.93 -2.91
CA LEU E 131 -5.14 -17.91 -3.75
C LEU E 131 -5.87 -19.25 -3.69
N ALA E 132 -7.20 -19.17 -3.73
CA ALA E 132 -8.04 -20.35 -3.76
C ALA E 132 -8.77 -20.41 -5.10
N PRO E 133 -8.76 -21.57 -5.79
CA PRO E 133 -9.39 -21.72 -7.08
C PRO E 133 -10.83 -21.21 -7.18
N SER E 134 -11.48 -20.99 -6.03
CA SER E 134 -12.83 -20.45 -6.06
C SER E 134 -12.79 -18.94 -6.27
N ASP E 135 -11.71 -18.31 -5.83
CA ASP E 135 -11.53 -16.86 -5.92
C ASP E 135 -11.49 -16.39 -7.37
N LEU E 136 -10.91 -17.22 -8.25
CA LEU E 136 -10.56 -16.85 -9.60
C LEU E 136 -11.81 -16.76 -10.46
N ARG E 137 -11.78 -15.80 -11.40
CA ARG E 137 -12.87 -15.51 -12.31
C ARG E 137 -12.30 -15.55 -13.73
N ARG E 138 -12.82 -16.47 -14.56
CA ARG E 138 -12.39 -16.53 -15.95
C ARG E 138 -12.62 -15.16 -16.59
N VAL E 139 -11.60 -14.66 -17.28
CA VAL E 139 -11.70 -13.42 -18.03
C VAL E 139 -11.86 -13.74 -19.50
N ALA E 140 -10.91 -14.49 -20.06
CA ALA E 140 -11.01 -14.91 -21.45
C ALA E 140 -10.13 -16.12 -21.72
N THR E 141 -10.41 -16.78 -22.85
CA THR E 141 -9.60 -17.85 -23.42
C THR E 141 -9.40 -17.58 -24.92
N TYR E 142 -8.17 -17.76 -25.40
CA TYR E 142 -7.80 -17.40 -26.76
C TYR E 142 -6.45 -18.02 -27.10
N TRP E 143 -6.05 -17.93 -28.37
CA TRP E 143 -4.85 -18.55 -28.86
C TRP E 143 -3.72 -17.53 -28.92
N SER E 144 -2.51 -18.02 -28.65
CA SER E 144 -1.39 -17.12 -28.48
C SER E 144 -0.42 -17.19 -29.66
N GLY E 145 -0.17 -18.38 -30.19
CA GLY E 145 0.82 -18.50 -31.24
C GLY E 145 0.27 -18.14 -32.62
N VAL E 146 -0.80 -18.86 -33.01
CA VAL E 146 -1.53 -18.69 -34.27
C VAL E 146 -0.59 -18.82 -35.47
N GLY E 147 0.51 -18.06 -35.45
CA GLY E 147 1.53 -18.13 -36.47
C GLY E 147 2.31 -19.43 -36.35
N LEU E 148 3.08 -19.54 -35.25
CA LEU E 148 4.07 -20.58 -35.12
C LEU E 148 3.72 -21.55 -33.98
N THR E 149 2.65 -21.26 -33.25
CA THR E 149 2.38 -22.03 -32.05
C THR E 149 1.01 -22.70 -31.98
N GLY E 150 -0.09 -21.95 -32.02
CA GLY E 150 -1.37 -22.58 -31.81
C GLY E 150 -1.52 -23.20 -30.41
N SER E 151 -1.17 -22.42 -29.40
CA SER E 151 -1.36 -22.76 -27.99
C SER E 151 -2.49 -21.90 -27.45
N ARG E 152 -3.29 -22.49 -26.57
CA ARG E 152 -4.35 -21.75 -25.90
C ARG E 152 -3.80 -21.10 -24.63
N GLN E 153 -4.35 -19.93 -24.31
CA GLN E 153 -4.07 -19.33 -23.03
C GLN E 153 -5.40 -18.95 -22.39
N THR E 154 -5.49 -19.14 -21.07
CA THR E 154 -6.67 -18.75 -20.32
C THR E 154 -6.27 -17.66 -19.33
N MET E 155 -7.12 -16.63 -19.21
CA MET E 155 -6.82 -15.55 -18.27
C MET E 155 -7.85 -15.50 -17.15
N PHE E 156 -7.36 -15.28 -15.93
CA PHE E 156 -8.18 -15.19 -14.73
C PHE E 156 -7.83 -13.92 -13.95
N TYR E 157 -8.83 -13.39 -13.25
CA TYR E 157 -8.64 -12.27 -12.38
C TYR E 157 -9.28 -12.59 -11.02
N THR E 158 -8.65 -12.07 -9.96
CA THR E 158 -9.21 -12.12 -8.62
C THR E 158 -8.69 -10.94 -7.80
N GLU E 159 -9.50 -10.50 -6.84
CA GLU E 159 -9.14 -9.44 -5.93
C GLU E 159 -8.37 -10.04 -4.76
N VAL E 160 -7.45 -9.25 -4.18
CA VAL E 160 -6.66 -9.70 -3.05
C VAL E 160 -6.58 -8.59 -2.01
N THR E 161 -6.19 -8.98 -0.80
CA THR E 161 -5.90 -8.08 0.31
C THR E 161 -4.48 -8.38 0.77
N ASP E 162 -3.84 -7.43 1.45
CA ASP E 162 -2.50 -7.65 1.97
C ASP E 162 -2.46 -8.90 2.86
N ALA E 163 -3.65 -9.41 3.20
CA ALA E 163 -3.80 -10.53 4.10
C ALA E 163 -3.41 -11.85 3.41
N GLN E 164 -3.39 -11.84 2.08
CA GLN E 164 -3.05 -13.03 1.32
C GLN E 164 -1.61 -12.94 0.85
N ARG E 165 -1.06 -11.72 0.87
CA ARG E 165 0.33 -11.50 0.52
C ARG E 165 1.16 -11.55 1.81
N SER E 166 2.07 -12.51 1.86
CA SER E 166 3.00 -12.56 2.98
C SER E 166 4.31 -13.24 2.58
N GLY E 167 4.24 -14.07 1.53
CA GLY E 167 5.43 -14.74 1.04
C GLY E 167 6.56 -13.74 0.85
N LEU E 178 15.04 -14.98 -9.96
CA LEU E 178 14.63 -13.69 -9.33
C LEU E 178 13.72 -12.94 -10.32
N ILE E 179 12.43 -12.91 -9.97
CA ILE E 179 11.39 -12.17 -10.65
C ILE E 179 10.89 -11.06 -9.71
N GLU E 180 10.70 -9.87 -10.26
CA GLU E 180 10.16 -8.74 -9.50
C GLU E 180 8.65 -8.87 -9.42
N VAL E 181 8.05 -8.30 -8.37
CA VAL E 181 6.61 -8.09 -8.31
C VAL E 181 6.36 -6.59 -8.48
N VAL E 182 5.29 -6.25 -9.19
CA VAL E 182 5.03 -4.86 -9.49
C VAL E 182 3.63 -4.51 -9.07
N HIS E 183 3.53 -3.74 -7.97
CA HIS E 183 2.26 -3.14 -7.58
C HIS E 183 2.06 -1.87 -8.38
N LEU E 184 1.20 -1.97 -9.41
CA LEU E 184 0.87 -0.81 -10.22
C LEU E 184 -0.31 -0.08 -9.58
N PRO E 185 -0.09 1.13 -9.00
CA PRO E 185 -1.18 1.96 -8.51
C PRO E 185 -2.15 2.35 -9.63
N LEU E 186 -3.44 2.41 -9.30
CA LEU E 186 -4.50 2.45 -10.29
C LEU E 186 -4.54 3.78 -11.05
N GLU E 187 -4.28 4.89 -10.34
CA GLU E 187 -4.22 6.21 -10.96
C GLU E 187 -3.35 6.15 -12.21
N GLY E 188 -2.15 5.58 -12.07
CA GLY E 188 -1.15 5.59 -13.12
C GLY E 188 -1.31 4.42 -14.10
N ALA E 189 -2.21 3.48 -13.77
CA ALA E 189 -2.34 2.23 -14.50
C ALA E 189 -2.54 2.49 -15.98
N GLN E 190 -3.48 3.39 -16.30
CA GLN E 190 -3.87 3.62 -17.69
C GLN E 190 -2.67 4.16 -18.47
N ALA E 191 -2.12 5.27 -17.96
CA ALA E 191 -0.94 5.91 -18.52
C ALA E 191 0.18 4.90 -18.73
N PHE E 192 0.34 4.00 -17.74
CA PHE E 192 1.41 3.02 -17.72
C PHE E 192 1.27 2.04 -18.89
N ALA E 193 0.06 1.50 -19.05
CA ALA E 193 -0.25 0.55 -20.10
C ALA E 193 0.13 1.16 -21.45
N ASP E 194 -0.26 2.41 -21.66
CA ASP E 194 -0.16 3.12 -22.93
C ASP E 194 1.31 3.36 -23.31
N ASP E 195 2.16 3.58 -22.30
CA ASP E 195 3.52 4.02 -22.49
C ASP E 195 4.34 2.94 -23.20
N PRO E 196 4.87 3.21 -24.42
CA PRO E 196 5.58 2.22 -25.20
C PRO E 196 7.03 1.98 -24.78
N ASP E 197 7.49 2.75 -23.78
CA ASP E 197 8.82 2.63 -23.23
C ASP E 197 8.96 1.33 -22.46
N ILE E 198 7.83 0.84 -21.94
CA ILE E 198 7.81 -0.35 -21.12
C ILE E 198 7.48 -1.56 -22.00
N PRO E 199 8.40 -2.54 -22.14
CA PRO E 199 8.07 -3.80 -22.79
C PRO E 199 7.03 -4.59 -21.98
N LYS E 200 5.84 -4.79 -22.58
CA LYS E 200 4.74 -5.48 -21.91
C LYS E 200 4.07 -6.47 -22.87
N THR E 201 3.29 -7.40 -22.33
CA THR E 201 2.50 -8.29 -23.18
C THR E 201 1.15 -7.66 -23.42
N LEU E 202 0.46 -8.14 -24.47
CA LEU E 202 -0.89 -7.68 -24.75
C LEU E 202 -1.78 -8.06 -23.58
N GLY E 203 -1.45 -9.19 -22.96
CA GLY E 203 -2.05 -9.53 -21.67
C GLY E 203 -2.12 -8.30 -20.77
N VAL E 204 -0.94 -7.78 -20.42
CA VAL E 204 -0.81 -6.64 -19.53
C VAL E 204 -1.76 -5.54 -19.97
N ILE E 205 -1.70 -5.21 -21.26
CA ILE E 205 -2.44 -4.10 -21.85
C ILE E 205 -3.93 -4.37 -21.75
N PHE E 206 -4.31 -5.59 -22.11
CA PHE E 206 -5.72 -5.98 -22.09
C PHE E 206 -6.21 -5.96 -20.64
N GLY E 207 -5.42 -6.57 -19.76
CA GLY E 207 -5.76 -6.69 -18.35
C GLY E 207 -6.19 -5.36 -17.76
N VAL E 208 -5.28 -4.39 -17.80
CA VAL E 208 -5.51 -3.05 -17.29
C VAL E 208 -6.73 -2.47 -17.98
N SER E 209 -6.71 -2.53 -19.32
CA SER E 209 -7.79 -2.04 -20.16
C SER E 209 -9.12 -2.61 -19.66
N TRP E 210 -9.13 -3.93 -19.41
CA TRP E 210 -10.36 -4.63 -19.09
C TRP E 210 -10.81 -4.31 -17.67
N PHE E 211 -9.85 -4.29 -16.74
CA PHE E 211 -10.17 -4.10 -15.34
C PHE E 211 -10.82 -2.73 -15.17
N LEU E 212 -10.22 -1.72 -15.81
CA LEU E 212 -10.62 -0.34 -15.63
C LEU E 212 -12.05 -0.15 -16.14
N SER E 213 -12.36 -0.82 -17.25
CA SER E 213 -13.67 -0.71 -17.87
C SER E 213 -14.69 -1.56 -17.11
N GLN E 214 -14.29 -2.76 -16.69
CA GLN E 214 -15.25 -3.76 -16.21
C GLN E 214 -15.40 -3.69 -14.70
N VAL E 215 -14.29 -3.72 -13.96
CA VAL E 215 -14.37 -3.93 -12.51
C VAL E 215 -14.25 -2.61 -11.77
N ALA E 216 -13.35 -1.72 -12.22
CA ALA E 216 -13.01 -0.50 -11.51
C ALA E 216 -14.25 0.33 -11.16
N PRO E 217 -15.21 0.56 -12.09
CA PRO E 217 -16.36 1.41 -11.83
C PRO E 217 -17.27 0.96 -10.68
N ASN E 218 -17.25 -0.35 -10.36
CA ASN E 218 -18.19 -0.90 -9.42
C ASN E 218 -17.52 -1.11 -8.07
N LEU E 219 -16.68 -0.15 -7.67
CA LEU E 219 -15.89 -0.24 -6.45
C LEU E 219 -15.77 1.14 -5.82
N ASP E 220 -15.10 1.19 -4.66
CA ASP E 220 -15.09 2.31 -3.74
C ASP E 220 -14.06 3.36 -4.23
N MET F 1 -4.78 60.69 -18.01
CA MET F 1 -4.69 59.29 -18.48
C MET F 1 -5.25 58.32 -17.44
N GLU F 2 -4.87 58.52 -16.17
CA GLU F 2 -5.13 57.54 -15.13
C GLU F 2 -6.57 57.61 -14.65
N ARG F 3 -7.47 58.05 -15.55
CA ARG F 3 -8.86 58.33 -15.21
C ARG F 3 -9.76 57.32 -15.93
N ILE F 4 -10.23 56.33 -15.17
CA ILE F 4 -11.11 55.29 -15.68
C ILE F 4 -12.40 55.32 -14.88
N GLU F 5 -13.53 55.41 -15.61
CA GLU F 5 -14.83 55.38 -14.97
C GLU F 5 -15.61 54.20 -15.52
N GLY F 6 -16.67 53.83 -14.81
CA GLY F 6 -17.70 52.91 -15.28
C GLY F 6 -17.11 51.60 -15.78
N ALA F 7 -16.24 50.99 -14.98
CA ALA F 7 -15.76 49.65 -15.25
C ALA F 7 -16.91 48.66 -15.10
N SER F 8 -17.09 47.78 -16.10
CA SER F 8 -18.22 46.86 -16.10
C SER F 8 -17.95 45.37 -16.28
N VAL F 9 -17.23 44.94 -17.32
CA VAL F 9 -16.93 43.54 -17.56
C VAL F 9 -18.02 42.91 -18.45
N GLY F 10 -17.63 42.23 -19.53
CA GLY F 10 -18.60 41.68 -20.46
C GLY F 10 -18.20 40.30 -20.93
N ARG F 11 -19.19 39.52 -21.40
CA ARG F 11 -18.96 38.28 -22.11
C ARG F 11 -18.45 38.59 -23.51
N CYS F 12 -17.35 37.92 -23.89
CA CYS F 12 -16.69 38.13 -25.18
C CYS F 12 -17.21 37.13 -26.19
N ALA F 13 -17.60 37.63 -27.38
CA ALA F 13 -18.11 36.79 -28.46
C ALA F 13 -17.03 36.61 -29.51
N ALA F 14 -16.62 37.71 -30.16
CA ALA F 14 -15.52 37.70 -31.10
C ALA F 14 -14.37 38.54 -30.54
N SER F 15 -13.14 38.17 -30.93
CA SER F 15 -12.00 39.04 -30.66
C SER F 15 -10.85 38.70 -31.59
N PRO F 16 -10.09 39.71 -32.07
CA PRO F 16 -8.93 39.46 -32.92
C PRO F 16 -7.74 38.83 -32.18
N TYR F 17 -7.58 39.21 -30.91
CA TYR F 17 -6.46 38.83 -30.08
C TYR F 17 -6.69 37.44 -29.47
N LEU F 18 -7.98 37.08 -29.28
CA LEU F 18 -8.41 35.91 -28.54
C LEU F 18 -8.15 34.63 -29.33
N ARG F 19 -9.18 34.15 -30.03
CA ARG F 19 -9.13 32.94 -30.84
C ARG F 19 -8.52 31.77 -30.07
N PRO F 20 -9.15 31.32 -28.95
CA PRO F 20 -8.67 30.17 -28.20
C PRO F 20 -8.96 28.84 -28.89
N LEU F 21 -8.11 27.85 -28.63
CA LEU F 21 -8.22 26.52 -29.24
C LEU F 21 -7.87 25.43 -28.24
N THR F 22 -8.18 24.18 -28.58
CA THR F 22 -7.82 23.02 -27.77
C THR F 22 -7.05 22.04 -28.65
N LEU F 23 -5.86 21.65 -28.17
CA LEU F 23 -4.99 20.74 -28.93
C LEU F 23 -5.06 19.34 -28.32
N HIS F 24 -5.55 18.39 -29.12
CA HIS F 24 -5.69 16.99 -28.72
C HIS F 24 -4.52 16.22 -29.32
N TYR F 25 -3.89 15.38 -28.49
CA TYR F 25 -2.65 14.71 -28.85
C TYR F 25 -2.44 13.50 -27.93
N ARG F 26 -1.74 12.50 -28.45
CA ARG F 26 -1.33 11.36 -27.64
C ARG F 26 0.15 11.53 -27.29
N GLN F 27 0.39 11.83 -26.01
CA GLN F 27 1.75 11.91 -25.49
C GLN F 27 2.11 10.59 -24.83
N ASN F 28 3.21 9.99 -25.32
CA ASN F 28 3.81 8.82 -24.68
C ASN F 28 2.77 7.72 -24.60
N GLY F 29 1.78 7.79 -25.51
CA GLY F 29 0.66 6.85 -25.55
C GLY F 29 -0.66 7.48 -25.11
N ALA F 30 -0.59 8.30 -24.04
CA ALA F 30 -1.75 8.82 -23.35
C ALA F 30 -2.36 10.01 -24.10
N GLN F 31 -3.67 9.91 -24.37
CA GLN F 31 -4.43 10.94 -25.07
C GLN F 31 -4.75 12.09 -24.10
N LYS F 32 -4.37 13.31 -24.49
CA LYS F 32 -4.61 14.49 -23.68
C LYS F 32 -5.06 15.64 -24.59
N SER F 33 -5.45 16.75 -23.95
CA SER F 33 -5.78 17.98 -24.65
C SER F 33 -5.41 19.18 -23.79
N TRP F 34 -5.09 20.31 -24.46
CA TRP F 34 -4.64 21.51 -23.78
C TRP F 34 -5.40 22.72 -24.33
N ASP F 35 -5.61 23.70 -23.45
CA ASP F 35 -6.32 24.91 -23.80
C ASP F 35 -5.31 26.06 -23.90
N PHE F 36 -5.34 26.76 -25.04
CA PHE F 36 -4.37 27.79 -25.41
C PHE F 36 -5.02 28.71 -26.45
N MET F 37 -4.28 29.74 -26.89
CA MET F 37 -4.83 30.66 -27.88
C MET F 37 -3.81 30.96 -28.96
N LYS F 38 -4.32 30.97 -30.20
CA LYS F 38 -3.62 31.58 -31.32
C LYS F 38 -3.38 33.04 -30.98
N THR F 39 -2.12 33.40 -30.73
CA THR F 39 -1.75 34.76 -30.39
C THR F 39 -0.56 35.19 -31.23
N HIS F 40 -0.35 36.51 -31.30
CA HIS F 40 0.71 37.06 -32.11
C HIS F 40 2.02 37.09 -31.35
N ASP F 41 3.10 36.97 -32.12
CA ASP F 41 4.44 37.32 -31.66
C ASP F 41 4.50 38.80 -31.33
N SER F 42 5.66 39.24 -30.81
CA SER F 42 5.81 40.59 -30.30
C SER F 42 7.28 40.97 -30.24
N VAL F 43 7.56 42.28 -30.14
CA VAL F 43 8.90 42.79 -29.97
C VAL F 43 8.91 43.88 -28.89
N THR F 44 10.04 43.95 -28.17
CA THR F 44 10.25 44.93 -27.11
C THR F 44 11.59 45.62 -27.32
N VAL F 45 11.68 46.85 -26.80
CA VAL F 45 12.84 47.69 -27.03
C VAL F 45 13.21 48.39 -25.73
N LEU F 46 14.51 48.38 -25.45
CA LEU F 46 15.01 49.21 -24.37
C LEU F 46 15.79 50.37 -24.97
N LEU F 47 15.43 51.58 -24.53
CA LEU F 47 16.12 52.78 -24.97
C LEU F 47 16.97 53.29 -23.82
N PHE F 48 18.21 53.66 -24.15
CA PHE F 48 19.06 54.35 -23.20
C PHE F 48 19.44 55.72 -23.75
N ASN F 49 18.80 56.77 -23.21
CA ASN F 49 19.12 58.14 -23.55
C ASN F 49 20.43 58.51 -22.88
N SER F 50 21.52 58.49 -23.66
CA SER F 50 22.86 58.75 -23.14
C SER F 50 22.99 60.19 -22.66
N SER F 51 22.24 61.10 -23.30
CA SER F 51 22.29 62.52 -23.03
C SER F 51 21.70 62.85 -21.67
N ARG F 52 20.77 62.01 -21.19
CA ARG F 52 20.08 62.24 -19.93
C ARG F 52 20.47 61.18 -18.91
N ARG F 53 21.15 60.13 -19.38
CA ARG F 53 21.57 59.01 -18.54
C ARG F 53 20.33 58.35 -17.91
N SER F 54 19.27 58.19 -18.72
CA SER F 54 18.01 57.60 -18.31
C SER F 54 17.64 56.44 -19.24
N LEU F 55 16.83 55.50 -18.75
CA LEU F 55 16.28 54.44 -19.58
C LEU F 55 14.85 54.80 -19.94
N VAL F 56 14.36 54.27 -21.07
CA VAL F 56 13.08 54.72 -21.60
C VAL F 56 12.07 53.57 -21.65
N LEU F 57 10.96 53.82 -20.95
CA LEU F 57 9.92 52.84 -20.68
C LEU F 57 8.55 53.45 -20.97
N VAL F 58 7.53 52.59 -20.98
CA VAL F 58 6.16 53.01 -21.25
C VAL F 58 5.27 52.63 -20.07
N LYS F 59 4.74 53.65 -19.40
CA LYS F 59 3.72 53.46 -18.38
C LYS F 59 2.35 53.70 -19.03
N GLN F 60 1.48 52.71 -18.92
CA GLN F 60 0.15 52.82 -19.48
C GLN F 60 -0.81 51.96 -18.67
N PHE F 61 -2.11 52.26 -18.80
CA PHE F 61 -3.15 51.45 -18.20
C PHE F 61 -3.31 50.18 -19.04
N ARG F 62 -3.35 49.04 -18.35
CA ARG F 62 -3.72 47.78 -18.96
C ARG F 62 -5.02 47.30 -18.33
N PRO F 63 -6.09 47.12 -19.14
CA PRO F 63 -7.36 46.63 -18.62
C PRO F 63 -7.24 45.27 -17.94
N ALA F 64 -6.51 44.35 -18.60
CA ALA F 64 -6.28 43.01 -18.07
C ALA F 64 -5.76 43.10 -16.64
N VAL F 65 -4.73 43.94 -16.43
CA VAL F 65 -4.09 44.09 -15.13
C VAL F 65 -5.08 44.69 -14.14
N TYR F 66 -5.82 45.72 -14.59
CA TYR F 66 -6.76 46.41 -13.74
C TYR F 66 -7.81 45.44 -13.18
N ALA F 67 -8.40 44.63 -14.07
CA ALA F 67 -9.40 43.65 -13.68
C ALA F 67 -8.80 42.57 -12.79
N GLY F 68 -7.51 42.29 -13.00
CA GLY F 68 -6.75 41.37 -12.19
C GLY F 68 -6.67 41.85 -10.74
N GLU F 69 -6.35 43.14 -10.57
CA GLU F 69 -6.19 43.76 -9.27
C GLU F 69 -7.52 43.85 -8.52
N VAL F 70 -8.63 43.93 -9.27
CA VAL F 70 -9.96 44.01 -8.67
C VAL F 70 -10.35 42.66 -8.09
N GLU F 71 -9.89 41.58 -8.74
CA GLU F 71 -10.22 40.23 -8.32
C GLU F 71 -9.45 39.87 -7.05
N ARG F 72 -8.17 40.28 -6.97
CA ARG F 72 -7.38 40.10 -5.76
C ARG F 72 -8.02 40.84 -4.60
N ARG F 73 -8.46 42.08 -4.86
CA ARG F 73 -8.84 42.97 -3.78
C ARG F 73 -10.32 42.76 -3.42
N PHE F 74 -11.11 42.22 -4.35
CA PHE F 74 -12.50 41.88 -4.08
C PHE F 74 -12.82 40.58 -4.82
N PRO F 75 -12.47 39.40 -4.26
CA PRO F 75 -12.64 38.13 -4.97
C PRO F 75 -14.07 37.87 -5.41
N GLY F 76 -14.22 37.07 -6.48
CA GLY F 76 -15.51 36.66 -6.98
C GLY F 76 -16.17 37.71 -7.86
N SER F 77 -15.68 38.96 -7.78
CA SER F 77 -16.15 40.05 -8.62
C SER F 77 -16.28 39.56 -10.06
N LEU F 78 -15.33 38.71 -10.46
CA LEU F 78 -15.34 38.05 -11.76
C LEU F 78 -16.07 36.72 -11.65
N ALA F 79 -17.28 36.77 -11.07
CA ALA F 79 -18.19 35.64 -11.10
C ALA F 79 -18.75 35.55 -12.51
N ALA F 80 -19.10 34.33 -12.93
CA ALA F 80 -19.96 34.15 -14.10
C ALA F 80 -21.35 34.71 -13.75
N VAL F 81 -21.40 36.05 -13.70
CA VAL F 81 -22.63 36.79 -13.48
C VAL F 81 -23.56 36.55 -14.66
N ASP F 82 -24.62 35.76 -14.41
CA ASP F 82 -25.65 35.45 -15.39
C ASP F 82 -26.47 36.70 -15.74
N GLN F 83 -26.04 37.38 -16.81
CA GLN F 83 -26.87 38.37 -17.46
C GLN F 83 -26.51 38.45 -18.94
N ASP F 84 -27.23 39.32 -19.65
CA ASP F 84 -26.91 39.70 -21.02
C ASP F 84 -25.58 40.48 -21.01
N LEU F 89 -17.34 46.63 -12.00
CA LEU F 89 -18.61 46.98 -11.31
C LEU F 89 -18.28 47.65 -9.98
N GLN F 90 -18.49 46.90 -8.88
CA GLN F 90 -18.75 47.45 -7.56
C GLN F 90 -17.99 46.59 -6.56
N PRO F 91 -16.95 47.10 -5.87
CA PRO F 91 -16.45 48.46 -6.08
C PRO F 91 -15.48 48.58 -7.25
N ALA F 92 -15.33 49.82 -7.74
CA ALA F 92 -14.38 50.12 -8.80
C ALA F 92 -13.13 50.73 -8.17
N LEU F 93 -11.98 50.04 -8.32
CA LEU F 93 -10.68 50.52 -7.87
C LEU F 93 -10.28 51.77 -8.66
N PRO F 94 -9.28 52.57 -8.20
CA PRO F 94 -8.80 53.72 -8.96
C PRO F 94 -8.11 53.31 -10.25
N GLY F 95 -8.17 54.20 -11.25
CA GLY F 95 -7.55 53.95 -12.55
C GLY F 95 -6.10 53.48 -12.39
N SER F 96 -5.47 53.93 -11.30
CA SER F 96 -4.05 53.73 -11.04
C SER F 96 -3.74 52.27 -10.70
N ALA F 97 -4.77 51.41 -10.68
CA ALA F 97 -4.60 50.01 -10.32
C ALA F 97 -4.24 49.17 -11.54
N GLY F 98 -4.63 49.64 -12.73
CA GLY F 98 -4.32 48.92 -13.96
C GLY F 98 -3.06 49.45 -14.63
N VAL F 99 -2.44 50.47 -14.03
CA VAL F 99 -1.34 51.20 -14.65
C VAL F 99 -0.02 50.47 -14.41
N THR F 100 0.65 50.10 -15.52
CA THR F 100 1.87 49.31 -15.49
C THR F 100 3.02 50.07 -16.14
N VAL F 101 4.24 49.76 -15.69
CA VAL F 101 5.46 50.19 -16.35
C VAL F 101 5.98 49.01 -17.17
N GLU F 102 6.24 49.25 -18.46
CA GLU F 102 6.62 48.18 -19.37
C GLU F 102 7.74 48.67 -20.29
N LEU F 103 8.35 47.72 -21.01
CA LEU F 103 9.22 48.06 -22.13
C LEU F 103 8.36 48.54 -23.30
N CYS F 104 8.95 49.40 -24.13
CA CYS F 104 8.33 49.74 -25.40
C CYS F 104 8.09 48.43 -26.17
N ALA F 105 6.88 48.26 -26.72
CA ALA F 105 6.47 46.95 -27.22
C ALA F 105 5.46 47.07 -28.36
N GLY F 106 5.30 45.98 -29.12
CA GLY F 106 4.28 45.89 -30.16
C GLY F 106 4.16 44.48 -30.75
N LEU F 107 2.99 44.19 -31.34
CA LEU F 107 2.70 42.92 -32.00
C LEU F 107 3.49 42.81 -33.29
N VAL F 108 3.72 41.58 -33.75
CA VAL F 108 4.26 41.30 -35.07
C VAL F 108 3.10 40.78 -35.91
N ASP F 109 2.24 41.70 -36.35
CA ASP F 109 1.03 41.36 -37.09
C ASP F 109 1.17 41.75 -38.56
N GLN F 110 1.44 43.03 -38.81
CA GLN F 110 1.74 43.56 -40.12
C GLN F 110 2.61 42.56 -40.89
N PRO F 111 2.10 42.04 -42.03
CA PRO F 111 2.75 40.91 -42.68
C PRO F 111 4.06 41.30 -43.37
N GLY F 112 5.15 40.69 -42.90
CA GLY F 112 6.44 40.78 -43.55
C GLY F 112 7.52 41.38 -42.64
N LEU F 113 7.17 42.52 -42.00
CA LEU F 113 8.13 43.41 -41.38
C LEU F 113 9.22 42.64 -40.62
N SER F 114 10.48 42.98 -40.90
CA SER F 114 11.59 42.54 -40.07
C SER F 114 11.37 43.12 -38.67
N LEU F 115 11.59 42.27 -37.66
CA LEU F 115 11.28 42.63 -36.29
C LEU F 115 11.78 44.05 -36.01
N GLU F 116 13.01 44.32 -36.42
CA GLU F 116 13.64 45.62 -36.17
C GLU F 116 12.69 46.75 -36.56
N GLU F 117 12.02 46.58 -37.71
CA GLU F 117 11.15 47.63 -38.20
C GLU F 117 9.97 47.82 -37.24
N VAL F 118 9.40 46.69 -36.79
CA VAL F 118 8.28 46.72 -35.86
C VAL F 118 8.73 47.39 -34.56
N ALA F 119 10.04 47.31 -34.30
CA ALA F 119 10.63 47.90 -33.10
C ALA F 119 10.72 49.41 -33.25
N CYS F 120 11.35 49.86 -34.33
CA CYS F 120 11.59 51.28 -34.60
C CYS F 120 10.27 52.00 -34.77
N LYS F 121 9.25 51.24 -35.19
CA LYS F 121 7.87 51.67 -35.31
C LYS F 121 7.33 52.05 -33.93
N GLU F 122 7.32 51.07 -33.02
CA GLU F 122 6.77 51.27 -31.69
C GLU F 122 7.56 52.36 -30.97
N ALA F 123 8.89 52.34 -31.17
CA ALA F 123 9.80 53.30 -30.58
C ALA F 123 9.48 54.71 -31.06
N TRP F 124 9.04 54.84 -32.31
CA TRP F 124 8.56 56.13 -32.76
C TRP F 124 7.21 56.44 -32.13
N GLU F 125 6.25 55.52 -32.30
CA GLU F 125 4.86 55.76 -31.94
C GLU F 125 4.72 55.94 -30.42
N GLU F 126 5.34 55.04 -29.65
CA GLU F 126 5.14 55.04 -28.21
C GLU F 126 5.97 56.12 -27.54
N CYS F 127 7.26 56.23 -27.90
CA CYS F 127 8.21 57.04 -27.14
C CYS F 127 8.54 58.36 -27.84
N GLY F 128 8.34 58.42 -29.16
CA GLY F 128 8.68 59.62 -29.91
C GLY F 128 10.18 59.69 -30.13
N TYR F 129 10.77 58.52 -30.42
CA TYR F 129 12.20 58.37 -30.67
C TYR F 129 12.44 57.81 -32.07
N HIS F 130 13.25 58.52 -32.85
CA HIS F 130 13.58 58.05 -34.19
C HIS F 130 14.67 56.98 -34.07
N LEU F 131 14.40 55.84 -34.72
CA LEU F 131 15.27 54.69 -34.66
C LEU F 131 15.49 54.09 -36.05
N ALA F 132 16.71 53.59 -36.27
CA ALA F 132 17.05 52.90 -37.50
C ALA F 132 17.35 51.44 -37.21
N PRO F 133 16.75 50.50 -37.97
CA PRO F 133 16.94 49.07 -37.76
C PRO F 133 18.40 48.61 -37.59
N SER F 134 19.35 49.46 -37.99
CA SER F 134 20.75 49.12 -37.82
C SER F 134 21.19 49.38 -36.38
N ASP F 135 20.54 50.35 -35.73
CA ASP F 135 20.86 50.76 -34.36
C ASP F 135 20.63 49.62 -33.36
N LEU F 136 19.59 48.81 -33.63
CA LEU F 136 19.07 47.84 -32.68
C LEU F 136 20.02 46.66 -32.54
N ARG F 137 20.09 46.13 -31.32
CA ARG F 137 20.93 45.01 -30.95
C ARG F 137 20.04 43.95 -30.29
N ARG F 138 19.98 42.76 -30.89
CA ARG F 138 19.20 41.67 -30.32
C ARG F 138 19.73 41.42 -28.90
N VAL F 139 18.80 41.32 -27.95
CA VAL F 139 19.13 40.98 -26.58
C VAL F 139 18.77 39.52 -26.35
N ALA F 140 17.51 39.15 -26.57
CA ALA F 140 17.11 37.77 -26.44
C ALA F 140 15.81 37.51 -27.20
N THR F 141 15.54 36.21 -27.43
CA THR F 141 14.30 35.70 -27.97
C THR F 141 13.83 34.51 -27.10
N TYR F 142 12.52 34.48 -26.79
CA TYR F 142 11.96 33.51 -25.86
C TYR F 142 10.44 33.53 -25.99
N TRP F 143 9.80 32.56 -25.33
CA TRP F 143 8.36 32.39 -25.44
C TRP F 143 7.68 33.04 -24.25
N SER F 144 6.50 33.61 -24.50
CA SER F 144 5.90 34.51 -23.54
C SER F 144 4.69 33.88 -22.87
N GLY F 145 3.88 33.13 -23.62
CA GLY F 145 2.70 32.52 -23.05
C GLY F 145 3.02 31.22 -22.32
N VAL F 146 3.62 30.27 -23.04
CA VAL F 146 4.01 28.95 -22.57
C VAL F 146 2.81 28.19 -21.99
N GLY F 147 2.09 28.84 -21.07
CA GLY F 147 0.85 28.31 -20.54
C GLY F 147 -0.24 28.33 -21.61
N LEU F 148 -0.66 29.54 -21.97
CA LEU F 148 -1.88 29.73 -22.74
C LEU F 148 -1.58 30.28 -24.12
N THR F 149 -0.33 30.66 -24.37
CA THR F 149 0.05 31.21 -25.65
C THR F 149 1.42 30.66 -26.02
N GLY F 150 1.53 30.14 -27.23
CA GLY F 150 2.83 29.81 -27.78
C GLY F 150 3.33 30.94 -28.67
N SER F 151 3.52 32.12 -28.05
CA SER F 151 3.99 33.28 -28.78
C SER F 151 5.44 33.56 -28.43
N ARG F 152 6.22 33.89 -29.48
CA ARG F 152 7.59 34.31 -29.29
C ARG F 152 7.63 35.80 -29.04
N GLN F 153 8.60 36.23 -28.24
CA GLN F 153 8.90 37.64 -28.14
C GLN F 153 10.40 37.82 -28.35
N THR F 154 10.76 38.89 -29.06
CA THR F 154 12.15 39.24 -29.27
C THR F 154 12.43 40.58 -28.59
N MET F 155 13.59 40.69 -27.92
CA MET F 155 13.93 41.92 -27.26
C MET F 155 15.16 42.55 -27.89
N PHE F 156 15.11 43.88 -28.05
CA PHE F 156 16.19 44.67 -28.63
C PHE F 156 16.51 45.86 -27.73
N TYR F 157 17.78 46.27 -27.75
CA TYR F 157 18.22 47.45 -27.06
C TYR F 157 19.03 48.32 -28.02
N THR F 158 18.93 49.63 -27.84
CA THR F 158 19.75 50.60 -28.54
C THR F 158 19.90 51.86 -27.70
N GLU F 159 21.03 52.54 -27.88
CA GLU F 159 21.32 53.80 -27.21
C GLU F 159 20.71 54.93 -28.02
N VAL F 160 20.30 56.00 -27.33
CA VAL F 160 19.72 57.15 -27.99
C VAL F 160 20.30 58.43 -27.39
N THR F 161 20.11 59.53 -28.13
CA THR F 161 20.45 60.87 -27.70
C THR F 161 19.18 61.71 -27.80
N ASP F 162 19.12 62.84 -27.07
CA ASP F 162 17.97 63.73 -27.14
C ASP F 162 17.70 64.14 -28.59
N ALA F 163 18.68 63.86 -29.47
CA ALA F 163 18.64 64.27 -30.86
C ALA F 163 17.64 63.41 -31.65
N GLN F 164 17.30 62.24 -31.12
CA GLN F 164 16.38 61.34 -31.79
C GLN F 164 15.00 61.46 -31.17
N ARG F 165 14.94 62.05 -29.97
CA ARG F 165 13.67 62.32 -29.33
C ARG F 165 13.23 63.73 -29.68
N SER F 166 12.08 63.83 -30.35
CA SER F 166 11.55 65.12 -30.73
C SER F 166 10.03 65.07 -30.81
N GLY F 167 9.45 63.87 -30.81
CA GLY F 167 8.02 63.70 -30.59
C GLY F 167 7.45 64.90 -29.81
N PRO F 168 6.90 65.93 -30.52
CA PRO F 168 6.97 67.32 -30.06
C PRO F 168 6.68 67.63 -28.58
N GLY F 169 7.71 67.38 -27.76
CA GLY F 169 7.66 67.64 -26.34
C GLY F 169 8.69 68.71 -25.97
N LEU F 178 -3.45 56.85 -24.93
CA LEU F 178 -2.59 57.81 -24.20
C LEU F 178 -1.64 57.06 -23.27
N ILE F 179 -0.37 57.00 -23.67
CA ILE F 179 0.68 56.25 -23.01
C ILE F 179 1.73 57.24 -22.49
N GLU F 180 2.19 57.03 -21.25
CA GLU F 180 3.25 57.85 -20.67
C GLU F 180 4.59 57.33 -21.18
N VAL F 181 5.60 58.21 -21.22
CA VAL F 181 6.98 57.80 -21.38
C VAL F 181 7.68 58.01 -20.04
N VAL F 182 8.60 57.09 -19.71
CA VAL F 182 9.22 57.14 -18.40
C VAL F 182 10.73 57.11 -18.56
N HIS F 183 11.35 58.26 -18.33
CA HIS F 183 12.81 58.35 -18.27
C HIS F 183 13.25 57.93 -16.87
N LEU F 184 13.73 56.69 -16.75
CA LEU F 184 14.23 56.19 -15.48
C LEU F 184 15.72 56.55 -15.37
N PRO F 185 16.09 57.50 -14.48
CA PRO F 185 17.50 57.77 -14.19
C PRO F 185 18.22 56.55 -13.63
N LEU F 186 19.49 56.39 -14.02
CA LEU F 186 20.21 55.14 -13.84
C LEU F 186 20.52 54.85 -12.38
N GLU F 187 20.87 55.89 -11.61
CA GLU F 187 21.12 55.77 -10.19
C GLU F 187 20.00 54.97 -9.52
N GLY F 188 18.75 55.36 -9.82
CA GLY F 188 17.58 54.79 -9.15
C GLY F 188 17.07 53.53 -9.83
N ALA F 189 17.63 53.20 -11.00
CA ALA F 189 17.12 52.14 -11.85
C ALA F 189 17.01 50.83 -11.09
N GLN F 190 18.09 50.47 -10.37
CA GLN F 190 18.16 49.18 -9.71
C GLN F 190 17.08 49.10 -8.65
N ALA F 191 17.10 50.07 -7.73
CA ALA F 191 16.13 50.19 -6.66
C ALA F 191 14.71 50.12 -7.22
N PHE F 192 14.49 50.79 -8.37
CA PHE F 192 13.19 50.91 -8.99
C PHE F 192 12.68 49.53 -9.42
N ALA F 193 13.54 48.79 -10.13
CA ALA F 193 13.22 47.47 -10.63
C ALA F 193 12.74 46.59 -9.47
N ASP F 194 13.48 46.64 -8.37
CA ASP F 194 13.32 45.77 -7.20
C ASP F 194 11.99 46.02 -6.51
N ASP F 195 11.56 47.29 -6.51
CA ASP F 195 10.42 47.73 -5.71
C ASP F 195 9.14 47.08 -6.21
N PRO F 196 8.45 46.25 -5.37
CA PRO F 196 7.27 45.52 -5.79
C PRO F 196 5.99 46.35 -5.83
N ASP F 197 6.08 47.62 -5.42
CA ASP F 197 4.97 48.55 -5.39
C ASP F 197 4.59 48.94 -6.81
N ILE F 198 5.57 48.85 -7.72
CA ILE F 198 5.37 49.23 -9.11
C ILE F 198 5.01 47.99 -9.91
N PRO F 199 3.79 47.91 -10.52
CA PRO F 199 3.48 46.85 -11.47
C PRO F 199 4.34 46.94 -12.72
N LYS F 200 5.19 45.92 -12.94
CA LYS F 200 6.11 45.90 -14.08
C LYS F 200 6.12 44.53 -14.73
N THR F 201 6.65 44.44 -15.96
CA THR F 201 6.82 43.14 -16.60
C THR F 201 8.21 42.62 -16.26
N LEU F 202 8.39 41.31 -16.44
CA LEU F 202 9.69 40.70 -16.24
C LEU F 202 10.65 41.31 -17.25
N GLY F 203 10.13 41.64 -18.43
CA GLY F 203 10.86 42.45 -19.38
C GLY F 203 11.59 43.59 -18.66
N VAL F 204 10.80 44.49 -18.06
CA VAL F 204 11.31 45.66 -17.37
C VAL F 204 12.46 45.23 -16.44
N ILE F 205 12.19 44.22 -15.62
CA ILE F 205 13.09 43.75 -14.58
C ILE F 205 14.37 43.21 -15.22
N PHE F 206 14.19 42.40 -16.25
CA PHE F 206 15.31 41.79 -16.92
C PHE F 206 16.13 42.89 -17.61
N GLY F 207 15.43 43.78 -18.31
CA GLY F 207 16.05 44.85 -19.07
C GLY F 207 17.07 45.60 -18.22
N VAL F 208 16.58 46.19 -17.11
CA VAL F 208 17.38 46.95 -16.18
C VAL F 208 18.52 46.06 -15.69
N SER F 209 18.14 44.88 -15.20
CA SER F 209 19.07 43.89 -14.70
C SER F 209 20.18 43.66 -15.73
N TRP F 210 19.79 43.49 -16.99
CA TRP F 210 20.72 43.11 -18.04
C TRP F 210 21.61 44.29 -18.42
N PHE F 211 21.00 45.47 -18.55
CA PHE F 211 21.71 46.65 -18.99
C PHE F 211 22.83 46.97 -18.01
N LEU F 212 22.49 46.91 -16.71
CA LEU F 212 23.39 47.32 -15.65
C LEU F 212 24.60 46.40 -15.63
N SER F 213 24.36 45.11 -15.86
CA SER F 213 25.41 44.11 -15.83
C SER F 213 26.22 44.16 -17.12
N GLN F 214 25.54 44.31 -18.26
CA GLN F 214 26.15 44.09 -19.56
C GLN F 214 26.72 45.38 -20.15
N VAL F 215 25.90 46.43 -20.20
CA VAL F 215 26.26 47.62 -20.98
C VAL F 215 26.84 48.71 -20.08
N ALA F 216 26.22 48.90 -18.90
CA ALA F 216 26.55 50.01 -18.02
C ALA F 216 28.05 50.10 -17.73
N PRO F 217 28.73 48.99 -17.38
CA PRO F 217 30.14 49.03 -17.00
C PRO F 217 31.10 49.56 -18.07
N ASN F 218 30.70 49.46 -19.34
CA ASN F 218 31.61 49.76 -20.44
C ASN F 218 31.30 51.14 -21.00
N LEU F 219 30.96 52.08 -20.13
CA LEU F 219 30.55 53.43 -20.51
C LEU F 219 30.99 54.39 -19.40
N ASP F 220 30.76 55.69 -19.63
CA ASP F 220 31.11 56.75 -18.69
C ASP F 220 30.06 56.87 -17.58
N MET G 1 2.16 25.79 48.52
CA MET G 1 3.06 24.90 47.73
C MET G 1 3.82 25.73 46.70
N GLU G 2 3.07 26.57 45.99
CA GLU G 2 3.53 27.23 44.77
C GLU G 2 4.43 28.42 45.11
N ARG G 3 5.11 28.34 46.27
CA ARG G 3 5.94 29.43 46.77
C ARG G 3 7.41 29.03 46.74
N ILE G 4 8.13 29.54 45.74
CA ILE G 4 9.55 29.27 45.58
C ILE G 4 10.31 30.59 45.65
N GLU G 5 11.32 30.63 46.53
CA GLU G 5 12.18 31.79 46.62
C GLU G 5 13.61 31.37 46.32
N GLY G 6 14.44 32.36 45.99
CA GLY G 6 15.88 32.22 45.87
C GLY G 6 16.29 31.07 44.97
N ALA G 7 15.68 30.99 43.79
CA ALA G 7 16.04 29.97 42.83
C ALA G 7 17.44 30.26 42.27
N SER G 8 18.31 29.23 42.30
CA SER G 8 19.67 29.36 41.84
C SER G 8 20.12 28.06 41.17
N VAL G 9 20.80 28.19 40.03
CA VAL G 9 21.27 27.05 39.27
C VAL G 9 22.74 26.80 39.62
N GLY G 10 23.09 25.53 39.86
CA GLY G 10 24.45 25.12 40.13
C GLY G 10 24.86 23.91 39.31
N ARG G 11 26.18 23.77 39.10
CA ARG G 11 26.76 22.69 38.31
C ARG G 11 26.70 21.39 39.10
N CYS G 12 26.14 20.34 38.49
CA CYS G 12 25.97 19.06 39.17
C CYS G 12 27.11 18.15 38.76
N ALA G 13 27.79 17.53 39.75
CA ALA G 13 28.72 16.45 39.49
C ALA G 13 28.05 15.12 39.82
N ALA G 14 27.74 14.92 41.10
CA ALA G 14 27.22 13.65 41.59
C ALA G 14 25.81 13.85 42.12
N SER G 15 25.03 12.78 42.05
CA SER G 15 23.59 12.72 42.22
C SER G 15 23.13 11.29 41.91
N PRO G 16 22.05 10.77 42.55
CA PRO G 16 21.55 9.44 42.25
C PRO G 16 20.91 9.30 40.87
N TYR G 17 20.22 10.37 40.43
CA TYR G 17 19.51 10.37 39.16
C TYR G 17 20.45 10.65 37.98
N LEU G 18 21.49 11.42 38.27
CA LEU G 18 22.55 11.90 37.41
C LEU G 18 23.76 10.99 37.55
N ARG G 19 23.92 10.12 36.57
CA ARG G 19 25.06 9.23 36.40
C ARG G 19 25.30 9.03 34.92
N PRO G 20 25.75 10.09 34.20
CA PRO G 20 25.92 10.03 32.75
C PRO G 20 27.12 9.21 32.31
N LEU G 21 27.00 8.58 31.13
CA LEU G 21 28.04 7.72 30.57
C LEU G 21 28.10 7.90 29.06
N THR G 22 29.17 7.36 28.46
CA THR G 22 29.34 7.35 27.01
C THR G 22 29.56 5.92 26.56
N LEU G 23 28.73 5.47 25.61
CA LEU G 23 28.80 4.11 25.10
C LEU G 23 29.47 4.08 23.74
N HIS G 24 30.63 3.41 23.67
CA HIS G 24 31.40 3.26 22.45
C HIS G 24 31.09 1.89 21.87
N TYR G 25 30.83 1.86 20.56
CA TYR G 25 30.33 0.66 19.90
C TYR G 25 30.57 0.77 18.40
N ARG G 26 30.74 -0.39 17.77
CA ARG G 26 30.88 -0.44 16.32
C ARG G 26 29.58 -0.95 15.73
N GLN G 27 28.81 -0.03 15.13
CA GLN G 27 27.55 -0.36 14.49
C GLN G 27 27.80 -0.56 13.00
N ASN G 28 27.42 -1.76 12.51
CA ASN G 28 27.41 -2.07 11.10
C ASN G 28 28.81 -1.83 10.53
N GLY G 29 29.82 -1.93 11.42
CA GLY G 29 31.22 -1.69 11.09
C GLY G 29 31.75 -0.40 11.70
N ALA G 30 30.93 0.66 11.64
CA ALA G 30 31.33 2.02 11.97
C ALA G 30 31.36 2.25 13.49
N GLN G 31 32.50 2.73 13.97
CA GLN G 31 32.73 3.02 15.39
C GLN G 31 32.06 4.35 15.76
N LYS G 32 31.20 4.31 16.78
CA LYS G 32 30.50 5.50 17.25
C LYS G 32 30.50 5.52 18.78
N SER G 33 30.01 6.63 19.34
CA SER G 33 29.78 6.74 20.77
C SER G 33 28.56 7.63 21.03
N TRP G 34 27.87 7.37 22.15
CA TRP G 34 26.64 8.07 22.47
C TRP G 34 26.67 8.51 23.93
N ASP G 35 26.04 9.65 24.19
CA ASP G 35 25.96 10.21 25.54
C ASP G 35 24.56 9.97 26.09
N PHE G 36 24.49 9.39 27.29
CA PHE G 36 23.26 8.93 27.92
C PHE G 36 23.50 8.84 29.43
N MET G 37 22.44 8.48 30.18
CA MET G 37 22.60 8.36 31.62
C MET G 37 21.93 7.11 32.12
N LYS G 38 22.62 6.42 33.04
CA LYS G 38 22.02 5.44 33.93
C LYS G 38 20.92 6.14 34.72
N THR G 39 19.66 5.81 34.40
CA THR G 39 18.52 6.38 35.07
C THR G 39 17.55 5.27 35.47
N HIS G 40 16.66 5.60 36.41
CA HIS G 40 15.83 4.61 37.05
C HIS G 40 14.57 4.40 36.26
N ASP G 41 14.08 3.16 36.28
CA ASP G 41 12.73 2.84 35.83
C ASP G 41 11.73 3.53 36.75
N SER G 42 10.44 3.41 36.41
CA SER G 42 9.39 4.15 37.09
C SER G 42 8.04 3.47 36.84
N VAL G 43 7.05 3.81 37.68
CA VAL G 43 5.68 3.34 37.53
C VAL G 43 4.71 4.49 37.74
N THR G 44 3.58 4.43 37.01
CA THR G 44 2.54 5.44 37.06
C THR G 44 1.19 4.75 37.26
N VAL G 45 0.25 5.49 37.85
CA VAL G 45 -1.04 4.94 38.23
C VAL G 45 -2.13 5.94 37.90
N LEU G 46 -3.20 5.42 37.29
CA LEU G 46 -4.39 6.22 37.14
C LEU G 46 -5.45 5.71 38.09
N LEU G 47 -6.02 6.63 38.86
CA LEU G 47 -7.09 6.29 39.78
C LEU G 47 -8.39 6.84 39.22
N PHE G 48 -9.43 6.00 39.28
CA PHE G 48 -10.77 6.48 38.97
C PHE G 48 -11.67 6.30 40.19
N ASN G 49 -11.96 7.42 40.87
CA ASN G 49 -12.88 7.43 41.99
C ASN G 49 -14.31 7.31 41.44
N SER G 50 -14.87 6.11 41.51
CA SER G 50 -16.19 5.83 40.97
C SER G 50 -17.27 6.60 41.73
N SER G 51 -17.02 6.83 43.03
CA SER G 51 -17.95 7.48 43.93
C SER G 51 -18.13 8.95 43.59
N ARG G 52 -17.09 9.56 42.99
CA ARG G 52 -17.10 10.98 42.67
C ARG G 52 -17.12 11.19 41.16
N ARG G 53 -16.88 10.10 40.41
CA ARG G 53 -16.81 10.14 38.94
C ARG G 53 -15.69 11.10 38.51
N SER G 54 -14.54 11.03 39.21
CA SER G 54 -13.37 11.85 38.95
C SER G 54 -12.14 10.97 38.74
N LEU G 55 -11.15 11.49 38.02
CA LEU G 55 -9.86 10.83 37.90
C LEU G 55 -8.86 11.49 38.83
N VAL G 56 -7.83 10.74 39.22
CA VAL G 56 -6.95 11.19 40.30
C VAL G 56 -5.52 11.35 39.81
N LEU G 57 -5.03 12.60 39.96
CA LEU G 57 -3.78 13.09 39.42
C LEU G 57 -3.02 13.85 40.49
N VAL G 58 -1.75 14.15 40.20
CA VAL G 58 -0.86 14.85 41.12
C VAL G 58 -0.34 16.12 40.46
N LYS G 59 -0.73 17.26 41.03
CA LYS G 59 -0.16 18.54 40.64
C LYS G 59 0.92 18.91 41.65
N GLN G 60 2.13 19.16 41.15
CA GLN G 60 3.24 19.49 42.01
C GLN G 60 4.23 20.36 41.22
N PHE G 61 5.11 21.05 41.96
CA PHE G 61 6.20 21.79 41.35
C PHE G 61 7.28 20.79 40.93
N ARG G 62 7.75 20.95 39.69
CA ARG G 62 8.93 20.24 39.21
C ARG G 62 10.01 21.25 38.93
N PRO G 63 11.18 21.13 39.59
CA PRO G 63 12.30 22.03 39.37
C PRO G 63 12.78 22.02 37.92
N ALA G 64 12.90 20.81 37.34
CA ALA G 64 13.31 20.64 35.97
C ALA G 64 12.45 21.52 35.06
N VAL G 65 11.13 21.42 35.22
CA VAL G 65 10.18 22.15 34.39
C VAL G 65 10.33 23.65 34.62
N TYR G 66 10.45 24.04 35.89
CA TYR G 66 10.55 25.43 36.27
C TYR G 66 11.76 26.09 35.58
N ALA G 67 12.92 25.44 35.66
CA ALA G 67 14.15 25.93 35.04
C ALA G 67 14.02 25.93 33.53
N GLY G 68 13.23 24.99 33.00
CA GLY G 68 12.91 24.92 31.57
C GLY G 68 12.19 26.17 31.11
N GLU G 69 11.17 26.58 31.90
CA GLU G 69 10.34 27.73 31.57
C GLU G 69 11.14 29.03 31.68
N VAL G 70 12.16 29.05 32.54
CA VAL G 70 13.00 30.23 32.73
C VAL G 70 13.92 30.41 31.54
N GLU G 71 14.34 29.30 30.92
CA GLU G 71 15.23 29.33 29.78
C GLU G 71 14.49 29.82 28.54
N ARG G 72 13.23 29.38 28.36
CA ARG G 72 12.39 29.87 27.28
C ARG G 72 12.19 31.38 27.43
N ARG G 73 11.89 31.81 28.66
CA ARG G 73 11.43 33.16 28.88
C ARG G 73 12.60 34.12 29.04
N PHE G 74 13.78 33.59 29.44
CA PHE G 74 14.98 34.40 29.53
C PHE G 74 16.17 33.54 29.07
N PRO G 75 16.42 33.40 27.75
CA PRO G 75 17.44 32.49 27.24
C PRO G 75 18.84 32.76 27.82
N GLY G 76 19.67 31.71 27.85
CA GLY G 76 21.04 31.81 28.29
C GLY G 76 21.20 31.77 29.81
N SER G 77 20.09 32.03 30.52
CA SER G 77 20.04 31.97 31.97
C SER G 77 20.75 30.71 32.45
N LEU G 78 20.58 29.63 31.69
CA LEU G 78 21.26 28.38 31.94
C LEU G 78 22.58 28.35 31.16
N ALA G 79 23.37 29.41 31.33
CA ALA G 79 24.78 29.41 30.95
C ALA G 79 25.53 28.52 31.94
N ALA G 80 26.61 27.89 31.47
CA ALA G 80 27.30 26.88 32.25
C ALA G 80 27.84 27.50 33.55
N VAL G 81 27.58 26.83 34.68
CA VAL G 81 27.97 27.31 35.99
C VAL G 81 29.49 27.29 36.08
N ASP G 82 30.08 28.49 36.02
CA ASP G 82 31.51 28.65 36.16
C ASP G 82 31.78 29.73 37.20
N GLN G 83 31.74 29.34 38.48
CA GLN G 83 31.73 30.28 39.58
C GLN G 83 32.19 29.59 40.85
N ASP G 84 32.20 30.34 41.94
CA ASP G 84 32.54 29.84 43.27
C ASP G 84 31.45 28.87 43.72
N GLY G 85 30.25 29.03 43.17
CA GLY G 85 29.11 28.18 43.48
C GLY G 85 27.97 28.38 42.49
N PRO G 86 26.69 28.22 42.94
CA PRO G 86 25.54 28.41 42.07
C PRO G 86 25.28 29.86 41.64
N ARG G 87 24.73 30.01 40.43
CA ARG G 87 24.22 31.28 39.94
C ARG G 87 22.80 31.48 40.45
N GLU G 88 22.50 32.69 40.93
CA GLU G 88 21.14 33.06 41.26
C GLU G 88 20.32 33.20 39.97
N LEU G 89 19.04 32.81 40.05
CA LEU G 89 18.17 33.00 38.88
C LEU G 89 17.61 34.42 38.89
N GLN G 90 18.14 35.23 37.96
CA GLN G 90 17.75 36.61 37.75
C GLN G 90 17.55 36.76 36.24
N PRO G 91 16.33 37.03 35.72
CA PRO G 91 15.15 37.21 36.57
C PRO G 91 14.48 35.91 36.96
N ALA G 92 13.64 36.00 38.00
CA ALA G 92 12.98 34.84 38.60
C ALA G 92 11.51 34.80 38.16
N LEU G 93 11.02 33.64 37.71
CA LEU G 93 9.62 33.44 37.38
C LEU G 93 8.83 33.06 38.64
N PRO G 94 7.48 33.15 38.64
CA PRO G 94 6.69 32.71 39.79
C PRO G 94 6.74 31.19 39.98
N GLY G 95 6.59 30.74 41.22
CA GLY G 95 6.62 29.33 41.54
C GLY G 95 5.71 28.51 40.62
N SER G 96 4.66 29.18 40.15
CA SER G 96 3.59 28.57 39.37
C SER G 96 4.05 28.17 37.97
N ALA G 97 5.33 28.44 37.66
CA ALA G 97 5.87 28.15 36.34
C ALA G 97 6.42 26.74 36.26
N GLY G 98 6.79 26.18 37.41
CA GLY G 98 7.31 24.82 37.45
C GLY G 98 6.23 23.81 37.80
N VAL G 99 4.99 24.28 38.00
CA VAL G 99 3.91 23.45 38.53
C VAL G 99 3.23 22.66 37.41
N THR G 100 3.25 21.33 37.53
CA THR G 100 2.76 20.41 36.51
C THR G 100 1.63 19.55 37.07
N VAL G 101 0.74 19.10 36.17
CA VAL G 101 -0.22 18.05 36.45
C VAL G 101 0.34 16.75 35.86
N GLU G 102 0.40 15.70 36.68
CA GLU G 102 0.98 14.43 36.27
C GLU G 102 0.14 13.27 36.79
N LEU G 103 0.44 12.07 36.29
CA LEU G 103 -0.05 10.84 36.90
C LEU G 103 0.70 10.59 38.20
N CYS G 104 0.01 9.90 39.13
CA CYS G 104 0.68 9.40 40.32
C CYS G 104 1.85 8.53 39.86
N ALA G 105 3.04 8.73 40.44
CA ALA G 105 4.26 8.15 39.90
C ALA G 105 5.30 7.89 40.98
N GLY G 106 6.29 7.04 40.65
CA GLY G 106 7.43 6.78 41.53
C GLY G 106 8.52 5.98 40.82
N LEU G 107 9.76 6.07 41.34
CA LEU G 107 10.91 5.32 40.83
C LEU G 107 10.80 3.85 41.23
N VAL G 108 11.49 3.00 40.48
CA VAL G 108 11.64 1.59 40.84
C VAL G 108 13.03 1.38 41.43
N ASP G 109 13.20 1.77 42.70
CA ASP G 109 14.49 1.73 43.37
C ASP G 109 14.54 0.59 44.38
N GLN G 110 13.62 0.63 45.35
CA GLN G 110 13.56 -0.35 46.43
C GLN G 110 13.76 -1.75 45.85
N PRO G 111 14.82 -2.47 46.29
CA PRO G 111 15.21 -3.71 45.63
C PRO G 111 14.24 -4.85 45.89
N GLY G 112 13.64 -5.34 44.80
CA GLY G 112 12.77 -6.50 44.83
C GLY G 112 11.35 -6.18 44.37
N LEU G 113 10.78 -5.14 44.97
CA LEU G 113 9.36 -4.79 44.90
C LEU G 113 8.79 -5.07 43.50
N SER G 114 7.69 -5.84 43.47
CA SER G 114 6.89 -5.96 42.27
C SER G 114 6.32 -4.58 41.96
N LEU G 115 6.35 -4.21 40.69
CA LEU G 115 5.95 -2.88 40.27
C LEU G 115 4.67 -2.47 40.99
N GLU G 116 3.69 -3.39 41.01
CA GLU G 116 2.40 -3.12 41.61
C GLU G 116 2.58 -2.53 43.01
N GLU G 117 3.54 -3.07 43.76
CA GLU G 117 3.74 -2.61 45.12
C GLU G 117 4.22 -1.17 45.12
N VAL G 118 5.16 -0.87 44.21
CA VAL G 118 5.71 0.47 44.07
C VAL G 118 4.58 1.43 43.68
N ALA G 119 3.55 0.88 43.02
CA ALA G 119 2.40 1.64 42.59
C ALA G 119 1.50 1.97 43.77
N CYS G 120 1.09 0.94 44.52
CA CYS G 120 0.18 1.06 45.65
C CYS G 120 0.81 1.93 46.75
N LYS G 121 2.16 1.93 46.74
CA LYS G 121 2.97 2.75 47.61
C LYS G 121 2.75 4.23 47.28
N GLU G 122 3.04 4.60 46.03
CA GLU G 122 2.92 5.97 45.59
C GLU G 122 1.47 6.43 45.73
N ALA G 123 0.54 5.54 45.38
CA ALA G 123 -0.88 5.80 45.46
C ALA G 123 -1.31 6.08 46.89
N TRP G 124 -0.65 5.42 47.85
CA TRP G 124 -0.88 5.78 49.25
C TRP G 124 -0.24 7.13 49.55
N GLU G 125 1.06 7.23 49.29
CA GLU G 125 1.87 8.36 49.71
C GLU G 125 1.40 9.64 49.03
N GLU G 126 1.20 9.58 47.71
CA GLU G 126 0.90 10.78 46.96
C GLU G 126 -0.57 11.19 47.11
N CYS G 127 -1.48 10.22 46.95
CA CYS G 127 -2.90 10.52 46.80
C CYS G 127 -3.71 10.24 48.07
N GLY G 128 -3.18 9.37 48.94
CA GLY G 128 -3.88 9.01 50.16
C GLY G 128 -4.98 8.01 49.85
N TYR G 129 -4.66 7.06 48.95
CA TYR G 129 -5.57 6.01 48.52
C TYR G 129 -4.97 4.64 48.83
N HIS G 130 -5.75 3.82 49.55
CA HIS G 130 -5.30 2.47 49.85
C HIS G 130 -5.55 1.58 48.64
N LEU G 131 -4.50 0.87 48.22
CA LEU G 131 -4.53 0.03 47.04
C LEU G 131 -3.91 -1.35 47.30
N ALA G 132 -4.49 -2.35 46.63
CA ALA G 132 -3.96 -3.71 46.69
C ALA G 132 -3.42 -4.12 45.32
N PRO G 133 -2.19 -4.65 45.25
CA PRO G 133 -1.59 -5.07 43.98
C PRO G 133 -2.47 -5.92 43.07
N SER G 134 -3.55 -6.48 43.61
CA SER G 134 -4.46 -7.27 42.79
C SER G 134 -5.40 -6.35 42.02
N ASP G 135 -5.67 -5.16 42.60
CA ASP G 135 -6.59 -4.18 42.02
C ASP G 135 -6.07 -3.66 40.68
N LEU G 136 -4.74 -3.55 40.56
CA LEU G 136 -4.08 -2.84 39.48
C LEU G 136 -4.17 -3.65 38.18
N ARG G 137 -4.29 -2.92 37.08
CA ARG G 137 -4.39 -3.46 35.73
C ARG G 137 -3.31 -2.82 34.88
N ARG G 138 -2.38 -3.62 34.35
CA ARG G 138 -1.36 -3.09 33.48
C ARG G 138 -2.04 -2.40 32.30
N VAL G 139 -1.59 -1.18 31.99
CA VAL G 139 -2.08 -0.43 30.86
C VAL G 139 -1.04 -0.53 29.75
N ALA G 140 0.19 -0.10 30.03
CA ALA G 140 1.25 -0.22 29.04
C ALA G 140 2.62 -0.17 29.71
N THR G 141 3.63 -0.62 28.94
CA THR G 141 5.04 -0.49 29.27
C THR G 141 5.80 0.04 28.04
N TYR G 142 6.69 1.01 28.27
CA TYR G 142 7.38 1.71 27.19
C TYR G 142 8.57 2.48 27.76
N TRP G 143 9.39 3.01 26.86
CA TRP G 143 10.62 3.68 27.25
C TRP G 143 10.40 5.19 27.26
N SER G 144 11.10 5.85 28.18
CA SER G 144 10.84 7.26 28.42
C SER G 144 11.98 8.14 27.88
N GLY G 145 13.23 7.71 28.06
CA GLY G 145 14.33 8.59 27.67
C GLY G 145 14.66 8.48 26.18
N VAL G 146 14.94 7.23 25.75
CA VAL G 146 15.27 6.85 24.38
C VAL G 146 16.49 7.63 23.89
N GLY G 147 16.43 8.96 24.02
CA GLY G 147 17.53 9.83 23.62
C GLY G 147 18.68 9.70 24.62
N LEU G 148 18.41 10.14 25.85
CA LEU G 148 19.47 10.31 26.83
C LEU G 148 19.32 9.31 27.99
N THR G 149 18.18 8.61 28.01
CA THR G 149 17.89 7.71 29.11
C THR G 149 17.25 6.45 28.55
N GLY G 150 17.78 5.30 28.94
CA GLY G 150 17.14 4.05 28.59
C GLY G 150 16.30 3.55 29.75
N SER G 151 15.29 4.34 30.14
CA SER G 151 14.47 3.97 31.27
C SER G 151 13.10 3.50 30.81
N ARG G 152 12.66 2.39 31.41
CA ARG G 152 11.32 1.88 31.17
C ARG G 152 10.36 2.54 32.14
N GLN G 153 9.13 2.73 31.68
CA GLN G 153 8.06 3.07 32.59
C GLN G 153 6.90 2.12 32.37
N THR G 154 6.24 1.74 33.46
CA THR G 154 5.06 0.89 33.38
C THR G 154 3.86 1.69 33.91
N MET G 155 2.72 1.56 33.24
CA MET G 155 1.53 2.28 33.67
C MET G 155 0.43 1.31 34.10
N PHE G 156 -0.24 1.64 35.21
CA PHE G 156 -1.34 0.85 35.77
C PHE G 156 -2.54 1.74 36.04
N TYR G 157 -3.72 1.14 35.93
CA TYR G 157 -4.96 1.81 36.28
C TYR G 157 -5.75 0.89 37.21
N THR G 158 -6.49 1.51 38.13
CA THR G 158 -7.45 0.83 38.97
C THR G 158 -8.56 1.81 39.39
N GLU G 159 -9.75 1.23 39.62
CA GLU G 159 -10.90 2.00 40.09
C GLU G 159 -10.83 2.09 41.61
N VAL G 160 -11.36 3.19 42.16
CA VAL G 160 -11.38 3.40 43.59
C VAL G 160 -12.74 3.95 44.02
N THR G 161 -12.99 3.86 45.33
CA THR G 161 -14.16 4.44 45.97
C THR G 161 -13.63 5.36 47.08
N ASP G 162 -14.46 6.30 47.53
CA ASP G 162 -14.07 7.19 48.61
C ASP G 162 -13.67 6.38 49.84
N ALA G 163 -13.97 5.08 49.82
CA ALA G 163 -13.74 4.17 50.93
C ALA G 163 -12.25 3.85 51.08
N GLN G 164 -11.48 4.06 50.01
CA GLN G 164 -10.06 3.77 50.03
C GLN G 164 -9.29 5.07 50.23
N ARG G 165 -9.95 6.20 49.98
CA ARG G 165 -9.35 7.50 50.22
C ARG G 165 -9.71 7.95 51.62
N SER G 166 -8.70 8.16 52.46
CA SER G 166 -8.93 8.80 53.75
C SER G 166 -7.73 9.59 54.21
N GLY G 167 -6.56 9.31 53.61
CA GLY G 167 -5.29 9.79 54.12
C GLY G 167 -5.38 11.23 54.62
N LEU G 178 5.04 18.59 49.73
CA LEU G 178 3.62 18.98 49.57
C LEU G 178 3.26 18.92 48.08
N ILE G 179 2.48 17.89 47.73
CA ILE G 179 1.94 17.63 46.41
C ILE G 179 0.42 17.74 46.48
N GLU G 180 -0.19 18.38 45.47
CA GLU G 180 -1.64 18.49 45.39
C GLU G 180 -2.21 17.18 44.84
N VAL G 181 -3.46 16.89 45.19
CA VAL G 181 -4.22 15.84 44.53
C VAL G 181 -5.28 16.52 43.68
N VAL G 182 -5.54 15.94 42.50
CA VAL G 182 -6.45 16.59 41.58
C VAL G 182 -7.52 15.60 41.14
N HIS G 183 -8.73 15.79 41.67
CA HIS G 183 -9.88 15.05 41.21
C HIS G 183 -10.41 15.74 39.96
N LEU G 184 -10.10 15.15 38.80
CA LEU G 184 -10.59 15.66 37.54
C LEU G 184 -11.96 15.03 37.25
N PRO G 185 -13.07 15.81 37.33
CA PRO G 185 -14.37 15.33 36.90
C PRO G 185 -14.39 14.96 35.43
N LEU G 186 -15.14 13.90 35.10
CA LEU G 186 -15.01 13.23 33.82
C LEU G 186 -15.54 14.08 32.66
N GLU G 187 -16.64 14.80 32.90
CA GLU G 187 -17.20 15.71 31.90
C GLU G 187 -16.10 16.58 31.31
N GLY G 188 -15.30 17.19 32.18
CA GLY G 188 -14.31 18.18 31.77
C GLY G 188 -12.97 17.54 31.38
N ALA G 189 -12.84 16.23 31.61
CA ALA G 189 -11.58 15.53 31.47
C ALA G 189 -10.98 15.75 30.09
N GLN G 190 -11.80 15.57 29.05
CA GLN G 190 -11.31 15.62 27.68
C GLN G 190 -10.79 17.02 27.38
N ALA G 191 -11.66 18.00 27.58
CA ALA G 191 -11.34 19.41 27.41
C ALA G 191 -10.06 19.77 28.16
N PHE G 192 -9.93 19.23 29.37
CA PHE G 192 -8.81 19.54 30.27
C PHE G 192 -7.50 19.06 29.65
N ALA G 193 -7.49 17.80 29.20
CA ALA G 193 -6.32 17.19 28.59
C ALA G 193 -5.83 18.06 27.44
N ASP G 194 -6.77 18.50 26.59
CA ASP G 194 -6.50 19.20 25.35
C ASP G 194 -5.88 20.57 25.60
N ASP G 195 -6.29 21.21 26.70
CA ASP G 195 -5.96 22.61 26.98
C ASP G 195 -4.45 22.75 27.20
N PRO G 196 -3.73 23.54 26.35
CA PRO G 196 -2.28 23.66 26.43
C PRO G 196 -1.79 24.62 27.51
N ASP G 197 -2.74 25.26 28.21
CA ASP G 197 -2.44 26.19 29.28
C ASP G 197 -1.91 25.43 30.50
N ILE G 198 -2.29 24.16 30.61
CA ILE G 198 -1.92 23.32 31.73
C ILE G 198 -0.67 22.53 31.36
N PRO G 199 0.48 22.73 32.05
CA PRO G 199 1.63 21.85 31.87
C PRO G 199 1.34 20.42 32.35
N LYS G 200 1.34 19.46 31.42
CA LYS G 200 1.03 18.07 31.73
C LYS G 200 2.02 17.13 31.04
N THR G 201 2.07 15.87 31.48
CA THR G 201 2.88 14.87 30.80
C THR G 201 2.02 14.18 29.76
N LEU G 202 2.68 13.51 28.81
CA LEU G 202 1.98 12.73 27.80
C LEU G 202 1.23 11.62 28.52
N GLY G 203 1.82 11.14 29.61
CA GLY G 203 1.11 10.25 30.52
C GLY G 203 -0.32 10.76 30.73
N VAL G 204 -0.43 11.96 31.32
CA VAL G 204 -1.71 12.58 31.65
C VAL G 204 -2.63 12.48 30.44
N ILE G 205 -2.12 12.92 29.30
CA ILE G 205 -2.87 13.05 28.06
C ILE G 205 -3.32 11.67 27.59
N PHE G 206 -2.39 10.72 27.63
CA PHE G 206 -2.67 9.37 27.20
C PHE G 206 -3.70 8.75 28.13
N GLY G 207 -3.46 8.91 29.44
CA GLY G 207 -4.29 8.33 30.47
C GLY G 207 -5.76 8.64 30.23
N VAL G 208 -6.08 9.94 30.22
CA VAL G 208 -7.43 10.44 29.99
C VAL G 208 -7.94 9.87 28.66
N SER G 209 -7.13 10.08 27.62
CA SER G 209 -7.42 9.61 26.28
C SER G 209 -7.81 8.14 26.32
N TRP G 210 -7.01 7.34 27.04
CA TRP G 210 -7.17 5.90 27.05
C TRP G 210 -8.40 5.50 27.86
N PHE G 211 -8.57 6.12 29.02
CA PHE G 211 -9.65 5.76 29.92
C PHE G 211 -10.99 5.98 29.22
N LEU G 212 -11.10 7.15 28.57
CA LEU G 212 -12.34 7.59 27.96
C LEU G 212 -12.75 6.62 26.86
N SER G 213 -11.75 6.16 26.10
CA SER G 213 -11.98 5.26 24.98
C SER G 213 -12.22 3.84 25.47
N GLN G 214 -11.43 3.40 26.47
CA GLN G 214 -11.37 2.00 26.83
C GLN G 214 -12.35 1.66 27.96
N VAL G 215 -12.33 2.42 29.04
CA VAL G 215 -13.04 2.02 30.26
C VAL G 215 -14.38 2.74 30.36
N ALA G 216 -14.39 4.03 30.05
CA ALA G 216 -15.53 4.89 30.29
C ALA G 216 -16.82 4.31 29.68
N PRO G 217 -16.83 3.83 28.42
CA PRO G 217 -18.06 3.38 27.77
C PRO G 217 -18.76 2.20 28.46
N ASN G 218 -18.00 1.41 29.24
CA ASN G 218 -18.51 0.16 29.78
C ASN G 218 -18.87 0.35 31.25
N LEU G 219 -19.47 1.51 31.57
CA LEU G 219 -19.77 1.86 32.95
C LEU G 219 -21.12 2.57 33.06
N ASP G 220 -21.45 3.05 34.27
CA ASP G 220 -22.75 3.62 34.61
C ASP G 220 -22.80 5.09 34.15
N MET H 1 21.72 -3.13 9.98
CA MET H 1 21.58 -2.06 11.01
C MET H 1 21.77 -2.62 12.41
N GLU H 2 21.13 -3.76 12.69
CA GLU H 2 20.97 -4.26 14.06
C GLU H 2 22.26 -4.93 14.53
N ARG H 3 23.40 -4.49 14.00
CA ARG H 3 24.68 -5.15 14.17
C ARG H 3 25.63 -4.26 14.98
N ILE H 4 25.75 -4.56 16.28
CA ILE H 4 26.50 -3.77 17.22
C ILE H 4 27.54 -4.69 17.87
N GLU H 5 28.79 -4.23 17.94
CA GLU H 5 29.80 -5.03 18.64
C GLU H 5 29.91 -4.57 20.08
N GLY H 6 29.89 -5.49 21.04
CA GLY H 6 29.72 -5.17 22.45
C GLY H 6 30.78 -4.20 22.99
N ALA H 7 30.65 -2.91 22.69
CA ALA H 7 31.56 -1.93 23.20
C ALA H 7 31.24 -1.66 24.67
N SER H 8 32.27 -1.22 25.39
CA SER H 8 32.24 -0.88 26.80
C SER H 8 31.59 0.48 27.06
N VAL H 9 31.19 0.66 28.32
CA VAL H 9 30.66 1.91 28.84
C VAL H 9 31.79 2.72 29.48
N GLY H 10 31.80 4.03 29.19
CA GLY H 10 32.81 4.93 29.70
C GLY H 10 32.21 6.20 30.32
N ARG H 11 32.95 6.80 31.25
CA ARG H 11 32.51 7.96 31.99
C ARG H 11 32.60 9.20 31.09
N CYS H 12 31.52 9.97 31.03
CA CYS H 12 31.37 11.12 30.14
C CYS H 12 31.81 12.40 30.84
N ALA H 13 32.65 13.18 30.16
CA ALA H 13 33.17 14.44 30.66
C ALA H 13 32.40 15.61 30.04
N ALA H 14 32.51 15.75 28.71
CA ALA H 14 31.77 16.78 27.99
C ALA H 14 30.75 16.12 27.07
N SER H 15 29.62 16.80 26.90
CA SER H 15 28.65 16.47 25.86
C SER H 15 27.69 17.65 25.71
N PRO H 16 27.22 17.97 24.48
CA PRO H 16 26.28 19.06 24.27
C PRO H 16 24.88 18.79 24.81
N TYR H 17 24.45 17.53 24.71
CA TYR H 17 23.10 17.11 25.09
C TYR H 17 23.02 16.87 26.60
N LEU H 18 24.15 16.44 27.15
CA LEU H 18 24.40 16.13 28.56
C LEU H 18 25.09 17.33 29.23
N ARG H 19 24.27 18.08 29.94
CA ARG H 19 24.62 19.34 30.59
C ARG H 19 23.76 19.47 31.85
N PRO H 20 24.03 18.62 32.87
CA PRO H 20 23.23 18.58 34.08
C PRO H 20 23.46 19.77 35.00
N LEU H 21 22.42 20.10 35.78
CA LEU H 21 22.46 21.23 36.70
C LEU H 21 21.73 20.86 37.98
N THR H 22 21.91 21.69 39.02
CA THR H 22 21.21 21.53 40.28
C THR H 22 20.50 22.84 40.61
N LEU H 23 19.18 22.74 40.87
CA LEU H 23 18.36 23.91 41.16
C LEU H 23 18.07 23.99 42.66
N HIS H 24 18.58 25.06 43.28
CA HIS H 24 18.40 25.32 44.70
C HIS H 24 17.28 26.34 44.86
N TYR H 25 16.36 26.06 45.79
CA TYR H 25 15.15 26.85 45.93
C TYR H 25 14.56 26.61 47.32
N ARG H 26 13.83 27.61 47.83
CA ARG H 26 13.08 27.46 49.05
C ARG H 26 11.61 27.28 48.69
N GLN H 27 11.12 26.05 48.88
CA GLN H 27 9.71 25.74 48.69
C GLN H 27 9.00 25.80 50.04
N ASN H 28 7.97 26.66 50.12
CA ASN H 28 7.05 26.70 51.24
C ASN H 28 7.87 26.95 52.51
N GLY H 29 9.04 27.57 52.34
CA GLY H 29 9.98 27.87 53.42
C GLY H 29 11.23 27.00 53.35
N ALA H 30 11.05 25.71 53.04
CA ALA H 30 12.09 24.70 53.11
C ALA H 30 13.03 24.76 51.91
N GLN H 31 14.33 24.87 52.21
CA GLN H 31 15.39 24.93 51.21
C GLN H 31 15.67 23.52 50.67
N LYS H 32 15.59 23.37 49.34
CA LYS H 32 15.84 22.10 48.68
C LYS H 32 16.66 22.33 47.43
N SER H 33 17.10 21.23 46.82
CA SER H 33 17.77 21.27 45.53
C SER H 33 17.44 20.00 44.73
N TRP H 34 17.46 20.14 43.40
CA TRP H 34 17.09 19.04 42.52
C TRP H 34 18.11 18.90 41.40
N ASP H 35 18.30 17.66 40.94
CA ASP H 35 19.23 17.34 39.87
C ASP H 35 18.44 17.06 38.61
N PHE H 36 18.81 17.75 37.52
CA PHE H 36 18.12 17.75 36.23
C PHE H 36 19.09 18.18 35.15
N MET H 37 18.65 18.22 33.90
CA MET H 37 19.55 18.62 32.82
C MET H 37 18.88 19.61 31.87
N LYS H 38 19.67 20.62 31.49
CA LYS H 38 19.37 21.45 30.35
C LYS H 38 19.29 20.53 29.13
N THR H 39 18.07 20.34 28.61
CA THR H 39 17.86 19.51 27.44
C THR H 39 16.98 20.24 26.43
N HIS H 40 17.02 19.76 25.19
CA HIS H 40 16.31 20.41 24.12
C HIS H 40 14.87 19.94 24.06
N ASP H 41 14.01 20.86 23.60
CA ASP H 41 12.67 20.55 23.14
C ASP H 41 12.75 19.62 21.94
N SER H 42 11.59 19.16 21.46
CA SER H 42 11.52 18.15 20.43
C SER H 42 10.16 18.16 19.76
N VAL H 43 10.08 17.55 18.56
CA VAL H 43 8.82 17.38 17.84
C VAL H 43 8.72 15.96 17.29
N THR H 44 7.48 15.46 17.24
CA THR H 44 7.17 14.13 16.74
C THR H 44 6.04 14.22 15.71
N VAL H 45 6.02 13.24 14.81
CA VAL H 45 5.11 13.25 13.69
C VAL H 45 4.54 11.86 13.48
N LEU H 46 3.23 11.81 13.28
CA LEU H 46 2.62 10.56 12.84
C LEU H 46 2.21 10.70 11.38
N LEU H 47 2.64 9.74 10.58
CA LEU H 47 2.28 9.72 9.17
C LEU H 47 1.26 8.61 8.96
N PHE H 48 0.22 8.93 8.20
CA PHE H 48 -0.72 7.92 7.74
C PHE H 48 -0.72 7.86 6.21
N ASN H 49 -0.07 6.82 5.66
CA ASN H 49 -0.07 6.58 4.22
C ASN H 49 -1.44 6.03 3.84
N SER H 50 -2.29 6.89 3.27
CA SER H 50 -3.65 6.52 2.92
C SER H 50 -3.66 5.49 1.79
N SER H 51 -2.63 5.56 0.93
CA SER H 51 -2.51 4.70 -0.24
C SER H 51 -2.23 3.26 0.15
N ARG H 52 -1.59 3.06 1.31
CA ARG H 52 -1.20 1.73 1.78
C ARG H 52 -2.00 1.35 3.01
N ARG H 53 -2.72 2.32 3.59
CA ARG H 53 -3.50 2.12 4.80
C ARG H 53 -2.59 1.66 5.95
N SER H 54 -1.40 2.29 6.04
CA SER H 54 -0.38 1.99 7.03
C SER H 54 0.00 3.27 7.78
N LEU H 55 0.50 3.10 9.01
CA LEU H 55 1.07 4.23 9.75
C LEU H 55 2.59 4.17 9.66
N VAL H 56 3.25 5.32 9.80
CA VAL H 56 4.67 5.40 9.51
C VAL H 56 5.46 5.79 10.76
N LEU H 57 6.41 4.90 11.09
CA LEU H 57 7.18 4.92 12.33
C LEU H 57 8.65 4.71 12.00
N VAL H 58 9.50 4.95 13.00
CA VAL H 58 10.93 4.78 12.86
C VAL H 58 11.44 3.76 13.88
N LYS H 59 11.94 2.64 13.36
CA LYS H 59 12.64 1.68 14.19
C LYS H 59 14.13 1.92 14.05
N GLN H 60 14.80 2.12 15.19
CA GLN H 60 16.23 2.36 15.18
C GLN H 60 16.81 1.86 16.49
N PHE H 61 18.14 1.63 16.47
CA PHE H 61 18.86 1.31 17.69
C PHE H 61 19.04 2.57 18.52
N ARG H 62 18.73 2.47 19.82
CA ARG H 62 19.06 3.51 20.78
C ARG H 62 20.08 2.95 21.76
N PRO H 63 21.27 3.56 21.87
CA PRO H 63 22.29 3.12 22.81
C PRO H 63 21.81 3.14 24.26
N ALA H 64 21.14 4.23 24.63
CA ALA H 64 20.59 4.40 25.97
C ALA H 64 19.74 3.18 26.33
N VAL H 65 18.83 2.80 25.42
CA VAL H 65 17.91 1.69 25.65
C VAL H 65 18.70 0.38 25.75
N TYR H 66 19.67 0.21 24.84
CA TYR H 66 20.47 -1.00 24.79
C TYR H 66 21.17 -1.25 26.12
N ALA H 67 21.84 -0.21 26.64
CA ALA H 67 22.55 -0.27 27.91
C ALA H 67 21.59 -0.48 29.06
N GLY H 68 20.37 0.04 28.91
CA GLY H 68 19.29 -0.16 29.87
C GLY H 68 18.93 -1.63 29.99
N GLU H 69 18.78 -2.30 28.84
CA GLU H 69 18.38 -3.70 28.78
C GLU H 69 19.49 -4.61 29.32
N VAL H 70 20.74 -4.16 29.22
CA VAL H 70 21.88 -4.93 29.71
C VAL H 70 21.90 -4.90 31.24
N GLU H 71 21.46 -3.79 31.82
CA GLU H 71 21.45 -3.61 33.26
C GLU H 71 20.35 -4.47 33.89
N ARG H 72 19.18 -4.52 33.24
CA ARG H 72 18.10 -5.39 33.68
C ARG H 72 18.56 -6.84 33.66
N ARG H 73 19.21 -7.22 32.57
CA ARG H 73 19.47 -8.63 32.30
C ARG H 73 20.75 -9.08 33.00
N PHE H 74 21.65 -8.13 33.29
CA PHE H 74 22.87 -8.43 34.03
C PHE H 74 23.17 -7.26 34.96
N PRO H 75 22.52 -7.17 36.15
CA PRO H 75 22.65 -6.00 37.02
C PRO H 75 24.10 -5.71 37.42
N GLY H 76 24.37 -4.43 37.73
CA GLY H 76 25.67 -3.99 38.21
C GLY H 76 26.66 -3.76 37.08
N SER H 77 26.36 -4.32 35.89
CA SER H 77 27.16 -4.12 34.70
C SER H 77 27.54 -2.65 34.56
N LEU H 78 26.59 -1.79 34.93
CA LEU H 78 26.79 -0.35 34.97
C LEU H 78 27.27 0.04 36.36
N ALA H 79 28.32 -0.65 36.83
CA ALA H 79 29.13 -0.18 37.94
C ALA H 79 29.94 1.02 37.46
N ALA H 80 30.23 1.95 38.38
CA ALA H 80 30.72 3.26 37.98
C ALA H 80 32.08 3.11 37.32
N VAL H 81 32.27 3.81 36.19
CA VAL H 81 33.51 3.81 35.43
C VAL H 81 34.62 4.38 36.31
N ASP H 82 35.50 3.50 36.80
CA ASP H 82 36.27 3.70 38.01
C ASP H 82 37.74 3.49 37.64
N GLN H 83 37.99 3.57 36.33
CA GLN H 83 39.28 3.21 35.78
C GLN H 83 39.45 3.95 34.47
N ASP H 84 40.70 3.99 33.98
CA ASP H 84 40.97 4.65 32.71
C ASP H 84 40.41 3.80 31.58
N GLY H 85 40.21 2.51 31.86
CA GLY H 85 39.56 1.56 30.97
C GLY H 85 39.37 0.24 31.72
N PRO H 86 38.19 0.02 32.35
CA PRO H 86 37.94 -1.17 33.16
C PRO H 86 37.88 -2.47 32.38
N ARG H 87 36.67 -2.91 32.01
CA ARG H 87 36.46 -4.09 31.17
C ARG H 87 35.75 -3.67 29.89
N GLU H 88 34.80 -4.50 29.46
CA GLU H 88 34.00 -4.21 28.27
C GLU H 88 32.54 -4.54 28.56
N LEU H 89 31.76 -4.71 27.50
CA LEU H 89 30.40 -5.23 27.64
C LEU H 89 30.48 -6.75 27.74
N GLN H 90 30.43 -7.27 28.98
CA GLN H 90 30.48 -8.70 29.25
C GLN H 90 29.37 -9.06 30.22
N PRO H 91 28.32 -9.80 29.81
CA PRO H 91 28.15 -10.19 28.41
C PRO H 91 27.46 -9.12 27.57
N ALA H 92 27.64 -9.23 26.25
CA ALA H 92 27.04 -8.30 25.30
C ALA H 92 25.76 -8.91 24.73
N LEU H 93 24.61 -8.26 24.99
CA LEU H 93 23.32 -8.64 24.44
C LEU H 93 23.34 -8.43 22.92
N PRO H 94 22.38 -9.02 22.16
CA PRO H 94 22.29 -8.79 20.72
C PRO H 94 21.90 -7.35 20.40
N GLY H 95 22.34 -6.86 19.23
CA GLY H 95 22.05 -5.50 18.82
C GLY H 95 20.55 -5.19 18.92
N SER H 96 19.74 -6.25 18.81
CA SER H 96 18.28 -6.16 18.74
C SER H 96 17.69 -5.77 20.09
N ALA H 97 18.53 -5.57 21.11
CA ALA H 97 18.07 -5.26 22.44
C ALA H 97 17.91 -3.75 22.62
N GLY H 98 18.65 -2.97 21.83
CA GLY H 98 18.56 -1.52 21.91
C GLY H 98 17.60 -0.95 20.86
N VAL H 99 17.01 -1.83 20.04
CA VAL H 99 16.21 -1.42 18.89
C VAL H 99 14.78 -1.12 19.31
N THR H 100 14.36 0.13 19.04
CA THR H 100 13.06 0.65 19.46
C THR H 100 12.23 1.06 18.25
N VAL H 101 10.91 0.98 18.40
CA VAL H 101 9.97 1.57 17.46
C VAL H 101 9.49 2.89 18.06
N GLU H 102 9.59 3.96 17.28
CA GLU H 102 9.28 5.30 17.77
C GLU H 102 8.51 6.07 16.70
N LEU H 103 7.96 7.22 17.10
CA LEU H 103 7.44 8.18 16.16
C LEU H 103 8.62 8.89 15.49
N CYS H 104 8.40 9.35 14.26
CA CYS H 104 9.35 10.24 13.61
C CYS H 104 9.56 11.45 14.53
N ALA H 105 10.83 11.83 14.76
CA ALA H 105 11.13 12.77 15.82
C ALA H 105 12.41 13.56 15.53
N GLY H 106 12.56 14.68 16.24
CA GLY H 106 13.78 15.49 16.16
C GLY H 106 13.83 16.59 17.22
N LEU H 107 15.04 17.07 17.52
CA LEU H 107 15.28 18.15 18.47
C LEU H 107 14.83 19.47 17.86
N VAL H 108 14.53 20.44 18.73
CA VAL H 108 14.29 21.82 18.34
C VAL H 108 15.52 22.62 18.76
N ASP H 109 16.60 22.48 17.98
CA ASP H 109 17.88 23.09 18.28
C ASP H 109 18.14 24.26 17.33
N GLN H 110 18.13 23.97 16.03
CA GLN H 110 18.23 24.97 14.97
C GLN H 110 17.42 26.21 15.37
N PRO H 111 18.09 27.37 15.52
CA PRO H 111 17.46 28.53 16.15
C PRO H 111 16.43 29.20 15.26
N GLY H 112 15.17 29.19 15.73
CA GLY H 112 14.10 29.94 15.10
C GLY H 112 12.97 29.03 14.61
N LEU H 113 13.33 27.94 13.91
CA LEU H 113 12.42 27.14 13.11
C LEU H 113 11.07 26.96 13.80
N SER H 114 9.99 27.25 13.06
CA SER H 114 8.66 26.87 13.49
C SER H 114 8.63 25.35 13.57
N LEU H 115 8.03 24.84 14.64
CA LEU H 115 8.06 23.43 14.94
C LEU H 115 7.75 22.64 13.67
N GLU H 116 6.71 23.07 12.95
CA GLU H 116 6.26 22.38 11.75
C GLU H 116 7.44 22.10 10.84
N GLU H 117 8.33 23.09 10.70
CA GLU H 117 9.46 22.94 9.80
C GLU H 117 10.38 21.83 10.29
N VAL H 118 10.63 21.82 11.60
CA VAL H 118 11.48 20.81 12.21
C VAL H 118 10.85 19.44 12.02
N ALA H 119 9.52 19.44 11.87
CA ALA H 119 8.76 18.21 11.67
C ALA H 119 8.94 17.70 10.25
N CYS H 120 8.67 18.56 9.27
CA CYS H 120 8.74 18.22 7.85
C CYS H 120 10.16 17.85 7.46
N LYS H 121 11.11 18.40 8.23
CA LYS H 121 12.53 18.11 8.13
C LYS H 121 12.77 16.64 8.47
N GLU H 122 12.40 16.25 9.70
CA GLU H 122 12.63 14.90 10.17
C GLU H 122 11.87 13.91 9.30
N ALA H 123 10.65 14.30 8.91
CA ALA H 123 9.79 13.50 8.07
C ALA H 123 10.43 13.25 6.71
N TRP H 124 11.17 14.25 6.22
CA TRP H 124 11.95 14.02 5.02
C TRP H 124 13.13 13.10 5.32
N GLU H 125 13.95 13.51 6.29
CA GLU H 125 15.22 12.87 6.57
C GLU H 125 15.02 11.43 7.03
N GLU H 126 14.09 11.22 7.98
CA GLU H 126 13.95 9.92 8.59
C GLU H 126 13.15 8.97 7.68
N CYS H 127 12.03 9.45 7.14
CA CYS H 127 11.06 8.57 6.49
C CYS H 127 11.11 8.66 4.96
N GLY H 128 11.63 9.78 4.45
CA GLY H 128 11.67 10.00 3.01
C GLY H 128 10.29 10.39 2.49
N TYR H 129 9.62 11.24 3.28
CA TYR H 129 8.30 11.74 2.96
C TYR H 129 8.32 13.26 2.85
N HIS H 130 7.86 13.78 1.71
CA HIS H 130 7.81 15.22 1.53
C HIS H 130 6.57 15.76 2.23
N LEU H 131 6.80 16.78 3.06
CA LEU H 131 5.76 17.37 3.89
C LEU H 131 5.81 18.89 3.84
N ALA H 132 4.61 19.49 3.88
CA ALA H 132 4.48 20.94 3.93
C ALA H 132 3.88 21.35 5.26
N PRO H 133 4.49 22.35 5.95
CA PRO H 133 4.03 22.80 7.26
C PRO H 133 2.52 23.08 7.37
N SER H 134 1.85 23.21 6.23
CA SER H 134 0.41 23.43 6.26
C SER H 134 -0.32 22.11 6.47
N ASP H 135 0.30 21.00 6.02
CA ASP H 135 -0.28 19.66 6.11
C ASP H 135 -0.48 19.24 7.56
N LEU H 136 0.46 19.67 8.43
CA LEU H 136 0.57 19.16 9.79
C LEU H 136 -0.56 19.70 10.66
N ARG H 137 -1.01 18.86 11.59
CA ARG H 137 -2.08 19.15 12.53
C ARG H 137 -1.57 18.90 13.94
N ARG H 138 -1.54 19.95 14.76
CA ARG H 138 -1.12 19.79 16.14
C ARG H 138 -2.01 18.74 16.79
N VAL H 139 -1.36 17.79 17.49
CA VAL H 139 -2.08 16.78 18.25
C VAL H 139 -2.02 17.17 19.73
N ALA H 140 -0.82 17.32 20.27
CA ALA H 140 -0.68 17.76 21.65
C ALA H 140 0.71 18.35 21.91
N THR H 141 0.82 19.07 23.03
CA THR H 141 2.07 19.57 23.58
C THR H 141 2.11 19.25 25.09
N TYR H 142 3.27 18.78 25.56
CA TYR H 142 3.44 18.29 26.92
C TYR H 142 4.92 18.14 27.24
N TRP H 143 5.23 17.87 28.52
CA TRP H 143 6.60 17.81 28.98
C TRP H 143 7.06 16.36 29.05
N SER H 144 8.31 16.14 28.68
CA SER H 144 8.87 14.83 28.45
C SER H 144 10.13 14.88 29.29
N GLY H 145 10.09 14.32 30.47
CA GLY H 145 11.27 14.40 31.33
C GLY H 145 10.73 14.52 32.72
N VAL H 146 10.19 15.72 33.02
CA VAL H 146 9.56 16.10 34.29
C VAL H 146 10.49 15.81 35.48
N GLY H 147 11.01 14.58 35.54
CA GLY H 147 11.96 14.20 36.55
C GLY H 147 13.30 14.87 36.31
N LEU H 148 13.96 14.52 35.19
CA LEU H 148 15.34 14.93 34.99
C LEU H 148 15.46 15.94 33.85
N THR H 149 14.37 16.08 33.08
CA THR H 149 14.43 17.02 31.96
C THR H 149 13.08 17.74 31.94
N GLY H 150 13.17 19.07 31.96
CA GLY H 150 11.98 19.88 31.74
C GLY H 150 11.96 20.33 30.27
N SER H 151 11.80 19.34 29.39
CA SER H 151 11.74 19.61 27.95
C SER H 151 10.31 19.47 27.47
N ARG H 152 9.89 20.38 26.60
CA ARG H 152 8.59 20.28 25.95
C ARG H 152 8.71 19.41 24.70
N GLN H 153 7.65 18.69 24.40
CA GLN H 153 7.56 18.02 23.12
C GLN H 153 6.22 18.37 22.51
N THR H 154 6.21 18.57 21.19
CA THR H 154 4.99 18.84 20.45
C THR H 154 4.76 17.69 19.46
N MET H 155 3.52 17.25 19.35
CA MET H 155 3.22 16.16 18.44
C MET H 155 2.28 16.63 17.33
N PHE H 156 2.58 16.17 16.09
CA PHE H 156 1.81 16.51 14.90
C PHE H 156 1.47 15.23 14.13
N TYR H 157 0.33 15.29 13.45
CA TYR H 157 -0.07 14.22 12.55
C TYR H 157 -0.46 14.83 11.22
N THR H 158 -0.19 14.07 10.14
CA THR H 158 -0.66 14.40 8.80
C THR H 158 -0.81 13.12 7.97
N GLU H 159 -1.74 13.16 7.02
CA GLU H 159 -1.98 12.07 6.10
C GLU H 159 -1.01 12.20 4.94
N VAL H 160 -0.61 11.05 4.36
CA VAL H 160 0.28 11.04 3.22
C VAL H 160 -0.22 10.05 2.18
N THR H 161 0.32 10.21 0.96
CA THR H 161 0.11 9.28 -0.15
C THR H 161 1.49 8.83 -0.62
N ASP H 162 1.55 7.68 -1.31
CA ASP H 162 2.80 7.18 -1.84
C ASP H 162 3.47 8.24 -2.72
N ALA H 163 2.71 9.30 -3.05
CA ALA H 163 3.15 10.35 -3.95
C ALA H 163 4.15 11.27 -3.27
N GLN H 164 4.17 11.26 -1.93
CA GLN H 164 5.07 12.11 -1.17
C GLN H 164 6.26 11.30 -0.70
N ARG H 165 6.11 9.97 -0.72
CA ARG H 165 7.20 9.07 -0.39
C ARG H 165 7.93 8.70 -1.67
N SER H 166 9.21 9.07 -1.74
CA SER H 166 10.02 8.76 -2.91
C SER H 166 11.49 8.65 -2.53
N GLY H 167 11.83 9.13 -1.33
CA GLY H 167 13.15 8.92 -0.74
C GLY H 167 13.87 7.73 -1.36
N PRO H 168 13.65 6.47 -0.88
CA PRO H 168 14.39 5.31 -1.37
C PRO H 168 13.91 4.73 -2.69
N GLY H 169 12.92 5.35 -3.33
CA GLY H 169 12.22 4.74 -4.45
C GLY H 169 11.74 3.34 -4.12
N LEU H 178 21.64 4.83 10.09
CA LEU H 178 20.73 3.89 9.40
C LEU H 178 19.53 3.62 10.31
N ILE H 179 18.38 4.19 9.94
CA ILE H 179 17.11 4.08 10.63
C ILE H 179 16.14 3.36 9.71
N GLU H 180 15.36 2.42 10.27
CA GLU H 180 14.33 1.71 9.52
C GLU H 180 13.09 2.59 9.44
N VAL H 181 12.28 2.39 8.40
CA VAL H 181 10.93 2.94 8.35
C VAL H 181 9.97 1.77 8.52
N VAL H 182 8.87 2.01 9.24
CA VAL H 182 7.97 0.92 9.56
C VAL H 182 6.55 1.31 9.16
N HIS H 183 6.08 0.70 8.07
CA HIS H 183 4.69 0.84 7.67
C HIS H 183 3.87 -0.16 8.48
N LEU H 184 3.19 0.34 9.51
CA LEU H 184 2.31 -0.49 10.32
C LEU H 184 0.92 -0.52 9.68
N PRO H 185 0.50 -1.67 9.10
CA PRO H 185 -0.88 -1.82 8.62
C PRO H 185 -1.89 -1.67 9.75
N LEU H 186 -3.04 -1.07 9.43
CA LEU H 186 -3.96 -0.58 10.43
C LEU H 186 -4.67 -1.71 11.18
N GLU H 187 -5.01 -2.79 10.48
CA GLU H 187 -5.62 -3.96 11.09
C GLU H 187 -4.82 -4.37 12.34
N GLY H 188 -3.50 -4.47 12.18
CA GLY H 188 -2.63 -4.99 13.23
C GLY H 188 -2.19 -3.91 14.22
N ALA H 189 -2.48 -2.65 13.90
CA ALA H 189 -1.96 -1.50 14.62
C ALA H 189 -2.25 -1.63 16.12
N GLN H 190 -3.51 -1.94 16.45
CA GLN H 190 -3.95 -1.94 17.83
C GLN H 190 -3.19 -3.01 18.60
N ALA H 191 -3.28 -4.25 18.10
CA ALA H 191 -2.59 -5.39 18.65
C ALA H 191 -1.10 -5.09 18.85
N PHE H 192 -0.51 -4.41 17.86
CA PHE H 192 0.91 -4.09 17.83
C PHE H 192 1.28 -3.19 18.99
N ALA H 193 0.51 -2.10 19.15
CA ALA H 193 0.73 -1.14 20.21
C ALA H 193 0.77 -1.83 21.56
N ASP H 194 -0.21 -2.72 21.78
CA ASP H 194 -0.48 -3.37 23.05
C ASP H 194 0.67 -4.30 23.44
N ASP H 195 1.29 -4.94 22.44
CA ASP H 195 2.25 -6.01 22.65
C ASP H 195 3.50 -5.47 23.33
N PRO H 196 3.83 -5.95 24.56
CA PRO H 196 4.96 -5.41 25.33
C PRO H 196 6.32 -5.96 24.90
N ASP H 197 6.32 -6.86 23.93
CA ASP H 197 7.52 -7.48 23.40
C ASP H 197 8.29 -6.46 22.57
N ILE H 198 7.57 -5.48 22.04
CA ILE H 198 8.15 -4.45 21.18
C ILE H 198 8.49 -3.24 22.05
N PRO H 199 9.79 -2.87 22.17
CA PRO H 199 10.15 -1.60 22.82
C PRO H 199 9.65 -0.39 22.04
N LYS H 200 8.73 0.38 22.65
CA LYS H 200 8.12 1.53 21.99
C LYS H 200 8.05 2.71 22.95
N THR H 201 7.83 3.92 22.41
CA THR H 201 7.62 5.08 23.27
C THR H 201 6.12 5.21 23.52
N LEU H 202 5.78 5.97 24.57
CA LEU H 202 4.39 6.25 24.87
C LEU H 202 3.80 7.03 23.70
N GLY H 203 4.65 7.86 23.07
CA GLY H 203 4.30 8.45 21.79
C GLY H 203 3.62 7.43 20.89
N VAL H 204 4.36 6.38 20.53
CA VAL H 204 3.90 5.34 19.63
C VAL H 204 2.51 4.88 20.08
N ILE H 205 2.41 4.56 21.38
CA ILE H 205 1.21 3.97 21.97
C ILE H 205 0.06 4.95 21.89
N PHE H 206 0.36 6.20 22.25
CA PHE H 206 -0.65 7.24 22.24
C PHE H 206 -1.10 7.49 20.82
N GLY H 207 -0.12 7.62 19.91
CA GLY H 207 -0.37 7.93 18.51
C GLY H 207 -1.42 6.99 17.92
N VAL H 208 -1.13 5.69 17.95
CA VAL H 208 -2.00 4.65 17.44
C VAL H 208 -3.35 4.78 18.14
N SER H 209 -3.29 4.80 19.48
CA SER H 209 -4.45 4.93 20.33
C SER H 209 -5.31 6.10 19.85
N TRP H 210 -4.65 7.24 19.60
CA TRP H 210 -5.35 8.48 19.30
C TRP H 210 -5.91 8.44 17.89
N PHE H 211 -5.11 7.96 16.95
CA PHE H 211 -5.50 7.95 15.54
C PHE H 211 -6.77 7.12 15.38
N LEU H 212 -6.76 5.93 16.02
CA LEU H 212 -7.82 4.95 15.84
C LEU H 212 -9.13 5.53 16.36
N SER H 213 -9.04 6.24 17.49
CA SER H 213 -10.21 6.81 18.13
C SER H 213 -10.67 8.07 17.39
N GLN H 214 -9.71 8.91 16.98
CA GLN H 214 -10.02 10.25 16.52
C GLN H 214 -10.19 10.31 15.01
N VAL H 215 -9.24 9.77 14.24
CA VAL H 215 -9.21 10.01 12.81
C VAL H 215 -9.82 8.84 12.05
N ALA H 216 -9.50 7.61 12.48
CA ALA H 216 -9.85 6.40 11.75
C ALA H 216 -11.36 6.35 11.42
N PRO H 217 -12.27 6.62 12.38
CA PRO H 217 -13.71 6.49 12.14
C PRO H 217 -14.28 7.37 11.04
N ASN H 218 -13.61 8.48 10.73
CA ASN H 218 -14.15 9.49 9.82
C ASN H 218 -13.49 9.36 8.46
N LEU H 219 -13.28 8.11 8.03
CA LEU H 219 -12.61 7.81 6.77
C LEU H 219 -13.26 6.56 6.17
N ASP H 220 -12.87 6.26 4.91
CA ASP H 220 -13.36 5.09 4.19
C ASP H 220 -12.57 3.85 4.64
C4 A1ISQ I . 3.34 -18.24 -45.88
C5 A1ISQ I . 4.22 -17.11 -46.39
C6 A1ISQ I . 3.39 -16.10 -47.19
C3 A1ISQ I . 4.30 -19.61 -43.95
C2 A1ISQ I . 4.43 -19.41 -42.57
C1 A1ISQ I . 5.05 -20.45 -41.84
N1 A1ISQ I . 5.23 -20.39 -40.51
C7 A1ISQ I . 1.92 -15.81 -49.07
N2 A1ISQ I . 3.66 -18.53 -44.47
C8 A1ISQ I . 1.54 -17.66 -47.55
C9 A1ISQ I . 1.86 -17.96 -46.09
C10 A1ISQ I . 3.82 -18.15 -42.32
C11 A1ISQ I . 3.66 -17.35 -41.09
C12 A1ISQ I . 4.59 -17.44 -40.08
C13 A1ISQ I . 4.45 -16.63 -38.95
C14 A1ISQ I . 4.68 -15.57 -37.02
C15 A1ISQ I . 3.54 -15.08 -37.56
N3 A1ISQ I . 2.56 -16.79 -48.18
N4 A1ISQ I . 3.37 -17.63 -43.46
N5 A1ISQ I . 5.23 -16.51 -37.83
C16 A1ISQ I . 3.37 -15.73 -38.81
C17 A1ISQ I . 2.41 -15.65 -39.84
C18 A1ISQ I . 2.58 -16.41 -40.96
N6 A1ISQ I . 4.73 -20.71 -44.61
C19 A1ISQ I . 5.30 -21.61 -43.81
N7 A1ISQ I . 5.49 -21.55 -42.49
C4 A1ISQ J . -1.88 20.60 -16.51
C5 A1ISQ J . -2.23 19.28 -17.17
C6 A1ISQ J . -3.23 18.48 -16.35
C3 A1ISQ J . -3.36 21.93 -18.19
C2 A1ISQ J . -3.41 23.30 -18.55
C1 A1ISQ J . -4.36 23.65 -19.55
N1 A1ISQ J . -4.51 24.91 -19.99
C7 A1ISQ J . -2.08 16.87 -14.93
N2 A1ISQ J . -2.41 21.79 -17.23
C8 A1ISQ J . -1.91 19.25 -14.42
C9 A1ISQ J . -2.22 20.61 -15.02
C10 A1ISQ J . -2.43 23.92 -17.74
C11 A1ISQ J . -1.96 25.32 -17.62
C12 A1ISQ J . -0.74 25.56 -17.00
C13 A1ISQ J . -0.28 26.86 -16.88
C14 A1ISQ J . 0.88 28.72 -16.46
C15 A1ISQ J . -0.27 29.12 -17.06
N3 A1ISQ J . -2.76 18.18 -14.99
N4 A1ISQ J . -1.83 23.02 -16.97
N5 A1ISQ J . 0.88 27.35 -16.34
C16 A1ISQ J . -1.03 27.96 -17.36
C17 A1ISQ J . -2.28 27.72 -17.95
C18 A1ISQ J . -2.71 26.42 -18.10
N6 A1ISQ J . -4.15 20.97 -18.73
C19 A1ISQ J . -4.99 21.43 -19.65
N7 A1ISQ J . -5.14 22.69 -20.10
C4 A1ISQ K . -14.51 -16.31 16.44
C5 A1ISQ K . -14.71 -16.61 14.97
C6 A1ISQ K . -14.16 -15.46 14.14
C3 A1ISQ K . -15.90 -17.09 18.44
C2 A1ISQ K . -16.40 -18.32 18.85
C1 A1ISQ K . -17.15 -18.32 20.05
N1 A1ISQ K . -17.70 -19.44 20.57
C7 A1ISQ K . -12.33 -13.95 13.73
N2 A1ISQ K . -15.19 -17.30 17.30
C8 A1ISQ K . -12.52 -14.97 15.92
C9 A1ISQ K . -13.06 -16.12 16.75
C10 A1ISQ K . -15.95 -19.26 17.89
C11 A1ISQ K . -16.17 -20.72 17.78
C12 A1ISQ K . -15.21 -21.51 17.19
C13 A1ISQ K . -15.44 -22.88 17.09
C14 A1ISQ K . -15.33 -25.07 16.72
C15 A1ISQ K . -16.55 -24.86 17.28
N3 A1ISQ K . -12.75 -15.16 14.47
N4 A1ISQ K . -15.22 -18.65 16.97
N5 A1ISQ K . -14.65 -23.89 16.59
C16 A1ISQ K . -16.65 -23.46 17.54
C17 A1ISQ K . -17.63 -22.64 18.10
C18 A1ISQ K . -17.38 -21.30 18.23
N6 A1ISQ K . -16.09 -15.92 19.07
C19 A1ISQ K . -16.81 -16.05 20.18
N7 A1ISQ K . -17.36 -17.17 20.69
C4 A1ISQ L . 25.00 12.03 17.11
C5 A1ISQ L . 25.33 10.58 16.75
C6 A1ISQ L . 26.72 10.16 17.21
C3 A1ISQ L . 24.94 12.01 19.69
C2 A1ISQ L . 23.91 12.23 20.64
C1 A1ISQ L . 24.29 12.12 22.00
N1 A1ISQ L . 23.42 12.29 23.00
C7 A1ISQ L . 28.77 10.37 15.96
N2 A1ISQ L . 24.39 12.15 18.46
C8 A1ISQ L . 27.27 12.26 16.08
C9 A1ISQ L . 26.19 12.95 16.91
C10 A1ISQ L . 22.73 12.50 19.89
C11 A1ISQ L . 21.33 12.78 20.32
C12 A1ISQ L . 21.01 13.12 21.62
C13 A1ISQ L . 19.68 13.36 21.96
C14 A1ISQ L . 17.75 13.84 22.97
C15 A1ISQ L . 17.42 13.54 21.69
N3 A1ISQ L . 27.79 11.07 16.79
N4 A1ISQ L . 23.02 12.43 18.59
N5 A1ISQ L . 19.10 13.74 23.15
C16 A1ISQ L . 18.64 13.24 21.02
C17 A1ISQ L . 18.96 12.87 19.70
C18 A1ISQ L . 20.28 12.66 19.37
N6 A1ISQ L . 26.21 11.73 20.00
C19 A1ISQ L . 26.43 11.65 21.31
N7 A1ISQ L . 25.57 11.83 22.31
#